data_9KHN
#
_entry.id   9KHN
#
_cell.length_a   63.214
_cell.length_b   151.711
_cell.length_c   83.524
_cell.angle_alpha   90.00
_cell.angle_beta   110.94
_cell.angle_gamma   90.00
#
_symmetry.space_group_name_H-M   'P 1 21 1'
#
loop_
_entity.id
_entity.type
_entity.pdbx_description
1 polymer 'Cystathionine gamma-lyase'
2 non-polymer '(2E,3E)-4-(2-aminoethoxy)-2-[({3-hydroxy-2-methyl-5-[(phosphonooxy)methyl]pyridin-4-yl}methyl)imino]but-3-enoic acid'
3 water water
#
_entity_poly.entity_id   1
_entity_poly.type   'polypeptide(L)'
_entity_poly.pdbx_seq_one_letter_code
;SMQEKDASSQGFLPHFQHFATQAIHVGQDPEQWTSRAVVPPISLSTTFKQGAPGQHSGFEYSRSGNPTRNCLEKAVAALD
GAKYCLAFASGLAATVTITHLLKAGDQIICMDDVYGGTNRYFRQVASEFGLKISFVDCSKIKLLEAAITPETKLVWIETP
TNPTQKVIDIEGCAHIVHKHGDIILVVDNTFMSPYFQRPLALGADISMYSATKYMNGHSDVVMGLVSVNCESLHNRLRFL
QNSLGAVPSPIDCYLCNRGLKTLHVRMEKHFKNGMAVAQFLESNPWVEKVIYPGLPSHPQHELVKRQCTGCTGMVTFYIK
GTLQHAEIFLKNLKLFTLAESLGGFESLAELPAIMTHASVLKNDRDVLGISDTLIRLSVGLEDEEDLLEDLDQALKAAHP
PSG
;
_entity_poly.pdbx_strand_id   A,B,C,D
#
# COMPACT_ATOMS: atom_id res chain seq x y z
N GLY A 11 17.64 11.93 37.80
CA GLY A 11 16.44 12.59 38.30
C GLY A 11 15.39 12.99 37.25
N PHE A 12 15.17 12.15 36.25
CA PHE A 12 14.10 12.42 35.28
C PHE A 12 12.74 12.04 35.86
N LEU A 13 11.67 12.66 35.37
CA LEU A 13 10.31 12.17 35.62
C LEU A 13 10.26 10.67 35.34
N PRO A 14 9.50 9.92 36.16
CA PRO A 14 9.30 8.49 35.90
C PRO A 14 8.61 8.25 34.55
N HIS A 15 8.92 7.16 33.85
CA HIS A 15 8.30 6.90 32.56
C HIS A 15 6.78 6.82 32.70
N PHE A 16 6.06 7.13 31.63
CA PHE A 16 4.60 7.11 31.71
C PHE A 16 4.09 5.68 31.74
N GLN A 17 3.18 5.40 32.66
CA GLN A 17 2.71 4.04 32.86
C GLN A 17 1.81 3.55 31.72
N HIS A 18 1.98 2.27 31.36
CA HIS A 18 1.18 1.59 30.34
C HIS A 18 1.35 2.17 28.92
N PHE A 19 2.45 2.89 28.69
CA PHE A 19 2.69 3.51 27.39
C PHE A 19 2.75 2.45 26.28
N ALA A 20 3.60 1.45 26.46
CA ALA A 20 3.78 0.42 25.44
C ALA A 20 2.49 -0.38 25.25
N THR A 21 1.84 -0.72 26.35
CA THR A 21 0.58 -1.43 26.27
C THR A 21 -0.43 -0.62 25.41
N GLN A 22 -0.57 0.67 25.71
CA GLN A 22 -1.47 1.53 24.94
C GLN A 22 -1.05 1.73 23.49
N ALA A 23 0.25 1.91 23.27
CA ALA A 23 0.75 2.09 21.91
C ALA A 23 0.40 0.90 21.03
N ILE A 24 0.33 -0.28 21.63
CA ILE A 24 0.11 -1.51 20.86
C ILE A 24 -1.39 -1.84 20.76
N HIS A 25 -2.17 -1.44 21.77
CA HIS A 25 -3.57 -1.88 21.79
C HIS A 25 -4.64 -0.79 21.63
N VAL A 26 -4.34 0.46 21.95
CA VAL A 26 -5.41 1.45 21.90
C VAL A 26 -5.82 1.70 20.46
N GLY A 27 -7.12 1.61 20.21
CA GLY A 27 -7.67 1.74 18.87
C GLY A 27 -7.59 0.47 18.05
N GLN A 28 -7.03 -0.61 18.61
CA GLN A 28 -6.73 -1.84 17.85
C GLN A 28 -7.53 -3.06 18.28
N ASP A 29 -8.61 -2.85 19.03
CA ASP A 29 -9.45 -3.93 19.53
C ASP A 29 -10.01 -4.77 18.36
N PRO A 30 -9.71 -6.08 18.35
CA PRO A 30 -10.19 -6.95 17.26
C PRO A 30 -11.71 -6.96 17.09
N GLU A 31 -12.42 -6.64 18.17
CA GLU A 31 -13.88 -6.74 18.19
C GLU A 31 -14.53 -5.65 17.33
N GLN A 32 -13.76 -4.63 16.97
CA GLN A 32 -14.21 -3.61 16.02
C GLN A 32 -14.54 -4.15 14.63
N TRP A 33 -13.96 -5.31 14.28
CA TRP A 33 -14.04 -5.79 12.91
C TRP A 33 -14.79 -7.12 12.81
N THR A 34 -15.61 -7.28 11.79
CA THR A 34 -16.34 -8.53 11.60
C THR A 34 -15.38 -9.72 11.60
N SER A 35 -14.19 -9.54 11.02
CA SER A 35 -13.18 -10.59 10.94
C SER A 35 -12.46 -10.91 12.24
N ARG A 36 -12.52 -9.98 13.21
CA ARG A 36 -11.78 -10.07 14.48
C ARG A 36 -10.26 -10.02 14.25
N ALA A 37 -9.87 -9.29 13.21
CA ALA A 37 -8.46 -9.04 12.89
C ALA A 37 -7.75 -8.38 14.05
N VAL A 38 -6.54 -8.88 14.34
CA VAL A 38 -5.72 -8.40 15.43
C VAL A 38 -5.07 -7.06 15.05
N VAL A 39 -4.89 -6.85 13.75
CA VAL A 39 -4.38 -5.61 13.19
C VAL A 39 -5.47 -4.97 12.34
N PRO A 40 -5.79 -3.70 12.62
CA PRO A 40 -6.88 -3.01 11.90
C PRO A 40 -6.67 -3.00 10.39
N PRO A 41 -7.70 -3.41 9.63
CA PRO A 41 -7.64 -3.28 8.17
C PRO A 41 -7.41 -1.84 7.72
N ILE A 42 -6.82 -1.68 6.54
CA ILE A 42 -6.68 -0.38 5.88
C ILE A 42 -7.91 -0.10 5.03
N SER A 43 -8.73 0.84 5.49
CA SER A 43 -9.97 1.15 4.79
C SER A 43 -9.74 2.34 3.87
N LEU A 44 -9.61 2.06 2.57
CA LEU A 44 -9.36 3.10 1.58
C LEU A 44 -10.63 3.78 1.14
N SER A 45 -11.77 3.11 1.33
CA SER A 45 -13.05 3.55 0.79
C SER A 45 -13.35 5.01 1.09
N THR A 46 -13.60 5.78 0.03
CA THR A 46 -13.98 7.18 0.15
C THR A 46 -15.36 7.36 0.79
N THR A 47 -16.24 6.36 0.61
CA THR A 47 -17.64 6.51 0.99
C THR A 47 -18.20 5.23 1.61
N PHE A 48 -19.39 5.35 2.19
CA PHE A 48 -19.93 4.33 3.06
C PHE A 48 -21.45 4.26 2.89
N LYS A 49 -21.99 3.05 2.80
CA LYS A 49 -23.42 2.88 2.67
C LYS A 49 -24.12 3.43 3.92
N GLN A 50 -25.13 4.28 3.70
CA GLN A 50 -25.92 4.81 4.81
C GLN A 50 -27.32 4.22 4.82
N GLY A 51 -27.88 4.04 6.02
CA GLY A 51 -29.22 3.53 6.14
C GLY A 51 -30.17 4.66 6.52
N ALA A 52 -29.58 5.77 6.93
CA ALA A 52 -30.35 6.87 7.52
C ALA A 52 -29.95 8.21 6.93
N PRO A 53 -30.49 8.56 5.74
CA PRO A 53 -30.11 9.85 5.13
C PRO A 53 -30.37 11.02 6.08
N GLY A 54 -29.32 11.79 6.36
CA GLY A 54 -29.47 12.98 7.19
C GLY A 54 -29.26 12.76 8.67
N GLN A 55 -28.95 11.52 9.04
CA GLN A 55 -28.59 11.23 10.43
C GLN A 55 -27.16 10.68 10.44
N HIS A 56 -26.38 11.16 11.40
CA HIS A 56 -24.95 10.90 11.38
C HIS A 56 -24.55 9.87 12.40
N SER A 57 -24.96 8.63 12.14
CA SER A 57 -24.77 7.54 13.08
C SER A 57 -23.76 6.50 12.59
N GLY A 58 -23.22 6.73 11.39
CA GLY A 58 -22.17 5.87 10.88
C GLY A 58 -21.08 6.67 10.17
N PHE A 59 -20.10 5.99 9.59
CA PHE A 59 -19.15 6.67 8.72
C PHE A 59 -19.87 7.20 7.49
N GLU A 60 -19.37 8.28 6.89
CA GLU A 60 -20.06 8.88 5.76
C GLU A 60 -19.15 9.15 4.58
N TYR A 61 -17.94 9.63 4.87
CA TYR A 61 -17.01 10.12 3.84
C TYR A 61 -15.63 10.17 4.46
N SER A 62 -14.67 9.55 3.76
CA SER A 62 -13.32 9.36 4.28
C SER A 62 -12.67 10.62 4.87
N ARG A 63 -12.81 11.74 4.17
CA ARG A 63 -12.19 12.99 4.59
C ARG A 63 -12.70 13.39 5.98
N SER A 64 -13.98 13.17 6.24
CA SER A 64 -14.59 13.54 7.52
C SER A 64 -14.21 12.57 8.64
N GLY A 65 -14.15 11.29 8.30
CA GLY A 65 -13.72 10.28 9.25
C GLY A 65 -13.63 8.96 8.55
N ASN A 66 -12.71 8.11 8.99
CA ASN A 66 -12.61 6.75 8.46
C ASN A 66 -11.92 5.84 9.48
N PRO A 67 -12.23 4.52 9.46
CA PRO A 67 -11.76 3.62 10.53
C PRO A 67 -10.24 3.62 10.76
N THR A 68 -9.45 3.59 9.71
CA THR A 68 -7.99 3.50 9.91
C THR A 68 -7.44 4.79 10.54
N ARG A 69 -7.92 5.94 10.08
CA ARG A 69 -7.52 7.21 10.70
C ARG A 69 -8.03 7.29 12.13
N ASN A 70 -9.28 6.91 12.34
CA ASN A 70 -9.86 7.01 13.67
C ASN A 70 -9.11 6.13 14.66
N CYS A 71 -8.70 4.95 14.20
CA CYS A 71 -7.93 4.04 15.03
C CYS A 71 -6.61 4.70 15.42
N LEU A 72 -5.93 5.30 14.43
CA LEU A 72 -4.67 6.00 14.70
C LEU A 72 -4.84 7.14 15.72
N GLU A 73 -5.87 7.96 15.50
CA GLU A 73 -6.09 9.13 16.34
C GLU A 73 -6.31 8.70 17.79
N LYS A 74 -7.09 7.65 17.99
CA LYS A 74 -7.32 7.12 19.33
C LYS A 74 -6.02 6.72 20.03
N ALA A 75 -5.12 6.07 19.30
CA ALA A 75 -3.86 5.60 19.86
C ALA A 75 -2.97 6.78 20.30
N VAL A 76 -2.80 7.76 19.41
CA VAL A 76 -1.97 8.92 19.70
C VAL A 76 -2.52 9.69 20.91
N ALA A 77 -3.83 9.89 20.91
CA ALA A 77 -4.51 10.58 22.00
C ALA A 77 -4.13 9.93 23.32
N ALA A 78 -4.20 8.60 23.36
CA ALA A 78 -3.86 7.87 24.58
C ALA A 78 -2.40 8.10 24.94
N LEU A 79 -1.52 8.05 23.95
CA LEU A 79 -0.09 8.22 24.21
C LEU A 79 0.19 9.63 24.72
N ASP A 80 -0.66 10.59 24.36
CA ASP A 80 -0.51 11.97 24.84
C ASP A 80 -1.25 12.19 26.14
N GLY A 81 -1.97 11.20 26.63
CA GLY A 81 -2.81 11.39 27.80
C GLY A 81 -3.95 12.33 27.45
N ALA A 82 -4.37 12.29 26.18
CA ALA A 82 -5.40 13.18 25.68
C ALA A 82 -6.74 12.47 25.50
N LYS A 83 -7.82 13.25 25.49
CA LYS A 83 -9.13 12.73 25.13
C LYS A 83 -9.29 12.56 23.61
N TYR A 84 -8.70 13.49 22.86
CA TYR A 84 -8.86 13.49 21.40
C TYR A 84 -7.57 13.74 20.67
N CYS A 85 -7.54 13.31 19.41
CA CYS A 85 -6.42 13.61 18.56
C CYS A 85 -6.89 13.65 17.11
N LEU A 86 -6.26 14.52 16.32
CA LEU A 86 -6.66 14.68 14.93
C LEU A 86 -5.42 14.50 14.06
N ALA A 87 -5.53 13.70 13.00
CA ALA A 87 -4.40 13.49 12.12
C ALA A 87 -4.52 14.37 10.86
N PHE A 88 -3.39 14.83 10.34
CA PHE A 88 -3.32 15.74 9.19
C PHE A 88 -2.26 15.31 8.16
N ALA A 89 -2.26 15.97 7.01
CA ALA A 89 -1.45 15.58 5.86
C ALA A 89 0.05 15.79 6.08
N SER A 90 0.42 16.62 7.04
CA SER A 90 1.82 16.94 7.34
C SER A 90 1.88 17.74 8.65
N GLY A 91 3.09 17.95 9.16
CA GLY A 91 3.27 18.81 10.32
C GLY A 91 2.83 20.23 10.01
N LEU A 92 3.24 20.72 8.85
CA LEU A 92 2.87 22.08 8.47
C LEU A 92 1.35 22.22 8.30
N ALA A 93 0.71 21.16 7.77
CA ALA A 93 -0.74 21.18 7.61
C ALA A 93 -1.46 21.25 8.98
N ALA A 94 -0.90 20.61 10.00
CA ALA A 94 -1.44 20.72 11.35
C ALA A 94 -1.36 22.16 11.87
N THR A 95 -0.21 22.78 11.70
CA THR A 95 -0.02 24.19 12.05
C THR A 95 -1.05 25.09 11.36
N VAL A 96 -1.23 24.89 10.05
CA VAL A 96 -2.16 25.70 9.28
C VAL A 96 -3.59 25.56 9.82
N THR A 97 -3.97 24.31 10.10
CA THR A 97 -5.31 24.04 10.62
C THR A 97 -5.51 24.69 11.99
N ILE A 98 -4.51 24.55 12.88
CA ILE A 98 -4.60 25.18 14.20
C ILE A 98 -4.72 26.70 14.05
N THR A 99 -3.94 27.27 13.12
CA THR A 99 -4.00 28.71 12.89
C THR A 99 -5.39 29.15 12.43
N HIS A 100 -6.10 28.31 11.69
CA HIS A 100 -7.46 28.65 11.30
C HIS A 100 -8.48 28.70 12.45
N LEU A 101 -8.05 28.38 13.67
CA LEU A 101 -8.91 28.57 14.85
C LEU A 101 -9.21 30.06 15.10
N LEU A 102 -8.32 30.91 14.60
CA LEU A 102 -8.35 32.33 14.91
C LEU A 102 -9.18 33.11 13.88
N LYS A 103 -9.02 34.44 13.89
CA LYS A 103 -9.69 35.31 12.92
C LYS A 103 -8.91 36.61 12.80
N ALA A 104 -9.15 37.35 11.71
CA ALA A 104 -8.44 38.60 11.46
C ALA A 104 -8.48 39.49 12.70
N GLY A 105 -7.35 40.08 13.04
CA GLY A 105 -7.28 40.92 14.24
C GLY A 105 -6.67 40.23 15.45
N ASP A 106 -6.51 38.91 15.38
CA ASP A 106 -5.85 38.15 16.45
C ASP A 106 -4.32 38.24 16.37
N GLN A 107 -3.67 38.00 17.50
CA GLN A 107 -2.22 37.92 17.53
C GLN A 107 -1.77 36.50 17.84
N ILE A 108 -0.75 36.08 17.11
CA ILE A 108 -0.04 34.85 17.39
C ILE A 108 1.30 35.21 17.99
N ILE A 109 1.70 34.52 19.04
CA ILE A 109 3.06 34.61 19.52
C ILE A 109 3.73 33.28 19.18
N CYS A 110 4.86 33.34 18.48
CA CYS A 110 5.62 32.14 18.12
C CYS A 110 7.01 32.13 18.77
N MET A 111 7.45 30.96 19.24
CA MET A 111 8.80 30.77 19.77
C MET A 111 9.84 31.26 18.74
N ASP A 112 10.83 32.02 19.17
CA ASP A 112 11.71 32.68 18.21
C ASP A 112 12.52 31.66 17.40
N ASP A 113 12.87 30.54 18.03
CA ASP A 113 13.52 29.45 17.29
C ASP A 113 12.52 28.31 17.03
N VAL A 114 12.09 28.18 15.78
CA VAL A 114 11.21 27.07 15.39
C VAL A 114 11.68 26.52 14.06
N TYR A 115 11.08 25.40 13.65
CA TYR A 115 11.33 24.84 12.32
C TYR A 115 11.12 25.91 11.25
N GLY A 116 12.09 26.04 10.33
CA GLY A 116 12.04 27.07 9.30
C GLY A 116 10.69 27.25 8.60
N GLY A 117 10.03 26.14 8.30
CA GLY A 117 8.74 26.22 7.63
C GLY A 117 7.66 26.80 8.50
N THR A 118 7.78 26.64 9.82
CA THR A 118 6.81 27.20 10.76
C THR A 118 6.99 28.70 10.83
N ASN A 119 8.25 29.11 10.93
CA ASN A 119 8.64 30.50 10.81
C ASN A 119 8.03 31.12 9.55
N ARG A 120 8.38 30.52 8.40
CA ARG A 120 7.93 31.01 7.11
C ARG A 120 6.42 31.15 7.01
N TYR A 121 5.70 30.12 7.48
CA TYR A 121 4.25 30.14 7.37
C TYR A 121 3.64 31.32 8.14
N PHE A 122 4.03 31.48 9.41
CA PHE A 122 3.46 32.57 10.19
C PHE A 122 3.87 33.90 9.57
N ARG A 123 5.17 34.02 9.27
CA ARG A 123 5.73 35.28 8.84
C ARG A 123 5.23 35.71 7.45
N GLN A 124 5.19 34.78 6.50
CA GLN A 124 4.93 35.15 5.11
C GLN A 124 3.52 34.85 4.61
N VAL A 125 2.77 34.03 5.36
CA VAL A 125 1.45 33.62 4.89
C VAL A 125 0.33 34.10 5.83
N ALA A 126 0.38 33.63 7.09
CA ALA A 126 -0.65 33.91 8.07
C ALA A 126 -0.79 35.42 8.28
N SER A 127 0.35 36.11 8.21
CA SER A 127 0.40 37.54 8.41
C SER A 127 -0.33 38.32 7.30
N GLU A 128 -0.55 37.70 6.14
CA GLU A 128 -1.28 38.36 5.07
C GLU A 128 -2.80 38.31 5.24
N PHE A 129 -3.28 37.61 6.27
CA PHE A 129 -4.71 37.42 6.44
C PHE A 129 -5.23 37.98 7.77
N GLY A 130 -4.66 39.12 8.17
CA GLY A 130 -5.15 39.86 9.32
C GLY A 130 -4.63 39.38 10.66
N LEU A 131 -3.61 38.55 10.63
CA LEU A 131 -3.05 37.99 11.85
C LEU A 131 -1.72 38.62 12.17
N LYS A 132 -1.59 39.15 13.38
CA LYS A 132 -0.33 39.74 13.79
C LYS A 132 0.58 38.66 14.36
N ILE A 133 1.83 38.65 13.93
CA ILE A 133 2.80 37.66 14.37
C ILE A 133 3.93 38.31 15.13
N SER A 134 4.20 37.81 16.33
CA SER A 134 5.33 38.26 17.11
C SER A 134 6.17 37.05 17.49
N PHE A 135 7.46 37.10 17.20
CA PHE A 135 8.40 36.05 17.58
C PHE A 135 9.10 36.39 18.89
N VAL A 136 8.97 35.52 19.90
CA VAL A 136 9.43 35.82 21.26
C VAL A 136 10.21 34.66 21.87
N ASP A 137 11.33 34.98 22.53
CA ASP A 137 12.13 34.00 23.25
C ASP A 137 11.42 33.50 24.51
N CYS A 138 10.56 32.51 24.35
CA CYS A 138 9.72 32.04 25.46
C CYS A 138 10.50 31.14 26.43
N SER A 139 11.77 30.87 26.12
CA SER A 139 12.63 30.18 27.09
C SER A 139 12.89 31.11 28.28
N LYS A 140 12.56 32.40 28.10
CA LYS A 140 12.50 33.33 29.22
C LYS A 140 11.04 33.72 29.47
N ILE A 141 10.48 33.18 30.55
CA ILE A 141 9.06 33.33 30.86
C ILE A 141 8.61 34.80 30.96
N LYS A 142 9.44 35.65 31.57
CA LYS A 142 9.14 37.07 31.64
C LYS A 142 8.91 37.67 30.25
N LEU A 143 9.61 37.17 29.23
CA LEU A 143 9.49 37.73 27.89
C LEU A 143 8.14 37.39 27.27
N LEU A 144 7.69 36.16 27.50
CA LEU A 144 6.36 35.76 27.08
C LEU A 144 5.32 36.63 27.78
N GLU A 145 5.45 36.70 29.10
CA GLU A 145 4.57 37.54 29.90
C GLU A 145 4.48 38.98 29.35
N ALA A 146 5.62 39.59 29.05
CA ALA A 146 5.64 40.96 28.58
C ALA A 146 5.14 41.12 27.15
N ALA A 147 5.11 40.04 26.38
CA ALA A 147 4.74 40.12 24.98
C ALA A 147 3.23 39.93 24.75
N ILE A 148 2.53 39.36 25.73
CA ILE A 148 1.10 39.12 25.61
C ILE A 148 0.27 40.41 25.55
N THR A 149 -0.60 40.51 24.56
CA THR A 149 -1.47 41.67 24.40
C THR A 149 -2.92 41.21 24.54
N PRO A 150 -3.88 42.15 24.56
CA PRO A 150 -5.28 41.75 24.56
C PRO A 150 -5.70 40.96 23.32
N GLU A 151 -4.96 41.10 22.21
CA GLU A 151 -5.28 40.37 20.98
C GLU A 151 -4.63 38.99 20.88
N THR A 152 -3.76 38.66 21.83
CA THR A 152 -3.07 37.36 21.81
C THR A 152 -4.09 36.22 21.92
N LYS A 153 -4.12 35.33 20.93
CA LYS A 153 -5.04 34.19 20.99
C LYS A 153 -4.32 32.85 20.90
N LEU A 154 -3.07 32.88 20.42
CA LEU A 154 -2.33 31.66 20.17
C LEU A 154 -0.88 31.84 20.59
N VAL A 155 -0.35 30.87 21.31
CA VAL A 155 1.06 30.87 21.64
C VAL A 155 1.66 29.54 21.19
N TRP A 156 2.62 29.62 20.29
CA TRP A 156 3.18 28.44 19.61
C TRP A 156 4.62 28.20 20.03
N ILE A 157 4.86 27.12 20.75
CA ILE A 157 6.23 26.84 21.15
C ILE A 157 6.69 25.46 20.64
N GLU A 158 7.98 25.37 20.38
CA GLU A 158 8.67 24.08 20.28
C GLU A 158 9.59 24.00 21.48
N THR A 159 9.69 22.83 22.09
CA THR A 159 10.75 22.60 23.06
C THR A 159 11.10 21.10 23.11
N PRO A 160 12.37 20.77 22.87
CA PRO A 160 13.47 21.68 22.51
C PRO A 160 13.27 22.25 21.10
N THR A 161 13.74 23.49 20.90
CA THR A 161 13.57 24.22 19.65
C THR A 161 14.41 23.62 18.52
N ASN A 162 13.90 23.73 17.30
CA ASN A 162 14.59 23.26 16.10
C ASN A 162 15.20 24.47 15.38
N PRO A 163 16.54 24.57 15.37
CA PRO A 163 17.49 23.52 15.76
C PRO A 163 18.37 23.83 16.98
N THR A 164 18.25 24.99 17.60
CA THR A 164 19.23 25.37 18.63
C THR A 164 18.88 24.74 19.98
N GLN A 165 17.70 24.15 20.07
CA GLN A 165 17.30 23.35 21.23
C GLN A 165 17.29 24.13 22.55
N LYS A 166 16.73 25.33 22.51
CA LYS A 166 16.37 26.02 23.74
C LYS A 166 15.19 25.24 24.34
N VAL A 167 15.16 25.15 25.67
CA VAL A 167 14.08 24.43 26.35
C VAL A 167 13.20 25.44 27.06
N ILE A 168 11.89 25.20 26.99
CA ILE A 168 10.88 26.13 27.47
C ILE A 168 10.18 25.45 28.63
N ASP A 169 9.94 26.21 29.70
CA ASP A 169 9.18 25.69 30.84
C ASP A 169 7.69 25.58 30.46
N ILE A 170 7.21 24.39 30.13
CA ILE A 170 5.83 24.29 29.62
C ILE A 170 4.80 24.69 30.68
N GLU A 171 4.94 24.17 31.90
CA GLU A 171 4.02 24.53 32.98
C GLU A 171 4.06 26.03 33.31
N GLY A 172 5.25 26.61 33.32
CA GLY A 172 5.40 28.02 33.60
C GLY A 172 4.73 28.92 32.56
N CYS A 173 4.93 28.61 31.29
CA CYS A 173 4.26 29.32 30.20
C CYS A 173 2.73 29.12 30.22
N ALA A 174 2.30 27.89 30.50
CA ALA A 174 0.87 27.58 30.62
C ALA A 174 0.19 28.44 31.68
N HIS A 175 0.84 28.55 32.84
CA HIS A 175 0.34 29.40 33.92
C HIS A 175 0.23 30.87 33.49
N ILE A 176 1.26 31.37 32.80
CA ILE A 176 1.31 32.76 32.34
C ILE A 176 0.23 33.07 31.29
N VAL A 177 0.09 32.14 30.36
CA VAL A 177 -0.82 32.23 29.24
C VAL A 177 -2.28 32.13 29.64
N HIS A 178 -2.56 31.23 30.59
CA HIS A 178 -3.93 30.99 30.99
C HIS A 178 -4.40 31.97 32.06
N LYS A 179 -3.45 32.73 32.61
CA LYS A 179 -3.79 33.82 33.52
C LYS A 179 -4.57 34.89 32.78
N HIS A 180 -4.30 35.05 31.48
CA HIS A 180 -4.95 36.05 30.65
C HIS A 180 -6.30 35.58 30.09
N GLY A 181 -6.51 34.28 30.05
CA GLY A 181 -7.78 33.76 29.61
C GLY A 181 -7.69 33.00 28.31
N ASP A 182 -8.50 33.42 27.34
CA ASP A 182 -8.70 32.60 26.15
C ASP A 182 -7.50 32.66 25.20
N ILE A 183 -6.39 32.08 25.65
CA ILE A 183 -5.20 31.95 24.83
C ILE A 183 -4.77 30.49 24.74
N ILE A 184 -4.74 29.95 23.53
CA ILE A 184 -4.36 28.57 23.29
C ILE A 184 -2.85 28.44 23.35
N LEU A 185 -2.37 27.53 24.20
CA LEU A 185 -0.95 27.18 24.23
C LEU A 185 -0.69 25.88 23.48
N VAL A 186 0.07 25.97 22.40
CA VAL A 186 0.47 24.80 21.62
C VAL A 186 1.89 24.39 21.94
N VAL A 187 2.13 23.12 22.22
CA VAL A 187 3.49 22.65 22.22
C VAL A 187 3.69 21.70 21.04
N ASP A 188 4.61 22.08 20.15
CA ASP A 188 5.05 21.22 19.06
C ASP A 188 6.06 20.26 19.69
N ASN A 189 5.63 19.01 19.91
CA ASN A 189 6.37 18.02 20.69
C ASN A 189 7.10 17.03 19.78
N THR A 190 7.46 17.51 18.59
CA THR A 190 8.03 16.69 17.55
C THR A 190 9.39 16.08 17.97
N PHE A 191 10.21 16.91 18.59
CA PHE A 191 11.56 16.50 18.98
C PHE A 191 11.62 15.49 20.15
N MET A 192 10.64 15.52 21.05
CA MET A 192 10.66 14.62 22.22
C MET A 192 9.86 13.32 22.03
N SER A 193 8.71 13.43 21.36
CA SER A 193 7.68 12.38 21.28
C SER A 193 6.93 12.28 22.63
N PRO A 194 5.70 11.71 22.62
CA PRO A 194 4.91 11.60 23.85
C PRO A 194 5.53 10.61 24.84
N TYR A 195 6.53 9.86 24.40
CA TYR A 195 7.22 8.92 25.27
C TYR A 195 8.08 9.64 26.30
N PHE A 196 8.60 10.80 25.92
CA PHE A 196 9.52 11.51 26.78
C PHE A 196 8.94 12.81 27.33
N GLN A 197 7.89 13.33 26.70
CA GLN A 197 7.31 14.60 27.12
C GLN A 197 5.81 14.61 26.85
N ARG A 198 5.04 15.06 27.84
CA ARG A 198 3.59 15.17 27.73
C ARG A 198 3.13 16.58 28.04
N PRO A 199 3.10 17.45 27.02
CA PRO A 199 2.73 18.86 27.23
C PRO A 199 1.34 19.04 27.86
N LEU A 200 0.41 18.14 27.56
CA LEU A 200 -0.97 18.29 28.06
C LEU A 200 -1.03 18.07 29.56
N ALA A 201 -0.20 17.15 30.07
CA ALA A 201 -0.08 16.97 31.52
C ALA A 201 0.63 18.15 32.16
N LEU A 202 1.34 18.93 31.34
CA LEU A 202 2.10 20.07 31.85
C LEU A 202 1.33 21.37 31.73
N GLY A 203 0.16 21.32 31.10
CA GLY A 203 -0.71 22.49 31.07
C GLY A 203 -1.00 23.04 29.70
N ALA A 204 -0.30 22.54 28.69
CA ALA A 204 -0.56 22.99 27.32
C ALA A 204 -1.98 22.60 26.94
N ASP A 205 -2.56 23.36 26.02
CA ASP A 205 -3.89 23.06 25.50
C ASP A 205 -3.83 22.10 24.32
N ILE A 206 -2.72 22.13 23.59
CA ILE A 206 -2.53 21.27 22.43
C ILE A 206 -1.15 20.65 22.44
N SER A 207 -1.08 19.36 22.14
CA SER A 207 0.20 18.75 21.84
C SER A 207 0.19 18.38 20.36
N MET A 208 1.16 18.92 19.61
CA MET A 208 1.19 18.74 18.17
C MET A 208 2.49 18.05 17.73
N TYR A 209 2.40 17.28 16.65
CA TYR A 209 3.54 16.61 16.04
C TYR A 209 3.62 16.82 14.53
N SER A 210 4.84 16.98 14.04
CA SER A 210 5.17 16.44 12.73
C SER A 210 5.36 14.93 12.97
N ALA A 211 4.33 14.15 12.63
CA ALA A 211 4.38 12.71 12.80
C ALA A 211 5.41 12.10 11.85
N THR A 212 5.79 12.91 10.87
CA THR A 212 6.83 12.57 9.90
C THR A 212 8.13 12.16 10.59
N LYS A 213 8.32 12.62 11.82
CA LYS A 213 9.60 12.37 12.49
C LYS A 213 9.51 11.13 13.37
N TYR A 214 9.64 11.28 14.69
CA TYR A 214 9.69 10.13 15.60
C TYR A 214 8.41 9.27 15.67
N MET A 215 7.24 9.92 15.69
CA MET A 215 5.96 9.20 15.81
C MET A 215 5.89 8.03 14.84
N ASN A 216 5.94 8.33 13.55
CA ASN A 216 6.02 7.26 12.54
C ASN A 216 7.35 6.53 12.63
N GLY A 217 8.43 7.31 12.58
CA GLY A 217 9.78 6.84 12.85
C GLY A 217 10.50 6.12 11.72
N HIS A 218 9.83 5.97 10.59
CA HIS A 218 10.38 5.14 9.53
C HIS A 218 10.60 5.90 8.22
N SER A 219 10.62 7.22 8.30
CA SER A 219 11.05 8.06 7.17
C SER A 219 10.28 7.76 5.91
N ASP A 220 9.03 7.34 6.04
CA ASP A 220 8.30 6.95 4.86
C ASP A 220 6.85 7.43 4.92
N VAL A 221 6.55 8.30 5.88
CA VAL A 221 5.24 8.93 5.99
C VAL A 221 5.38 10.41 6.34
N VAL A 222 4.73 11.26 5.57
CA VAL A 222 4.58 12.68 5.92
C VAL A 222 3.21 12.88 6.57
N MET A 223 3.19 13.38 7.80
CA MET A 223 1.93 13.43 8.56
C MET A 223 1.98 14.38 9.76
N GLY A 224 0.83 14.94 10.11
CA GLY A 224 0.70 15.79 11.28
C GLY A 224 -0.27 15.22 12.29
N LEU A 225 -0.05 15.54 13.55
CA LEU A 225 -0.90 15.04 14.62
C LEU A 225 -1.18 16.14 15.61
N VAL A 226 -2.43 16.23 16.06
CA VAL A 226 -2.82 17.25 17.03
C VAL A 226 -3.68 16.64 18.14
N SER A 227 -3.18 16.63 19.38
CA SER A 227 -3.90 16.04 20.52
C SER A 227 -4.39 17.12 21.49
N VAL A 228 -5.58 16.94 22.04
CA VAL A 228 -6.26 18.01 22.76
C VAL A 228 -7.21 17.45 23.83
N ASN A 229 -7.46 18.21 24.88
CA ASN A 229 -8.42 17.78 25.88
C ASN A 229 -9.74 18.57 25.86
N CYS A 230 -9.64 19.89 25.67
CA CYS A 230 -10.80 20.77 25.73
C CYS A 230 -11.88 20.39 24.71
N GLU A 231 -13.10 20.22 25.19
CA GLU A 231 -14.22 19.81 24.36
C GLU A 231 -14.46 20.79 23.20
N SER A 232 -14.62 22.05 23.57
CA SER A 232 -14.85 23.14 22.62
C SER A 232 -13.72 23.24 21.58
N LEU A 233 -12.48 23.21 22.07
CA LEU A 233 -11.31 23.28 21.22
C LEU A 233 -11.24 22.10 20.25
N HIS A 234 -11.53 20.91 20.76
CA HIS A 234 -11.64 19.73 19.91
C HIS A 234 -12.68 19.90 18.79
N ASN A 235 -13.86 20.39 19.13
CA ASN A 235 -14.91 20.54 18.13
C ASN A 235 -14.49 21.53 17.04
N ARG A 236 -13.84 22.61 17.44
CA ARG A 236 -13.37 23.60 16.49
C ARG A 236 -12.30 23.02 15.56
N LEU A 237 -11.37 22.25 16.13
CA LEU A 237 -10.34 21.58 15.33
C LEU A 237 -10.91 20.52 14.40
N ARG A 238 -11.91 19.78 14.87
CA ARG A 238 -12.53 18.72 14.07
C ARG A 238 -13.30 19.32 12.89
N PHE A 239 -13.94 20.45 13.14
CA PHE A 239 -14.63 21.19 12.09
C PHE A 239 -13.65 21.55 10.99
N LEU A 240 -12.46 22.00 11.41
CA LEU A 240 -11.42 22.44 10.46
C LEU A 240 -10.69 21.27 9.81
N GLN A 241 -10.60 20.14 10.50
CA GLN A 241 -10.07 18.95 9.85
C GLN A 241 -10.92 18.62 8.63
N ASN A 242 -12.23 18.61 8.84
CA ASN A 242 -13.19 18.28 7.79
C ASN A 242 -13.25 19.37 6.72
N SER A 243 -13.26 20.63 7.14
CA SER A 243 -13.57 21.74 6.25
C SER A 243 -12.36 22.26 5.45
N LEU A 244 -11.15 22.15 6.00
CA LEU A 244 -9.98 22.48 5.20
C LEU A 244 -9.48 21.27 4.40
N GLY A 245 -9.70 20.08 4.94
CA GLY A 245 -9.44 18.84 4.22
C GLY A 245 -7.98 18.51 4.06
N ALA A 246 -7.13 19.04 4.94
CA ALA A 246 -5.71 18.72 4.87
C ALA A 246 -5.49 17.41 5.63
N VAL A 247 -6.06 16.35 5.07
CA VAL A 247 -6.18 15.08 5.77
C VAL A 247 -5.18 14.06 5.22
N PRO A 248 -4.78 13.10 6.06
CA PRO A 248 -3.80 12.10 5.58
C PRO A 248 -4.47 10.90 4.91
N SER A 249 -3.74 10.26 4.00
CA SER A 249 -4.21 8.98 3.47
C SER A 249 -4.41 7.95 4.58
N PRO A 250 -5.51 7.19 4.51
CA PRO A 250 -5.70 6.05 5.43
C PRO A 250 -4.54 5.04 5.38
N ILE A 251 -3.87 4.88 4.25
CA ILE A 251 -2.70 4.01 4.18
C ILE A 251 -1.55 4.55 5.01
N ASP A 252 -1.27 5.83 4.83
CA ASP A 252 -0.28 6.50 5.68
C ASP A 252 -0.66 6.38 7.17
N CYS A 253 -1.95 6.46 7.46
CA CYS A 253 -2.42 6.37 8.84
C CYS A 253 -2.09 4.99 9.39
N TYR A 254 -2.25 3.99 8.53
CA TYR A 254 -1.93 2.63 8.91
C TYR A 254 -0.43 2.47 9.19
N LEU A 255 0.37 3.05 8.31
CA LEU A 255 1.82 3.00 8.44
C LEU A 255 2.33 3.73 9.69
N CYS A 256 1.76 4.90 9.97
CA CYS A 256 2.17 5.61 11.17
C CYS A 256 1.77 4.83 12.42
N ASN A 257 0.60 4.19 12.38
CA ASN A 257 0.11 3.51 13.54
C ASN A 257 0.93 2.25 13.76
N ARG A 258 1.34 1.60 12.69
CA ARG A 258 2.33 0.51 12.74
C ARG A 258 3.65 0.98 13.37
N GLY A 259 4.12 2.16 12.96
CA GLY A 259 5.32 2.76 13.55
C GLY A 259 5.18 3.00 15.05
N LEU A 260 3.99 3.42 15.47
CA LEU A 260 3.71 3.67 16.89
C LEU A 260 4.06 2.46 17.78
N LYS A 261 3.89 1.26 17.25
CA LYS A 261 3.97 0.08 18.09
C LYS A 261 5.40 -0.25 18.46
N THR A 262 6.36 0.42 17.85
CA THR A 262 7.72 0.30 18.31
C THR A 262 8.26 1.62 18.86
N LEU A 263 7.39 2.60 19.09
CA LEU A 263 7.83 3.92 19.56
C LEU A 263 8.64 3.82 20.86
N HIS A 264 8.16 3.04 21.82
CA HIS A 264 8.86 2.93 23.10
C HIS A 264 10.26 2.35 22.93
N VAL A 265 10.39 1.24 22.22
CA VAL A 265 11.71 0.62 22.12
C VAL A 265 12.63 1.43 21.18
N ARG A 266 12.05 2.16 20.24
CA ARG A 266 12.83 3.03 19.36
C ARG A 266 13.40 4.22 20.13
N MET A 267 12.52 4.90 20.87
CA MET A 267 12.91 6.08 21.64
C MET A 267 13.97 5.76 22.69
N GLU A 268 13.83 4.62 23.39
CA GLU A 268 14.86 4.27 24.37
C GLU A 268 16.25 4.13 23.70
N LYS A 269 16.30 3.60 22.48
CA LYS A 269 17.59 3.43 21.81
C LYS A 269 18.13 4.75 21.26
N HIS A 270 17.24 5.64 20.79
CA HIS A 270 17.64 7.01 20.39
C HIS A 270 18.28 7.76 21.56
N PHE A 271 17.68 7.63 22.73
CA PHE A 271 18.21 8.21 23.97
C PHE A 271 19.63 7.68 24.22
N LYS A 272 19.79 6.36 24.21
CA LYS A 272 21.10 5.74 24.47
C LYS A 272 22.12 6.22 23.45
N ASN A 273 21.75 6.11 22.18
CA ASN A 273 22.66 6.50 21.11
C ASN A 273 22.91 8.01 21.11
N GLY A 274 21.86 8.79 21.38
CA GLY A 274 21.98 10.24 21.38
C GLY A 274 22.92 10.76 22.47
N MET A 275 22.76 10.21 23.68
CA MET A 275 23.59 10.57 24.82
C MET A 275 25.06 10.27 24.55
N ALA A 276 25.32 9.10 23.98
CA ALA A 276 26.68 8.69 23.64
C ALA A 276 27.30 9.62 22.58
N VAL A 277 26.55 9.90 21.53
CA VAL A 277 27.00 10.87 20.53
C VAL A 277 27.28 12.22 21.19
N ALA A 278 26.35 12.72 22.01
CA ALA A 278 26.55 14.02 22.68
C ALA A 278 27.78 14.03 23.59
N GLN A 279 27.94 12.99 24.40
CA GLN A 279 29.10 12.90 25.27
C GLN A 279 30.41 12.85 24.48
N PHE A 280 30.44 12.06 23.40
CA PHE A 280 31.61 12.00 22.54
C PHE A 280 31.96 13.37 21.91
N LEU A 281 30.96 14.06 21.38
CA LEU A 281 31.22 15.35 20.74
C LEU A 281 31.70 16.39 21.74
N GLU A 282 31.10 16.41 22.93
CA GLU A 282 31.46 17.43 23.91
C GLU A 282 32.90 17.31 24.39
N SER A 283 33.49 16.11 24.31
CA SER A 283 34.88 16.00 24.76
C SER A 283 35.87 15.94 23.57
N ASN A 284 35.35 16.20 22.36
CA ASN A 284 36.17 16.19 21.15
C ASN A 284 36.84 17.55 20.90
N PRO A 285 38.15 17.54 20.66
CA PRO A 285 38.90 18.79 20.49
C PRO A 285 38.46 19.61 19.27
N TRP A 286 37.66 19.02 18.39
CA TRP A 286 37.27 19.72 17.18
C TRP A 286 35.84 20.25 17.22
N VAL A 287 35.16 20.05 18.34
CA VAL A 287 33.82 20.57 18.56
C VAL A 287 33.89 21.81 19.48
N GLU A 288 33.17 22.85 19.09
CA GLU A 288 33.18 24.12 19.83
C GLU A 288 32.19 24.10 20.99
N LYS A 289 30.99 23.61 20.71
CA LYS A 289 29.95 23.55 21.72
C LYS A 289 28.94 22.51 21.31
N VAL A 290 28.48 21.71 22.28
CA VAL A 290 27.42 20.75 22.05
C VAL A 290 26.15 21.23 22.71
N ILE A 291 25.01 21.02 22.06
CA ILE A 291 23.74 21.30 22.68
C ILE A 291 22.90 20.04 22.73
N TYR A 292 22.76 19.48 23.93
CA TYR A 292 21.95 18.28 24.10
C TYR A 292 21.27 18.31 25.46
N PRO A 293 19.93 18.26 25.47
CA PRO A 293 19.13 18.38 26.69
C PRO A 293 19.62 17.44 27.81
N GLY A 294 20.07 16.25 27.42
CA GLY A 294 20.55 15.29 28.39
C GLY A 294 21.92 15.56 29.00
N LEU A 295 22.66 16.54 28.48
CA LEU A 295 23.97 16.89 29.07
C LEU A 295 23.87 17.99 30.13
N PRO A 296 24.53 17.79 31.29
CA PRO A 296 24.59 18.82 32.33
C PRO A 296 25.01 20.19 31.80
N SER A 297 25.77 20.20 30.72
CA SER A 297 26.21 21.46 30.12
C SER A 297 25.04 22.23 29.49
N HIS A 298 23.94 21.53 29.21
CA HIS A 298 22.79 22.22 28.64
C HIS A 298 22.22 23.22 29.65
N PRO A 299 22.06 24.47 29.21
CA PRO A 299 21.60 25.55 30.10
C PRO A 299 20.25 25.28 30.77
N GLN A 300 19.38 24.46 30.17
CA GLN A 300 18.12 24.09 30.81
C GLN A 300 18.05 22.63 31.27
N HIS A 301 19.20 22.02 31.53
CA HIS A 301 19.24 20.60 31.89
C HIS A 301 18.33 20.24 33.08
N GLU A 302 18.41 21.03 34.15
CA GLU A 302 17.59 20.77 35.33
C GLU A 302 16.11 20.84 34.98
N LEU A 303 15.74 21.79 34.13
CA LEU A 303 14.36 21.91 33.69
C LEU A 303 13.96 20.72 32.83
N VAL A 304 14.85 20.27 31.94
CA VAL A 304 14.60 19.09 31.13
C VAL A 304 14.22 17.91 32.02
N LYS A 305 15.04 17.67 33.04
CA LYS A 305 14.80 16.56 33.96
C LYS A 305 13.48 16.67 34.71
N ARG A 306 13.06 17.90 34.95
CA ARG A 306 11.82 18.16 35.67
C ARG A 306 10.55 17.87 34.83
N GLN A 307 10.60 18.12 33.53
CA GLN A 307 9.40 17.95 32.68
C GLN A 307 9.53 16.90 31.59
N CYS A 308 10.63 16.14 31.58
CA CYS A 308 10.78 15.06 30.61
C CYS A 308 11.15 13.74 31.28
N THR A 309 10.83 12.62 30.63
CA THR A 309 11.18 11.30 31.18
C THR A 309 12.47 10.74 30.57
N GLY A 310 13.07 11.51 29.67
CA GLY A 310 14.30 11.13 29.00
C GLY A 310 14.58 12.08 27.85
N CYS A 311 15.55 11.72 27.02
CA CYS A 311 15.96 12.57 25.89
C CYS A 311 16.03 11.77 24.59
N THR A 312 16.11 12.46 23.45
CA THR A 312 16.05 11.77 22.15
C THR A 312 17.38 11.75 21.41
N GLY A 313 17.29 11.58 20.11
CA GLY A 313 18.47 11.38 19.28
C GLY A 313 18.93 12.67 18.63
N MET A 314 18.20 13.75 18.89
CA MET A 314 18.55 15.04 18.32
C MET A 314 19.72 15.67 19.06
N VAL A 315 20.85 15.79 18.36
CA VAL A 315 22.05 16.42 18.91
C VAL A 315 22.54 17.56 18.03
N THR A 316 22.69 18.72 18.64
CA THR A 316 23.13 19.88 17.91
C THR A 316 24.54 20.25 18.39
N PHE A 317 25.38 20.68 17.48
CA PHE A 317 26.70 21.15 17.88
C PHE A 317 27.30 22.15 16.92
N TYR A 318 28.28 22.90 17.41
CA TYR A 318 29.05 23.80 16.58
C TYR A 318 30.43 23.21 16.33
N ILE A 319 30.80 23.02 15.07
CA ILE A 319 32.15 22.55 14.74
C ILE A 319 33.08 23.74 14.82
N LYS A 320 34.33 23.53 15.22
CA LYS A 320 35.28 24.63 15.22
C LYS A 320 35.61 25.01 13.77
N GLY A 321 36.11 26.21 13.58
CA GLY A 321 36.50 26.63 12.25
C GLY A 321 35.39 27.36 11.52
N THR A 322 35.22 27.03 10.25
CA THR A 322 34.31 27.78 9.38
C THR A 322 33.38 26.83 8.63
N LEU A 323 32.53 27.40 7.76
CA LEU A 323 31.65 26.64 6.89
C LEU A 323 32.38 25.54 6.13
N GLN A 324 33.63 25.80 5.77
CA GLN A 324 34.43 24.83 5.05
C GLN A 324 34.69 23.56 5.89
N HIS A 325 34.89 23.73 7.18
CA HIS A 325 35.11 22.58 8.06
C HIS A 325 33.81 21.81 8.27
N ALA A 326 32.70 22.52 8.38
CA ALA A 326 31.40 21.89 8.47
C ALA A 326 31.13 21.06 7.22
N GLU A 327 31.57 21.57 6.08
CA GLU A 327 31.30 20.90 4.82
C GLU A 327 32.25 19.71 4.60
N ILE A 328 33.47 19.81 5.09
CA ILE A 328 34.41 18.69 4.98
C ILE A 328 33.95 17.56 5.91
N PHE A 329 33.51 17.93 7.12
CA PHE A 329 32.95 16.97 8.08
C PHE A 329 31.76 16.20 7.50
N LEU A 330 30.81 16.93 6.93
CA LEU A 330 29.59 16.34 6.41
C LEU A 330 29.90 15.43 5.22
N LYS A 331 30.83 15.85 4.38
CA LYS A 331 31.13 15.08 3.17
C LYS A 331 31.87 13.77 3.49
N ASN A 332 32.50 13.70 4.66
CA ASN A 332 33.30 12.54 5.01
C ASN A 332 32.54 11.51 5.88
N LEU A 333 31.33 11.87 6.30
CA LEU A 333 30.45 10.93 6.99
C LEU A 333 30.15 9.73 6.09
N LYS A 334 30.33 8.52 6.62
CA LYS A 334 30.11 7.30 5.84
C LYS A 334 28.85 6.54 6.27
N LEU A 335 28.30 6.91 7.42
CA LEU A 335 27.19 6.17 8.00
C LEU A 335 26.00 7.08 8.20
N PHE A 336 26.26 8.22 8.86
CA PHE A 336 25.33 9.33 8.87
C PHE A 336 25.04 9.72 7.43
N THR A 337 23.80 10.06 7.14
CA THR A 337 23.44 10.47 5.81
C THR A 337 23.13 11.98 5.76
N LEU A 338 23.77 12.68 4.83
CA LEU A 338 23.46 14.08 4.59
C LEU A 338 22.08 14.19 3.94
N ALA A 339 21.11 14.69 4.70
CA ALA A 339 19.72 14.74 4.25
C ALA A 339 18.91 15.51 5.27
N GLU A 340 17.78 16.07 4.83
CA GLU A 340 16.88 16.75 5.75
C GLU A 340 16.01 15.73 6.50
N SER A 341 15.22 16.22 7.45
CA SER A 341 14.31 15.45 8.30
C SER A 341 15.03 14.84 9.51
N LEU A 342 14.28 14.07 10.31
CA LEU A 342 14.79 13.53 11.55
C LEU A 342 13.82 12.50 12.10
N GLY A 343 14.27 11.75 13.10
CA GLY A 343 13.37 10.92 13.87
C GLY A 343 13.13 9.56 13.24
N GLY A 344 13.93 9.21 12.24
CA GLY A 344 13.85 7.90 11.61
C GLY A 344 14.84 6.92 12.22
N PHE A 345 14.76 5.67 11.79
CA PHE A 345 15.67 4.64 12.27
C PHE A 345 17.10 4.95 11.81
N GLU A 346 17.22 5.76 10.76
CA GLU A 346 18.52 5.99 10.15
C GLU A 346 19.12 7.32 10.59
N SER A 347 20.43 7.31 10.86
CA SER A 347 21.14 8.49 11.30
C SER A 347 21.30 9.52 10.18
N LEU A 348 20.97 10.78 10.52
CA LEU A 348 21.03 11.88 9.56
C LEU A 348 21.85 13.03 10.12
N ALA A 349 22.47 13.78 9.21
CA ALA A 349 23.17 15.03 9.53
C ALA A 349 22.76 16.12 8.52
N GLU A 350 22.65 17.35 8.98
CA GLU A 350 22.38 18.47 8.09
C GLU A 350 23.01 19.75 8.61
N LEU A 351 22.99 20.77 7.76
CA LEU A 351 23.49 22.10 8.10
C LEU A 351 22.30 23.05 7.96
N PRO A 352 21.57 23.29 9.06
CA PRO A 352 20.31 24.05 9.04
C PRO A 352 20.33 25.35 8.26
N ALA A 353 21.41 26.12 8.34
CA ALA A 353 21.51 27.44 7.70
C ALA A 353 21.31 27.36 6.19
N ILE A 354 21.73 26.25 5.61
CA ILE A 354 21.70 26.07 4.15
C ILE A 354 20.56 25.13 3.76
N MET A 355 20.09 24.33 4.71
CA MET A 355 19.11 23.30 4.36
C MET A 355 17.76 23.57 5.01
N THR A 356 17.44 22.91 6.12
CA THR A 356 16.10 23.03 6.70
C THR A 356 15.68 24.44 7.14
N HIS A 357 16.65 25.29 7.47
CA HIS A 357 16.34 26.65 7.94
C HIS A 357 16.86 27.73 7.00
N ALA A 358 17.04 27.38 5.72
CA ALA A 358 17.31 28.37 4.69
C ALA A 358 16.12 29.31 4.57
N SER A 359 14.96 28.81 4.98
CA SER A 359 13.70 29.55 4.97
C SER A 359 13.58 30.59 6.09
N VAL A 360 14.53 30.60 7.01
CA VAL A 360 14.64 31.65 8.00
C VAL A 360 15.55 32.74 7.44
N LEU A 361 15.08 33.99 7.49
CA LEU A 361 15.88 35.15 7.09
C LEU A 361 17.25 35.16 7.75
N LYS A 362 18.29 35.45 6.98
CA LYS A 362 19.67 35.34 7.47
C LYS A 362 19.93 36.17 8.74
N ASN A 363 19.36 37.37 8.83
CA ASN A 363 19.59 38.16 10.03
C ASN A 363 18.91 37.51 11.26
N ASP A 364 17.74 36.90 11.06
CA ASP A 364 17.13 36.13 12.16
C ASP A 364 18.01 34.93 12.51
N ARG A 365 18.53 34.26 11.49
CA ARG A 365 19.49 33.17 11.69
C ARG A 365 20.68 33.62 12.56
N ASP A 366 21.25 34.77 12.23
CA ASP A 366 22.34 35.34 12.99
C ASP A 366 22.00 35.54 14.48
N VAL A 367 20.85 36.17 14.74
CA VAL A 367 20.41 36.43 16.11
C VAL A 367 20.19 35.14 16.90
N LEU A 368 19.64 34.13 16.24
CA LEU A 368 19.34 32.84 16.86
C LEU A 368 20.57 31.96 16.99
N GLY A 369 21.68 32.38 16.39
CA GLY A 369 22.89 31.58 16.42
C GLY A 369 22.87 30.39 15.47
N ILE A 370 22.00 30.42 14.45
CA ILE A 370 22.01 29.35 13.45
C ILE A 370 23.05 29.72 12.40
N SER A 371 24.31 29.54 12.76
CA SER A 371 25.41 29.97 11.92
C SER A 371 25.82 28.89 10.95
N ASP A 372 26.82 29.20 10.13
CA ASP A 372 27.36 28.26 9.16
C ASP A 372 28.15 27.11 9.78
N THR A 373 28.29 27.08 11.10
CA THR A 373 29.00 25.97 11.75
C THR A 373 28.08 25.17 12.68
N LEU A 374 26.81 25.55 12.75
CA LEU A 374 25.79 24.77 13.45
C LEU A 374 25.47 23.51 12.63
N ILE A 375 25.71 22.34 13.21
CA ILE A 375 25.32 21.08 12.58
C ILE A 375 24.24 20.40 13.43
N ARG A 376 23.22 19.85 12.80
CA ARG A 376 22.19 19.13 13.53
C ARG A 376 22.27 17.66 13.14
N LEU A 377 22.39 16.81 14.16
CA LEU A 377 22.35 15.36 13.95
C LEU A 377 21.04 14.79 14.47
N SER A 378 20.44 13.91 13.69
CA SER A 378 19.38 13.03 14.17
C SER A 378 20.00 11.64 14.32
N VAL A 379 20.32 11.25 15.55
CA VAL A 379 20.99 9.98 15.78
C VAL A 379 20.00 8.82 15.69
N GLY A 380 20.28 7.88 14.79
CA GLY A 380 19.42 6.75 14.54
C GLY A 380 19.64 5.56 15.48
N LEU A 381 19.27 4.37 15.01
CA LEU A 381 19.21 3.17 15.83
C LEU A 381 20.35 2.18 15.54
N GLU A 382 21.35 2.63 14.78
CA GLU A 382 22.49 1.78 14.43
C GLU A 382 23.34 1.49 15.67
N ASP A 383 24.34 0.62 15.50
CA ASP A 383 25.27 0.32 16.58
C ASP A 383 25.99 1.58 17.02
N GLU A 384 25.98 1.83 18.32
CA GLU A 384 26.64 2.99 18.90
C GLU A 384 28.10 3.15 18.44
N GLU A 385 28.85 2.05 18.50
CA GLU A 385 30.26 2.07 18.16
C GLU A 385 30.46 2.57 16.72
N ASP A 386 29.59 2.15 15.82
CA ASP A 386 29.70 2.52 14.41
C ASP A 386 29.45 4.01 14.21
N LEU A 387 28.42 4.53 14.88
CA LEU A 387 28.09 5.95 14.81
C LEU A 387 29.25 6.81 15.34
N LEU A 388 29.75 6.45 16.52
CA LEU A 388 30.84 7.21 17.13
C LEU A 388 32.08 7.16 16.25
N GLU A 389 32.37 6.01 15.66
CA GLU A 389 33.50 5.91 14.75
C GLU A 389 33.32 6.84 13.53
N ASP A 390 32.10 6.88 12.99
CA ASP A 390 31.81 7.70 11.82
C ASP A 390 32.06 9.17 12.14
N LEU A 391 31.62 9.60 13.31
CA LEU A 391 31.80 10.99 13.72
C LEU A 391 33.27 11.28 13.96
N ASP A 392 33.96 10.37 14.62
CA ASP A 392 35.37 10.53 14.90
C ASP A 392 36.21 10.77 13.62
N GLN A 393 36.11 9.87 12.65
CA GLN A 393 36.92 9.98 11.44
C GLN A 393 36.51 11.20 10.59
N ALA A 394 35.24 11.60 10.66
CA ALA A 394 34.78 12.73 9.85
C ALA A 394 35.29 14.06 10.41
N LEU A 395 35.39 14.14 11.74
CA LEU A 395 35.95 15.32 12.39
C LEU A 395 37.46 15.40 12.16
N LYS A 396 38.14 14.25 12.14
CA LYS A 396 39.58 14.23 11.87
C LYS A 396 39.88 14.68 10.45
N ALA A 397 39.00 14.30 9.53
CA ALA A 397 39.08 14.75 8.14
C ALA A 397 39.06 16.27 8.06
N ALA A 398 38.22 16.89 8.87
CA ALA A 398 38.05 18.34 8.82
C ALA A 398 39.16 19.05 9.60
N HIS A 399 39.62 18.40 10.66
CA HIS A 399 40.51 18.95 11.70
C HIS A 399 40.68 20.47 11.69
N PRO A 400 39.60 21.20 12.01
CA PRO A 400 39.65 22.67 12.07
C PRO A 400 40.64 23.15 13.12
N PRO A 401 41.16 24.39 12.98
CA PRO A 401 42.12 24.97 13.94
C PRO A 401 41.51 25.09 15.34
N GLY B 11 -22.97 16.50 -32.29
CA GLY B 11 -22.57 17.90 -32.32
C GLY B 11 -21.79 18.37 -31.10
N PHE B 12 -21.22 17.43 -30.35
CA PHE B 12 -20.28 17.80 -29.29
C PHE B 12 -18.94 18.21 -29.89
N LEU B 13 -18.11 18.88 -29.09
CA LEU B 13 -16.72 19.07 -29.42
C LEU B 13 -16.08 17.75 -29.83
N PRO B 14 -15.24 17.78 -30.89
CA PRO B 14 -14.48 16.59 -31.23
C PRO B 14 -13.54 16.22 -30.07
N HIS B 15 -13.36 14.92 -29.85
CA HIS B 15 -12.56 14.44 -28.71
C HIS B 15 -11.12 14.92 -28.79
N PHE B 16 -10.54 15.22 -27.63
CA PHE B 16 -9.17 15.69 -27.55
C PHE B 16 -8.18 14.64 -28.04
N GLN B 17 -7.39 15.01 -29.03
CA GLN B 17 -6.43 14.08 -29.63
C GLN B 17 -5.36 13.62 -28.67
N HIS B 18 -4.97 12.35 -28.81
CA HIS B 18 -3.89 11.71 -28.04
C HIS B 18 -4.17 11.61 -26.54
N PHE B 19 -5.42 11.86 -26.15
CA PHE B 19 -5.75 11.87 -24.73
C PHE B 19 -5.38 10.55 -24.05
N ALA B 20 -5.69 9.44 -24.70
CA ALA B 20 -5.47 8.13 -24.09
C ALA B 20 -3.98 7.82 -24.05
N THR B 21 -3.31 8.11 -25.16
CA THR B 21 -1.87 7.92 -25.23
C THR B 21 -1.17 8.68 -24.11
N GLN B 22 -1.56 9.93 -23.92
CA GLN B 22 -1.00 10.79 -22.87
C GLN B 22 -1.34 10.33 -21.46
N ALA B 23 -2.59 9.93 -21.23
CA ALA B 23 -3.00 9.43 -19.93
C ALA B 23 -2.16 8.21 -19.51
N ILE B 24 -1.74 7.42 -20.49
CA ILE B 24 -1.06 6.17 -20.18
C ILE B 24 0.46 6.35 -20.11
N HIS B 25 0.99 7.37 -20.79
CA HIS B 25 2.44 7.51 -20.87
C HIS B 25 3.07 8.78 -20.27
N VAL B 26 2.35 9.90 -20.25
CA VAL B 26 2.94 11.13 -19.68
C VAL B 26 3.33 10.90 -18.22
N GLY B 27 4.56 11.29 -17.86
CA GLY B 27 5.08 11.08 -16.52
C GLY B 27 5.53 9.66 -16.21
N GLN B 28 5.32 8.76 -17.18
CA GLN B 28 5.56 7.33 -16.95
C GLN B 28 6.77 6.80 -17.70
N ASP B 29 7.60 7.68 -18.24
CA ASP B 29 8.77 7.23 -19.00
C ASP B 29 9.68 6.33 -18.15
N PRO B 30 9.92 5.08 -18.61
CA PRO B 30 10.79 4.12 -17.93
C PRO B 30 12.21 4.64 -17.68
N GLU B 31 12.69 5.54 -18.52
CA GLU B 31 14.07 6.03 -18.41
C GLU B 31 14.30 6.85 -17.13
N GLN B 32 13.22 7.23 -16.44
CA GLN B 32 13.33 7.95 -15.16
C GLN B 32 13.96 7.10 -14.05
N TRP B 33 13.81 5.78 -14.17
CA TRP B 33 14.19 4.87 -13.07
C TRP B 33 15.36 4.00 -13.49
N THR B 34 16.29 3.77 -12.55
CA THR B 34 17.44 2.91 -12.82
C THR B 34 17.00 1.50 -13.26
N SER B 35 15.87 1.03 -12.74
CA SER B 35 15.30 -0.28 -13.13
C SER B 35 14.63 -0.29 -14.50
N ARG B 36 14.34 0.89 -15.04
CA ARG B 36 13.55 1.02 -16.27
C ARG B 36 12.16 0.38 -16.15
N ALA B 37 11.58 0.44 -14.95
CA ALA B 37 10.23 -0.07 -14.70
C ALA B 37 9.21 0.64 -15.59
N VAL B 38 8.29 -0.14 -16.15
CA VAL B 38 7.26 0.40 -17.03
C VAL B 38 6.19 1.19 -16.25
N VAL B 39 5.97 0.80 -15.00
CA VAL B 39 5.12 1.55 -14.08
C VAL B 39 5.99 2.22 -13.01
N PRO B 40 5.83 3.53 -12.79
CA PRO B 40 6.66 4.24 -11.81
C PRO B 40 6.53 3.66 -10.41
N PRO B 41 7.66 3.43 -9.74
CA PRO B 41 7.66 2.95 -8.35
C PRO B 41 6.96 3.93 -7.40
N ILE B 42 6.41 3.39 -6.31
CA ILE B 42 5.88 4.20 -5.22
C ILE B 42 7.00 4.59 -4.26
N SER B 43 7.40 5.86 -4.25
CA SER B 43 8.49 6.30 -3.38
C SER B 43 7.93 6.93 -2.11
N LEU B 44 7.94 6.17 -1.02
CA LEU B 44 7.46 6.68 0.27
C LEU B 44 8.46 7.54 1.01
N SER B 45 9.73 7.45 0.63
CA SER B 45 10.80 8.10 1.39
C SER B 45 10.51 9.59 1.64
N THR B 46 10.55 10.01 2.90
CA THR B 46 10.32 11.41 3.24
C THR B 46 11.49 12.27 2.84
N THR B 47 12.68 11.68 2.86
CA THR B 47 13.89 12.45 2.60
C THR B 47 14.82 11.75 1.61
N PHE B 48 15.83 12.50 1.18
CA PHE B 48 16.68 12.11 0.06
C PHE B 48 18.11 12.54 0.34
N LYS B 49 19.07 11.70 -0.05
CA LYS B 49 20.47 11.98 0.23
C LYS B 49 20.99 13.13 -0.67
N GLN B 50 21.70 14.09 -0.07
CA GLN B 50 22.29 15.18 -0.83
C GLN B 50 23.80 14.98 -1.01
N GLY B 51 24.32 15.37 -2.17
CA GLY B 51 25.74 15.28 -2.44
C GLY B 51 26.53 16.28 -1.61
N ALA B 52 25.85 17.35 -1.19
CA ALA B 52 26.46 18.44 -0.42
C ALA B 52 25.34 19.30 0.09
N PRO B 53 25.56 20.04 1.21
CA PRO B 53 24.49 20.87 1.77
C PRO B 53 23.82 21.75 0.73
N GLY B 54 22.52 21.52 0.53
CA GLY B 54 21.74 22.31 -0.41
C GLY B 54 22.03 21.99 -1.86
N GLN B 55 22.64 20.82 -2.11
CA GLN B 55 22.92 20.37 -3.47
C GLN B 55 22.40 18.95 -3.65
N HIS B 56 21.16 18.85 -4.11
CA HIS B 56 20.43 17.59 -4.15
C HIS B 56 20.23 17.09 -5.59
N SER B 57 19.76 15.86 -5.73
CA SER B 57 19.67 15.25 -7.05
C SER B 57 18.33 15.56 -7.71
N GLY B 58 17.60 16.50 -7.12
CA GLY B 58 16.30 16.88 -7.64
C GLY B 58 15.21 16.87 -6.58
N PHE B 59 15.37 16.00 -5.60
CA PHE B 59 14.40 15.91 -4.51
C PHE B 59 15.09 16.13 -3.16
N GLU B 60 14.43 16.88 -2.28
CA GLU B 60 14.96 17.26 -0.96
C GLU B 60 14.18 16.61 0.16
N TYR B 61 12.86 16.68 0.03
CA TYR B 61 11.91 16.33 1.08
C TYR B 61 10.54 16.11 0.46
N SER B 62 9.89 15.03 0.85
CA SER B 62 8.67 14.58 0.20
C SER B 62 7.57 15.63 0.09
N ARG B 63 7.35 16.41 1.15
CA ARG B 63 6.32 17.47 1.11
C ARG B 63 6.56 18.42 -0.06
N SER B 64 7.82 18.79 -0.27
CA SER B 64 8.23 19.72 -1.34
C SER B 64 8.11 19.14 -2.75
N GLY B 65 8.37 17.85 -2.88
CA GLY B 65 8.26 17.17 -4.17
C GLY B 65 8.73 15.75 -3.99
N ASN B 66 8.11 14.80 -4.68
CA ASN B 66 8.58 13.42 -4.67
C ASN B 66 8.29 12.76 -6.02
N PRO B 67 9.05 11.70 -6.37
CA PRO B 67 8.92 11.19 -7.75
C PRO B 67 7.49 10.77 -8.12
N THR B 68 6.81 10.04 -7.24
CA THR B 68 5.49 9.53 -7.55
C THR B 68 4.45 10.66 -7.67
N ARG B 69 4.54 11.69 -6.85
CA ARG B 69 3.62 12.83 -6.99
C ARG B 69 3.90 13.60 -8.29
N ASN B 70 5.19 13.84 -8.55
CA ASN B 70 5.58 14.58 -9.74
C ASN B 70 5.14 13.86 -11.04
N CYS B 71 5.20 12.54 -11.03
CA CYS B 71 4.76 11.74 -12.18
C CYS B 71 3.28 11.96 -12.45
N LEU B 72 2.48 11.93 -11.39
CA LEU B 72 1.04 12.17 -11.47
C LEU B 72 0.75 13.59 -11.94
N GLU B 73 1.49 14.56 -11.41
CA GLU B 73 1.23 15.96 -11.70
C GLU B 73 1.48 16.23 -13.18
N LYS B 74 2.57 15.65 -13.69
CA LYS B 74 2.91 15.75 -15.11
C LYS B 74 1.80 15.16 -15.97
N ALA B 75 1.28 14.00 -15.58
CA ALA B 75 0.21 13.33 -16.32
C ALA B 75 -1.06 14.17 -16.38
N VAL B 76 -1.52 14.63 -15.22
CA VAL B 76 -2.75 15.42 -15.15
C VAL B 76 -2.63 16.71 -15.97
N ALA B 77 -1.51 17.42 -15.83
CA ALA B 77 -1.24 18.61 -16.63
C ALA B 77 -1.45 18.36 -18.13
N ALA B 78 -0.92 17.24 -18.62
CA ALA B 78 -1.07 16.86 -20.02
C ALA B 78 -2.51 16.73 -20.39
N LEU B 79 -3.27 16.06 -19.54
CA LEU B 79 -4.67 15.79 -19.83
C LEU B 79 -5.49 17.07 -19.79
N ASP B 80 -5.04 18.04 -18.98
CA ASP B 80 -5.70 19.34 -18.94
C ASP B 80 -5.22 20.25 -20.08
N GLY B 81 -4.20 19.81 -20.81
CA GLY B 81 -3.57 20.67 -21.79
C GLY B 81 -2.82 21.80 -21.11
N ALA B 82 -2.31 21.53 -19.91
CA ALA B 82 -1.67 22.54 -19.06
C ALA B 82 -0.16 22.40 -19.01
N LYS B 83 0.52 23.50 -18.68
CA LYS B 83 1.96 23.46 -18.41
C LYS B 83 2.27 22.80 -17.08
N TYR B 84 1.42 23.08 -16.08
CA TYR B 84 1.70 22.65 -14.71
C TYR B 84 0.52 22.04 -13.98
N CYS B 85 0.83 21.22 -12.99
CA CYS B 85 -0.18 20.69 -12.11
C CYS B 85 0.36 20.50 -10.70
N LEU B 86 -0.52 20.74 -9.73
CA LEU B 86 -0.18 20.51 -8.35
C LEU B 86 -1.23 19.58 -7.74
N ALA B 87 -0.75 18.54 -7.05
CA ALA B 87 -1.59 17.58 -6.31
C ALA B 87 -1.72 17.97 -4.83
N PHE B 88 -2.91 17.73 -4.26
CA PHE B 88 -3.20 18.06 -2.88
C PHE B 88 -3.95 16.94 -2.18
N ALA B 89 -4.00 17.05 -0.85
CA ALA B 89 -4.61 16.05 0.03
C ALA B 89 -6.10 15.76 -0.22
N SER B 90 -6.82 16.74 -0.81
CA SER B 90 -8.24 16.62 -1.11
C SER B 90 -8.68 17.78 -1.98
N GLY B 91 -9.90 17.67 -2.53
CA GLY B 91 -10.47 18.76 -3.29
C GLY B 91 -10.61 20.01 -2.44
N LEU B 92 -11.07 19.85 -1.20
CA LEU B 92 -11.16 21.01 -0.30
C LEU B 92 -9.80 21.63 -0.05
N ALA B 93 -8.76 20.80 0.08
CA ALA B 93 -7.42 21.35 0.35
C ALA B 93 -6.84 22.11 -0.85
N ALA B 94 -7.19 21.67 -2.06
CA ALA B 94 -6.81 22.41 -3.25
C ALA B 94 -7.50 23.79 -3.22
N THR B 95 -8.77 23.80 -2.83
CA THR B 95 -9.54 25.05 -2.72
C THR B 95 -8.96 25.98 -1.67
N VAL B 96 -8.64 25.43 -0.51
CA VAL B 96 -7.99 26.20 0.54
C VAL B 96 -6.67 26.80 0.03
N THR B 97 -5.89 26.00 -0.66
CA THR B 97 -4.57 26.44 -1.10
C THR B 97 -4.67 27.57 -2.13
N ILE B 98 -5.59 27.44 -3.08
CA ILE B 98 -5.79 28.48 -4.08
C ILE B 98 -6.19 29.81 -3.41
N THR B 99 -7.07 29.73 -2.41
CA THR B 99 -7.56 30.93 -1.74
C THR B 99 -6.44 31.67 -1.02
N HIS B 100 -5.45 30.91 -0.54
CA HIS B 100 -4.26 31.51 0.06
C HIS B 100 -3.40 32.32 -0.90
N LEU B 101 -3.75 32.29 -2.18
CA LEU B 101 -3.13 33.22 -3.13
C LEU B 101 -3.55 34.65 -2.85
N LEU B 102 -4.67 34.83 -2.17
CA LEU B 102 -5.20 36.16 -1.96
C LEU B 102 -4.61 36.82 -0.70
N LYS B 103 -5.26 37.87 -0.21
CA LYS B 103 -4.81 38.53 1.00
C LYS B 103 -5.99 39.32 1.55
N ALA B 104 -5.94 39.64 2.84
CA ALA B 104 -7.00 40.41 3.50
C ALA B 104 -7.42 41.60 2.66
N GLY B 105 -8.74 41.79 2.50
CA GLY B 105 -9.22 42.92 1.73
C GLY B 105 -9.64 42.54 0.33
N ASP B 106 -9.21 41.35 -0.11
CA ASP B 106 -9.63 40.79 -1.38
C ASP B 106 -11.06 40.26 -1.34
N GLN B 107 -11.69 40.17 -2.50
CA GLN B 107 -13.05 39.64 -2.63
C GLN B 107 -13.09 38.41 -3.54
N ILE B 108 -13.95 37.46 -3.19
CA ILE B 108 -14.11 36.23 -3.94
C ILE B 108 -15.54 36.18 -4.47
N ILE B 109 -15.69 35.85 -5.75
CA ILE B 109 -17.01 35.54 -6.28
C ILE B 109 -17.07 34.03 -6.45
N CYS B 110 -18.07 33.42 -5.84
CA CYS B 110 -18.24 31.99 -5.96
C CYS B 110 -19.57 31.71 -6.62
N MET B 111 -19.59 30.76 -7.55
CA MET B 111 -20.83 30.29 -8.16
C MET B 111 -21.86 30.01 -7.07
N ASP B 112 -23.12 30.38 -7.29
CA ASP B 112 -24.08 30.29 -6.17
C ASP B 112 -24.38 28.82 -5.84
N ASP B 113 -24.28 27.95 -6.84
CA ASP B 113 -24.44 26.52 -6.64
C ASP B 113 -23.10 25.76 -6.74
N VAL B 114 -22.57 25.31 -5.60
CA VAL B 114 -21.34 24.53 -5.57
C VAL B 114 -21.45 23.41 -4.53
N TYR B 115 -20.51 22.48 -4.56
CA TYR B 115 -20.37 21.52 -3.47
C TYR B 115 -20.49 22.21 -2.12
N GLY B 116 -21.35 21.66 -1.26
CA GLY B 116 -21.58 22.18 0.07
C GLY B 116 -20.35 22.57 0.88
N GLY B 117 -19.33 21.72 0.88
CA GLY B 117 -18.10 22.04 1.59
C GLY B 117 -17.40 23.26 1.01
N THR B 118 -17.52 23.45 -0.30
CA THR B 118 -16.89 24.60 -0.94
C THR B 118 -17.63 25.83 -0.46
N ASN B 119 -18.95 25.73 -0.40
CA ASN B 119 -19.82 26.79 0.13
C ASN B 119 -19.38 27.16 1.55
N ARG B 120 -19.34 26.14 2.39
CA ARG B 120 -19.03 26.25 3.81
C ARG B 120 -17.67 26.90 4.03
N TYR B 121 -16.65 26.44 3.29
CA TYR B 121 -15.30 26.98 3.43
C TYR B 121 -15.27 28.49 3.16
N PHE B 122 -15.83 28.95 2.04
CA PHE B 122 -15.84 30.37 1.75
C PHE B 122 -16.65 31.13 2.80
N ARG B 123 -17.88 30.66 3.02
CA ARG B 123 -18.84 31.32 3.90
C ARG B 123 -18.40 31.42 5.36
N GLN B 124 -17.95 30.30 5.93
CA GLN B 124 -17.66 30.23 7.36
C GLN B 124 -16.18 30.31 7.71
N VAL B 125 -15.31 30.04 6.76
CA VAL B 125 -13.91 30.06 7.11
C VAL B 125 -13.15 31.21 6.46
N ALA B 126 -13.10 31.21 5.13
CA ALA B 126 -12.38 32.23 4.38
C ALA B 126 -12.81 33.62 4.81
N SER B 127 -14.10 33.77 5.06
CA SER B 127 -14.70 35.06 5.39
C SER B 127 -14.18 35.61 6.72
N GLU B 128 -13.70 34.72 7.60
CA GLU B 128 -13.20 35.17 8.89
C GLU B 128 -11.77 35.74 8.82
N PHE B 129 -11.17 35.73 7.64
CA PHE B 129 -9.79 36.20 7.53
C PHE B 129 -9.59 37.36 6.57
N GLY B 130 -10.56 38.27 6.57
CA GLY B 130 -10.45 39.50 5.79
C GLY B 130 -10.78 39.35 4.31
N LEU B 131 -11.49 38.28 3.98
CA LEU B 131 -11.84 38.02 2.59
C LEU B 131 -13.35 38.18 2.44
N LYS B 132 -13.75 38.97 1.45
CA LYS B 132 -15.17 39.18 1.18
C LYS B 132 -15.65 38.12 0.23
N ILE B 133 -16.79 37.50 0.55
CA ILE B 133 -17.36 36.44 -0.28
C ILE B 133 -18.70 36.84 -0.88
N SER B 134 -18.83 36.71 -2.19
CA SER B 134 -20.10 36.95 -2.86
C SER B 134 -20.50 35.72 -3.64
N PHE B 135 -21.71 35.23 -3.39
CA PHE B 135 -22.25 34.11 -4.15
C PHE B 135 -23.12 34.65 -5.27
N VAL B 136 -22.81 34.26 -6.50
CA VAL B 136 -23.46 34.85 -7.67
C VAL B 136 -23.80 33.78 -8.71
N ASP B 137 -25.00 33.84 -9.26
CA ASP B 137 -25.40 32.96 -10.36
C ASP B 137 -24.65 33.31 -11.65
N CYS B 138 -23.52 32.66 -11.87
CA CYS B 138 -22.67 32.98 -13.01
C CYS B 138 -23.11 32.35 -14.32
N SER B 139 -24.22 31.61 -14.31
CA SER B 139 -24.80 31.08 -15.54
C SER B 139 -25.50 32.21 -16.28
N LYS B 140 -25.64 33.34 -15.59
CA LYS B 140 -26.08 34.58 -16.20
C LYS B 140 -24.94 35.57 -16.09
N ILE B 141 -24.17 35.68 -17.17
CA ILE B 141 -22.91 36.40 -17.19
C ILE B 141 -23.01 37.88 -16.79
N LYS B 142 -24.15 38.51 -17.08
CA LYS B 142 -24.36 39.89 -16.66
C LYS B 142 -24.37 40.01 -15.15
N LEU B 143 -24.75 38.93 -14.47
CA LEU B 143 -24.79 38.94 -13.00
C LEU B 143 -23.36 38.89 -12.45
N LEU B 144 -22.51 38.09 -13.08
CA LEU B 144 -21.11 38.03 -12.69
C LEU B 144 -20.45 39.39 -12.89
N GLU B 145 -20.71 39.99 -14.05
CA GLU B 145 -20.10 41.26 -14.37
C GLU B 145 -20.50 42.33 -13.38
N ALA B 146 -21.79 42.39 -13.06
CA ALA B 146 -22.29 43.35 -12.08
C ALA B 146 -21.66 43.14 -10.69
N ALA B 147 -21.21 41.92 -10.41
CA ALA B 147 -20.69 41.59 -9.09
C ALA B 147 -19.22 41.95 -8.93
N ILE B 148 -18.53 42.21 -10.03
CA ILE B 148 -17.10 42.48 -9.97
C ILE B 148 -16.83 43.87 -9.40
N THR B 149 -15.91 43.93 -8.43
CA THR B 149 -15.51 45.16 -7.77
C THR B 149 -14.01 45.32 -7.97
N PRO B 150 -13.45 46.50 -7.61
CA PRO B 150 -12.00 46.61 -7.72
C PRO B 150 -11.26 45.60 -6.83
N GLU B 151 -11.92 45.12 -5.79
CA GLU B 151 -11.32 44.17 -4.85
C GLU B 151 -11.37 42.72 -5.32
N THR B 152 -12.17 42.44 -6.35
CA THR B 152 -12.35 41.08 -6.85
C THR B 152 -11.03 40.52 -7.35
N LYS B 153 -10.59 39.39 -6.78
CA LYS B 153 -9.32 38.79 -7.18
C LYS B 153 -9.46 37.34 -7.63
N LEU B 154 -10.62 36.74 -7.34
CA LEU B 154 -10.84 35.31 -7.59
C LEU B 154 -12.30 35.06 -7.96
N VAL B 155 -12.52 34.28 -9.01
CA VAL B 155 -13.85 33.84 -9.39
C VAL B 155 -13.83 32.32 -9.44
N TRP B 156 -14.71 31.70 -8.65
CA TRP B 156 -14.72 30.26 -8.46
C TRP B 156 -15.98 29.63 -9.04
N ILE B 157 -15.87 28.95 -10.16
CA ILE B 157 -17.07 28.33 -10.69
C ILE B 157 -16.91 26.81 -10.81
N GLU B 158 -18.02 26.11 -10.64
CA GLU B 158 -18.19 24.73 -11.05
C GLU B 158 -19.05 24.74 -12.30
N THR B 159 -18.79 23.83 -13.23
CA THR B 159 -19.72 23.63 -14.33
C THR B 159 -19.54 22.22 -14.88
N PRO B 160 -20.62 21.43 -14.86
CA PRO B 160 -21.94 21.72 -14.28
C PRO B 160 -21.87 21.77 -12.76
N THR B 161 -22.80 22.49 -12.14
CA THR B 161 -22.71 22.73 -10.70
C THR B 161 -23.21 21.54 -9.88
N ASN B 162 -22.65 21.40 -8.68
CA ASN B 162 -23.05 20.35 -7.75
C ASN B 162 -24.03 20.92 -6.72
N PRO B 163 -25.30 20.47 -6.73
CA PRO B 163 -25.88 19.35 -7.49
C PRO B 163 -26.89 19.72 -8.60
N THR B 164 -27.20 20.99 -8.81
CA THR B 164 -28.30 21.30 -9.72
C THR B 164 -27.83 21.41 -11.18
N GLN B 165 -26.52 21.28 -11.37
CA GLN B 165 -25.93 21.16 -12.70
C GLN B 165 -26.31 22.30 -13.65
N LYS B 166 -26.30 23.51 -13.13
CA LYS B 166 -26.34 24.69 -13.98
C LYS B 166 -25.02 24.71 -14.75
N VAL B 167 -25.06 25.17 -16.00
CA VAL B 167 -23.87 25.19 -16.84
C VAL B 167 -23.45 26.64 -17.10
N ILE B 168 -22.15 26.89 -17.01
CA ILE B 168 -21.61 28.23 -17.15
C ILE B 168 -20.82 28.32 -18.46
N ASP B 169 -21.00 29.42 -19.18
CA ASP B 169 -20.23 29.68 -20.39
C ASP B 169 -18.83 30.05 -19.98
N ILE B 170 -17.93 29.07 -19.97
CA ILE B 170 -16.59 29.31 -19.45
C ILE B 170 -15.87 30.40 -20.24
N GLU B 171 -15.98 30.35 -21.57
CA GLU B 171 -15.29 31.36 -22.40
C GLU B 171 -15.90 32.74 -22.24
N GLY B 172 -17.23 32.80 -22.17
CA GLY B 172 -17.89 34.06 -21.90
C GLY B 172 -17.43 34.67 -20.58
N CYS B 173 -17.40 33.85 -19.54
CA CYS B 173 -16.98 34.32 -18.23
C CYS B 173 -15.52 34.73 -18.20
N ALA B 174 -14.67 34.00 -18.92
CA ALA B 174 -13.25 34.36 -19.02
C ALA B 174 -13.09 35.76 -19.62
N HIS B 175 -13.85 36.04 -20.67
CA HIS B 175 -13.80 37.34 -21.35
C HIS B 175 -14.18 38.47 -20.41
N ILE B 176 -15.25 38.26 -19.64
CA ILE B 176 -15.73 39.28 -18.72
C ILE B 176 -14.75 39.52 -17.59
N VAL B 177 -14.34 38.43 -16.96
CA VAL B 177 -13.49 38.47 -15.78
C VAL B 177 -12.13 39.10 -16.10
N HIS B 178 -11.52 38.69 -17.20
CA HIS B 178 -10.18 39.15 -17.57
C HIS B 178 -10.19 40.56 -18.14
N LYS B 179 -11.36 41.01 -18.59
CA LYS B 179 -11.53 42.36 -19.06
C LYS B 179 -11.32 43.34 -17.91
N HIS B 180 -11.73 42.91 -16.72
CA HIS B 180 -11.74 43.74 -15.51
C HIS B 180 -10.46 43.69 -14.69
N GLY B 181 -9.37 43.21 -15.29
CA GLY B 181 -8.09 43.25 -14.62
C GLY B 181 -7.54 41.90 -14.24
N ASP B 182 -6.66 41.89 -13.24
CA ASP B 182 -5.96 40.67 -12.83
C ASP B 182 -6.81 39.80 -11.90
N ILE B 183 -7.80 39.14 -12.49
CA ILE B 183 -8.66 38.25 -11.71
C ILE B 183 -8.47 36.81 -12.14
N ILE B 184 -8.28 35.96 -11.14
CA ILE B 184 -8.08 34.55 -11.36
C ILE B 184 -9.43 33.83 -11.57
N LEU B 185 -9.61 33.19 -12.72
CA LEU B 185 -10.81 32.38 -12.95
C LEU B 185 -10.52 30.89 -12.78
N VAL B 186 -11.10 30.31 -11.72
CA VAL B 186 -11.00 28.88 -11.47
C VAL B 186 -12.24 28.14 -11.98
N VAL B 187 -12.04 27.05 -12.74
CA VAL B 187 -13.14 26.15 -13.03
C VAL B 187 -12.87 24.84 -12.30
N ASP B 188 -13.74 24.50 -11.35
CA ASP B 188 -13.78 23.19 -10.71
C ASP B 188 -14.40 22.20 -11.70
N ASN B 189 -13.55 21.35 -12.28
CA ASN B 189 -13.89 20.47 -13.40
C ASN B 189 -14.15 19.05 -12.93
N THR B 190 -14.47 18.92 -11.65
CA THR B 190 -14.69 17.62 -11.02
C THR B 190 -15.73 16.80 -11.74
N PHE B 191 -16.88 17.39 -12.05
CA PHE B 191 -17.99 16.62 -12.63
C PHE B 191 -17.71 16.11 -14.05
N MET B 192 -16.91 16.84 -14.83
CA MET B 192 -16.72 16.53 -16.25
C MET B 192 -15.50 15.66 -16.53
N SER B 193 -14.42 15.91 -15.79
CA SER B 193 -13.09 15.36 -16.04
C SER B 193 -12.49 16.01 -17.30
N PRO B 194 -11.15 15.96 -17.44
CA PRO B 194 -10.52 16.62 -18.59
C PRO B 194 -10.74 15.87 -19.89
N TYR B 195 -11.34 14.69 -19.82
CA TYR B 195 -11.65 13.91 -21.01
C TYR B 195 -12.81 14.58 -21.73
N PHE B 196 -13.72 15.17 -20.97
CA PHE B 196 -14.92 15.77 -21.54
C PHE B 196 -14.90 17.31 -21.55
N GLN B 197 -14.07 17.94 -20.72
CA GLN B 197 -14.01 19.41 -20.66
C GLN B 197 -12.61 19.90 -20.32
N ARG B 198 -12.16 20.92 -21.05
CA ARG B 198 -10.85 21.55 -20.82
C ARG B 198 -10.96 23.05 -20.54
N PRO B 199 -11.22 23.42 -19.28
CA PRO B 199 -11.39 24.82 -18.90
C PRO B 199 -10.23 25.72 -19.34
N LEU B 200 -8.99 25.20 -19.34
CA LEU B 200 -7.85 26.04 -19.70
C LEU B 200 -7.87 26.48 -21.17
N ALA B 201 -8.41 25.62 -22.03
CA ALA B 201 -8.52 25.92 -23.45
C ALA B 201 -9.65 26.90 -23.70
N LEU B 202 -10.50 27.09 -22.70
CA LEU B 202 -11.68 27.95 -22.85
C LEU B 202 -11.46 29.30 -22.17
N GLY B 203 -10.26 29.54 -21.64
CA GLY B 203 -9.94 30.82 -21.01
C GLY B 203 -9.81 30.83 -19.50
N ALA B 204 -10.07 29.70 -18.84
CA ALA B 204 -9.90 29.67 -17.39
C ALA B 204 -8.40 29.74 -17.02
N ASP B 205 -8.10 30.27 -15.84
CA ASP B 205 -6.71 30.37 -15.40
C ASP B 205 -6.31 29.12 -14.63
N ILE B 206 -7.29 28.48 -14.03
CA ILE B 206 -7.06 27.28 -13.24
C ILE B 206 -8.12 26.24 -13.56
N SER B 207 -7.69 25.01 -13.80
CA SER B 207 -8.58 23.87 -13.88
C SER B 207 -8.37 22.99 -12.64
N MET B 208 -9.41 22.83 -11.84
CA MET B 208 -9.28 22.23 -10.51
C MET B 208 -10.19 21.00 -10.37
N TYR B 209 -9.73 20.01 -9.60
CA TYR B 209 -10.49 18.79 -9.36
C TYR B 209 -10.52 18.31 -7.92
N SER B 210 -11.69 17.85 -7.48
CA SER B 210 -11.68 16.78 -6.49
C SER B 210 -11.34 15.50 -7.26
N ALA B 211 -10.07 15.11 -7.21
CA ALA B 211 -9.59 13.91 -7.87
C ALA B 211 -10.26 12.67 -7.28
N THR B 212 -10.78 12.83 -6.08
CA THR B 212 -11.55 11.82 -5.34
C THR B 212 -12.66 11.23 -6.21
N LYS B 213 -13.12 11.98 -7.21
CA LYS B 213 -14.25 11.53 -8.00
C LYS B 213 -13.77 10.80 -9.26
N TYR B 214 -14.16 11.28 -10.45
CA TYR B 214 -13.81 10.60 -11.71
C TYR B 214 -12.32 10.41 -12.01
N MET B 215 -11.50 11.38 -11.60
CA MET B 215 -10.07 11.33 -11.93
C MET B 215 -9.42 10.03 -11.42
N ASN B 216 -9.57 9.77 -10.12
CA ASN B 216 -9.10 8.52 -9.53
C ASN B 216 -10.03 7.42 -10.00
N GLY B 217 -11.33 7.71 -9.90
CA GLY B 217 -12.37 6.85 -10.43
C GLY B 217 -12.75 5.62 -9.63
N HIS B 218 -12.01 5.33 -8.56
CA HIS B 218 -12.19 4.06 -7.89
C HIS B 218 -12.56 4.15 -6.40
N SER B 219 -13.12 5.30 -6.00
CA SER B 219 -13.66 5.47 -4.65
C SER B 219 -12.71 4.96 -3.54
N ASP B 220 -11.43 5.19 -3.71
CA ASP B 220 -10.47 4.71 -2.73
C ASP B 220 -9.29 5.67 -2.55
N VAL B 221 -9.46 6.88 -3.06
CA VAL B 221 -8.47 7.96 -2.86
C VAL B 221 -9.12 9.31 -2.65
N VAL B 222 -8.81 9.99 -1.55
CA VAL B 222 -9.20 11.38 -1.36
C VAL B 222 -8.05 12.29 -1.81
N MET B 223 -8.32 13.20 -2.77
CA MET B 223 -7.25 13.99 -3.36
C MET B 223 -7.77 15.19 -4.16
N GLY B 224 -6.94 16.22 -4.27
CA GLY B 224 -7.24 17.38 -5.10
C GLY B 224 -6.14 17.62 -6.13
N LEU B 225 -6.52 18.23 -7.25
CA LEU B 225 -5.60 18.54 -8.32
C LEU B 225 -5.86 19.96 -8.85
N VAL B 226 -4.78 20.64 -9.22
CA VAL B 226 -4.81 22.01 -9.72
C VAL B 226 -3.86 22.18 -10.91
N SER B 227 -4.45 22.39 -12.09
CA SER B 227 -3.67 22.59 -13.32
C SER B 227 -3.68 24.06 -13.70
N VAL B 228 -2.58 24.53 -14.28
CA VAL B 228 -2.37 25.95 -14.49
C VAL B 228 -1.29 26.19 -15.54
N ASN B 229 -1.49 27.21 -16.37
CA ASN B 229 -0.48 27.61 -17.35
C ASN B 229 0.37 28.83 -16.93
N CYS B 230 -0.25 29.83 -16.33
CA CYS B 230 0.43 31.08 -15.96
C CYS B 230 1.62 30.82 -15.04
N GLU B 231 2.79 31.31 -15.45
CA GLU B 231 4.05 31.04 -14.77
C GLU B 231 4.08 31.58 -13.34
N SER B 232 3.70 32.83 -13.18
CA SER B 232 3.71 33.46 -11.87
C SER B 232 2.64 32.84 -10.97
N LEU B 233 1.52 32.48 -11.57
CA LEU B 233 0.48 31.74 -10.85
C LEU B 233 1.00 30.39 -10.35
N HIS B 234 1.72 29.69 -11.23
CA HIS B 234 2.31 28.40 -10.86
C HIS B 234 3.27 28.53 -9.66
N ASN B 235 4.19 29.49 -9.75
CA ASN B 235 5.17 29.72 -8.68
C ASN B 235 4.51 29.96 -7.33
N ARG B 236 3.43 30.75 -7.34
CA ARG B 236 2.71 31.10 -6.12
C ARG B 236 2.03 29.85 -5.54
N LEU B 237 1.33 29.11 -6.38
CA LEU B 237 0.69 27.87 -5.95
C LEU B 237 1.70 26.83 -5.41
N ARG B 238 2.85 26.74 -6.08
CA ARG B 238 3.86 25.77 -5.72
C ARG B 238 4.41 26.10 -4.33
N PHE B 239 4.65 27.39 -4.09
CA PHE B 239 5.05 27.87 -2.77
C PHE B 239 4.08 27.40 -1.69
N LEU B 240 2.79 27.57 -1.97
CA LEU B 240 1.73 27.24 -1.02
C LEU B 240 1.53 25.74 -0.84
N GLN B 241 1.71 24.97 -1.92
CA GLN B 241 1.74 23.52 -1.80
C GLN B 241 2.78 23.12 -0.76
N ASN B 242 4.00 23.61 -0.90
CA ASN B 242 5.06 23.26 0.06
C ASN B 242 4.86 23.89 1.44
N SER B 243 4.45 25.15 1.45
CA SER B 243 4.42 25.94 2.68
C SER B 243 3.20 25.68 3.55
N LEU B 244 2.07 25.31 2.93
CA LEU B 244 0.89 24.91 3.72
C LEU B 244 0.88 23.39 3.99
N GLY B 245 1.42 22.62 3.07
CA GLY B 245 1.63 21.19 3.27
C GLY B 245 0.39 20.32 3.22
N ALA B 246 -0.62 20.76 2.49
CA ALA B 246 -1.82 19.96 2.34
C ALA B 246 -1.59 18.99 1.17
N VAL B 247 -0.66 18.07 1.38
CA VAL B 247 -0.11 17.23 0.32
C VAL B 247 -0.60 15.78 0.38
N PRO B 248 -0.70 15.13 -0.79
CA PRO B 248 -1.19 13.75 -0.85
C PRO B 248 -0.11 12.75 -0.50
N SER B 249 -0.50 11.60 0.05
CA SER B 249 0.44 10.51 0.16
C SER B 249 0.89 10.08 -1.24
N PRO B 250 2.18 9.76 -1.39
CA PRO B 250 2.72 9.17 -2.63
C PRO B 250 1.99 7.89 -3.06
N ILE B 251 1.49 7.11 -2.09
CA ILE B 251 0.72 5.92 -2.45
C ILE B 251 -0.60 6.29 -3.12
N ASP B 252 -1.26 7.30 -2.56
CA ASP B 252 -2.50 7.82 -3.12
C ASP B 252 -2.26 8.39 -4.53
N CYS B 253 -1.09 9.01 -4.70
CA CYS B 253 -0.71 9.54 -6.00
C CYS B 253 -0.57 8.41 -7.01
N TYR B 254 0.12 7.36 -6.59
CA TYR B 254 0.21 6.16 -7.39
C TYR B 254 -1.16 5.66 -7.80
N LEU B 255 -2.07 5.52 -6.83
CA LEU B 255 -3.39 4.96 -7.10
C LEU B 255 -4.16 5.91 -8.01
N CYS B 256 -3.96 7.21 -7.82
CA CYS B 256 -4.66 8.12 -8.69
C CYS B 256 -4.08 8.01 -10.12
N ASN B 257 -2.75 7.86 -10.28
CA ASN B 257 -2.21 7.72 -11.62
C ASN B 257 -2.81 6.49 -12.28
N ARG B 258 -2.81 5.40 -11.52
CA ARG B 258 -3.38 4.12 -11.96
C ARG B 258 -4.81 4.30 -12.46
N GLY B 259 -5.62 5.00 -11.67
CA GLY B 259 -6.96 5.36 -12.08
C GLY B 259 -7.00 6.06 -13.44
N LEU B 260 -6.05 6.95 -13.66
CA LEU B 260 -6.05 7.80 -14.86
C LEU B 260 -5.98 6.99 -16.15
N LYS B 261 -5.39 5.81 -16.08
CA LYS B 261 -5.05 5.10 -17.29
C LYS B 261 -6.25 4.40 -17.87
N THR B 262 -7.34 4.39 -17.11
CA THR B 262 -8.63 3.90 -17.59
C THR B 262 -9.64 5.04 -17.67
N LEU B 263 -9.20 6.28 -17.47
CA LEU B 263 -10.14 7.41 -17.45
C LEU B 263 -10.97 7.49 -18.74
N HIS B 264 -10.33 7.42 -19.90
CA HIS B 264 -11.05 7.47 -21.15
C HIS B 264 -12.06 6.33 -21.30
N VAL B 265 -11.69 5.08 -21.00
CA VAL B 265 -12.68 4.01 -21.18
C VAL B 265 -13.75 4.06 -20.09
N ARG B 266 -13.41 4.56 -18.90
CA ARG B 266 -14.41 4.72 -17.83
C ARG B 266 -15.43 5.81 -18.19
N MET B 267 -14.95 6.97 -18.64
CA MET B 267 -15.84 8.09 -18.91
C MET B 267 -16.78 7.81 -20.10
N GLU B 268 -16.30 7.10 -21.11
CA GLU B 268 -17.18 6.79 -22.23
C GLU B 268 -18.33 5.95 -21.71
N LYS B 269 -18.05 5.00 -20.81
CA LYS B 269 -19.12 4.17 -20.26
C LYS B 269 -20.02 4.95 -19.31
N HIS B 270 -19.47 5.91 -18.55
CA HIS B 270 -20.29 6.75 -17.69
C HIS B 270 -21.27 7.56 -18.56
N PHE B 271 -20.79 8.02 -19.71
CA PHE B 271 -21.62 8.76 -20.68
C PHE B 271 -22.81 7.90 -21.19
N LYS B 272 -22.53 6.70 -21.68
CA LYS B 272 -23.58 5.80 -22.15
C LYS B 272 -24.60 5.48 -21.06
N ASN B 273 -24.13 5.03 -19.91
CA ASN B 273 -25.02 4.65 -18.81
C ASN B 273 -25.81 5.83 -18.28
N GLY B 274 -25.12 6.97 -18.15
CA GLY B 274 -25.73 8.18 -17.64
C GLY B 274 -26.84 8.67 -18.54
N MET B 275 -26.59 8.66 -19.84
CA MET B 275 -27.59 9.03 -20.84
C MET B 275 -28.81 8.10 -20.77
N ALA B 276 -28.55 6.79 -20.64
CA ALA B 276 -29.63 5.81 -20.52
C ALA B 276 -30.48 6.04 -19.27
N VAL B 277 -29.82 6.31 -18.15
CA VAL B 277 -30.51 6.59 -16.89
C VAL B 277 -31.35 7.87 -16.99
N ALA B 278 -30.75 8.93 -17.50
CA ALA B 278 -31.45 10.20 -17.71
C ALA B 278 -32.74 10.03 -18.53
N GLN B 279 -32.62 9.38 -19.68
CA GLN B 279 -33.79 9.15 -20.53
C GLN B 279 -34.84 8.29 -19.84
N PHE B 280 -34.40 7.21 -19.18
CA PHE B 280 -35.33 6.39 -18.41
C PHE B 280 -36.11 7.21 -17.39
N LEU B 281 -35.39 8.02 -16.61
CA LEU B 281 -36.04 8.83 -15.58
C LEU B 281 -37.03 9.84 -16.18
N GLU B 282 -36.65 10.46 -17.30
CA GLU B 282 -37.44 11.51 -17.93
C GLU B 282 -38.78 11.02 -18.46
N SER B 283 -38.91 9.74 -18.79
CA SER B 283 -40.21 9.26 -19.24
C SER B 283 -40.91 8.42 -18.18
N ASN B 284 -40.38 8.45 -16.96
CA ASN B 284 -40.96 7.73 -15.82
C ASN B 284 -42.00 8.56 -15.07
N PRO B 285 -43.19 7.98 -14.85
CA PRO B 285 -44.32 8.71 -14.26
C PRO B 285 -44.13 9.17 -12.81
N TRP B 286 -43.19 8.58 -12.08
CA TRP B 286 -43.00 8.98 -10.68
C TRP B 286 -41.91 10.05 -10.52
N VAL B 287 -41.42 10.53 -11.67
CA VAL B 287 -40.34 11.51 -11.71
C VAL B 287 -40.87 12.85 -12.22
N GLU B 288 -40.65 13.89 -11.42
CA GLU B 288 -41.19 15.21 -11.73
C GLU B 288 -40.37 15.95 -12.80
N LYS B 289 -39.05 15.83 -12.72
CA LYS B 289 -38.15 16.56 -13.62
C LYS B 289 -36.75 15.93 -13.61
N VAL B 290 -36.09 15.95 -14.77
CA VAL B 290 -34.72 15.45 -14.87
C VAL B 290 -33.77 16.54 -15.33
N ILE B 291 -32.61 16.62 -14.68
CA ILE B 291 -31.54 17.53 -15.06
C ILE B 291 -30.28 16.74 -15.46
N TYR B 292 -30.07 16.61 -16.76
CA TYR B 292 -28.88 15.96 -17.29
C TYR B 292 -28.34 16.73 -18.49
N PRO B 293 -27.09 17.22 -18.40
CA PRO B 293 -26.54 18.05 -19.48
C PRO B 293 -26.69 17.44 -20.87
N GLY B 294 -26.72 16.11 -20.94
CA GLY B 294 -26.86 15.42 -22.21
C GLY B 294 -28.27 15.37 -22.79
N LEU B 295 -29.25 15.76 -22.00
CA LEU B 295 -30.64 15.79 -22.49
C LEU B 295 -31.04 17.15 -23.08
N PRO B 296 -31.78 17.14 -24.21
CA PRO B 296 -32.25 18.37 -24.86
C PRO B 296 -33.11 19.22 -23.92
N SER B 297 -33.63 18.57 -22.87
CA SER B 297 -34.46 19.26 -21.89
C SER B 297 -33.63 20.15 -20.96
N HIS B 298 -32.32 19.94 -20.93
CA HIS B 298 -31.45 20.74 -20.08
C HIS B 298 -31.33 22.13 -20.67
N PRO B 299 -31.56 23.17 -19.86
CA PRO B 299 -31.62 24.54 -20.37
C PRO B 299 -30.33 24.99 -21.04
N GLN B 300 -29.19 24.40 -20.68
CA GLN B 300 -27.93 24.77 -21.31
C GLN B 300 -27.33 23.64 -22.13
N HIS B 301 -28.18 22.72 -22.55
CA HIS B 301 -27.78 21.61 -23.43
C HIS B 301 -26.93 22.05 -24.62
N GLU B 302 -27.31 23.14 -25.28
CA GLU B 302 -26.57 23.55 -26.48
C GLU B 302 -25.20 24.08 -26.14
N LEU B 303 -25.09 24.77 -25.01
CA LEU B 303 -23.80 25.23 -24.52
C LEU B 303 -22.94 24.02 -24.13
N VAL B 304 -23.56 23.01 -23.57
CA VAL B 304 -22.82 21.82 -23.16
C VAL B 304 -22.12 21.20 -24.36
N LYS B 305 -22.84 21.12 -25.48
CA LYS B 305 -22.26 20.58 -26.70
C LYS B 305 -21.17 21.47 -27.29
N ARG B 306 -21.22 22.78 -27.01
CA ARG B 306 -20.21 23.69 -27.55
C ARG B 306 -18.91 23.67 -26.75
N GLN B 307 -18.98 23.47 -25.44
CA GLN B 307 -17.72 23.49 -24.68
C GLN B 307 -17.33 22.12 -24.11
N CYS B 308 -18.07 21.06 -24.44
CA CYS B 308 -17.69 19.71 -23.98
C CYS B 308 -17.69 18.67 -25.11
N THR B 309 -16.97 17.55 -24.90
CA THR B 309 -16.87 16.47 -25.89
C THR B 309 -17.78 15.29 -25.56
N GLY B 310 -18.57 15.45 -24.49
CA GLY B 310 -19.50 14.43 -24.05
C GLY B 310 -19.91 14.75 -22.62
N CYS B 311 -20.68 13.87 -22.00
CA CYS B 311 -21.20 14.13 -20.66
C CYS B 311 -20.89 12.95 -19.74
N THR B 312 -21.06 13.14 -18.44
CA THR B 312 -20.66 12.10 -17.50
C THR B 312 -21.85 11.32 -16.92
N GLY B 313 -21.62 10.67 -15.79
CA GLY B 313 -22.64 9.83 -15.17
C GLY B 313 -23.45 10.52 -14.09
N MET B 314 -23.24 11.83 -13.91
CA MET B 314 -23.99 12.58 -12.91
C MET B 314 -25.39 12.90 -13.41
N VAL B 315 -26.40 12.35 -12.76
CA VAL B 315 -27.78 12.63 -13.15
C VAL B 315 -28.57 13.14 -11.96
N THR B 316 -29.23 14.29 -12.11
CA THR B 316 -30.01 14.88 -11.05
C THR B 316 -31.49 14.82 -11.42
N PHE B 317 -32.35 14.38 -10.50
CA PHE B 317 -33.78 14.47 -10.77
C PHE B 317 -34.54 14.84 -9.51
N TYR B 318 -35.77 15.30 -9.72
CA TYR B 318 -36.73 15.52 -8.66
C TYR B 318 -37.74 14.39 -8.66
N ILE B 319 -37.86 13.67 -7.55
CA ILE B 319 -38.89 12.65 -7.45
C ILE B 319 -40.20 13.37 -7.11
N LYS B 320 -41.33 12.87 -7.63
CA LYS B 320 -42.61 13.43 -7.26
C LYS B 320 -42.89 13.15 -5.80
N GLY B 321 -43.76 13.96 -5.20
CA GLY B 321 -44.14 13.73 -3.83
C GLY B 321 -43.31 14.49 -2.82
N THR B 322 -42.97 13.82 -1.73
CA THR B 322 -42.29 14.47 -0.60
C THR B 322 -40.99 13.80 -0.20
N LEU B 323 -40.38 14.37 0.83
CA LEU B 323 -39.15 13.86 1.44
C LEU B 323 -39.28 12.39 1.80
N GLN B 324 -40.46 12.02 2.28
CA GLN B 324 -40.79 10.64 2.58
C GLN B 324 -40.58 9.73 1.36
N HIS B 325 -41.07 10.17 0.22
CA HIS B 325 -40.97 9.42 -1.04
C HIS B 325 -39.52 9.31 -1.53
N ALA B 326 -38.77 10.39 -1.40
CA ALA B 326 -37.36 10.37 -1.77
C ALA B 326 -36.56 9.41 -0.89
N GLU B 327 -36.87 9.38 0.40
CA GLU B 327 -36.19 8.48 1.34
C GLU B 327 -36.48 7.02 1.03
N ILE B 328 -37.74 6.74 0.70
CA ILE B 328 -38.16 5.39 0.39
C ILE B 328 -37.53 4.91 -0.92
N PHE B 329 -37.45 5.80 -1.90
CA PHE B 329 -36.76 5.49 -3.14
C PHE B 329 -35.33 5.06 -2.85
N LEU B 330 -34.64 5.86 -2.06
CA LEU B 330 -33.22 5.66 -1.85
C LEU B 330 -32.91 4.38 -1.08
N LYS B 331 -33.74 4.11 -0.06
CA LYS B 331 -33.58 2.94 0.81
C LYS B 331 -33.97 1.65 0.11
N ASN B 332 -34.67 1.77 -1.02
CA ASN B 332 -35.13 0.61 -1.75
C ASN B 332 -34.20 0.23 -2.90
N LEU B 333 -33.18 1.04 -3.13
CA LEU B 333 -32.20 0.71 -4.17
C LEU B 333 -31.41 -0.54 -3.79
N LYS B 334 -31.27 -1.45 -4.74
CA LYS B 334 -30.55 -2.70 -4.52
C LYS B 334 -29.18 -2.73 -5.20
N LEU B 335 -28.98 -1.88 -6.21
CA LEU B 335 -27.73 -1.88 -6.96
C LEU B 335 -26.98 -0.56 -6.81
N PHE B 336 -27.69 0.55 -7.02
CA PHE B 336 -27.20 1.85 -6.58
C PHE B 336 -26.95 1.74 -5.08
N THR B 337 -25.93 2.43 -4.59
CA THR B 337 -25.69 2.46 -3.15
C THR B 337 -26.00 3.83 -2.56
N LEU B 338 -26.91 3.85 -1.58
CA LEU B 338 -27.18 5.07 -0.84
C LEU B 338 -25.92 5.47 -0.07
N ALA B 339 -25.22 6.48 -0.58
CA ALA B 339 -23.92 6.90 -0.04
C ALA B 339 -23.51 8.22 -0.67
N GLU B 340 -22.57 8.93 -0.05
CA GLU B 340 -22.10 10.18 -0.63
C GLU B 340 -20.95 9.93 -1.62
N SER B 341 -20.38 11.02 -2.14
CA SER B 341 -19.33 11.02 -3.15
C SER B 341 -19.87 10.72 -4.55
N LEU B 342 -18.96 10.63 -5.51
CA LEU B 342 -19.37 10.37 -6.89
C LEU B 342 -18.19 9.96 -7.75
N GLY B 343 -18.48 9.64 -9.00
CA GLY B 343 -17.45 9.40 -9.98
C GLY B 343 -16.69 8.09 -9.84
N GLY B 344 -17.26 7.13 -9.12
CA GLY B 344 -16.63 5.83 -8.98
C GLY B 344 -17.17 4.87 -10.03
N PHE B 345 -16.60 3.66 -10.10
CA PHE B 345 -17.13 2.61 -10.97
C PHE B 345 -18.50 2.16 -10.49
N GLU B 346 -18.74 2.33 -9.20
CA GLU B 346 -19.96 1.84 -8.59
C GLU B 346 -21.01 2.95 -8.56
N SER B 347 -22.27 2.58 -8.79
CA SER B 347 -23.37 3.56 -8.83
C SER B 347 -23.77 4.03 -7.43
N LEU B 348 -23.91 5.35 -7.28
CA LEU B 348 -24.24 5.95 -5.99
C LEU B 348 -25.47 6.82 -6.11
N ALA B 349 -26.20 6.93 -4.99
CA ALA B 349 -27.39 7.77 -4.94
C ALA B 349 -27.44 8.49 -3.58
N GLU B 350 -27.89 9.74 -3.58
CA GLU B 350 -27.86 10.62 -2.42
C GLU B 350 -29.04 11.60 -2.43
N LEU B 351 -29.39 12.16 -1.27
CA LEU B 351 -30.29 13.30 -1.20
C LEU B 351 -29.57 14.56 -0.66
N PRO B 352 -29.03 15.40 -1.57
CA PRO B 352 -28.13 16.51 -1.25
C PRO B 352 -28.57 17.40 -0.08
N ALA B 353 -29.86 17.75 -0.01
CA ALA B 353 -30.31 18.72 0.99
C ALA B 353 -29.97 18.30 2.41
N ILE B 354 -29.90 17.01 2.68
CA ILE B 354 -29.66 16.54 4.05
C ILE B 354 -28.39 15.70 4.15
N MET B 355 -27.63 15.65 3.07
CA MET B 355 -26.39 14.89 3.07
C MET B 355 -25.24 15.80 2.63
N THR B 356 -24.80 15.72 1.37
CA THR B 356 -23.64 16.52 0.92
C THR B 356 -23.85 18.03 1.01
N HIS B 357 -25.09 18.49 0.95
CA HIS B 357 -25.32 19.92 0.91
C HIS B 357 -26.10 20.43 2.13
N ALA B 358 -26.12 19.62 3.18
CA ALA B 358 -26.61 20.07 4.49
C ALA B 358 -25.76 21.24 4.98
N SER B 359 -24.52 21.30 4.52
CA SER B 359 -23.62 22.40 4.83
C SER B 359 -24.01 23.71 4.13
N VAL B 360 -24.97 23.64 3.20
CA VAL B 360 -25.51 24.84 2.58
C VAL B 360 -26.72 25.32 3.37
N LEU B 361 -26.74 26.60 3.74
CA LEU B 361 -27.85 27.18 4.52
C LEU B 361 -29.19 26.88 3.86
N LYS B 362 -30.20 26.55 4.67
CA LYS B 362 -31.48 26.10 4.14
C LYS B 362 -32.14 27.14 3.22
N ASN B 363 -31.98 28.41 3.56
CA ASN B 363 -32.53 29.46 2.71
C ASN B 363 -31.83 29.49 1.36
N ASP B 364 -30.51 29.28 1.38
CA ASP B 364 -29.74 29.23 0.16
C ASP B 364 -30.13 28.00 -0.65
N ARG B 365 -30.46 26.93 0.06
CA ARG B 365 -30.93 25.69 -0.56
C ARG B 365 -32.23 25.89 -1.33
N ASP B 366 -33.18 26.59 -0.71
CA ASP B 366 -34.46 26.92 -1.35
C ASP B 366 -34.28 27.80 -2.61
N VAL B 367 -33.43 28.81 -2.52
CA VAL B 367 -33.16 29.68 -3.66
C VAL B 367 -32.60 28.89 -4.82
N LEU B 368 -31.74 27.92 -4.52
CA LEU B 368 -31.03 27.15 -5.56
C LEU B 368 -31.87 26.02 -6.13
N GLY B 369 -32.93 25.64 -5.41
CA GLY B 369 -33.77 24.54 -5.83
C GLY B 369 -33.33 23.20 -5.25
N ILE B 370 -32.46 23.24 -4.24
CA ILE B 370 -32.04 22.01 -3.57
C ILE B 370 -33.06 21.60 -2.51
N SER B 371 -34.18 21.03 -2.97
CA SER B 371 -35.30 20.67 -2.11
C SER B 371 -35.13 19.29 -1.49
N ASP B 372 -36.13 18.87 -0.71
CA ASP B 372 -36.10 17.55 -0.11
C ASP B 372 -36.38 16.45 -1.14
N THR B 373 -36.76 16.83 -2.35
CA THR B 373 -37.07 15.84 -3.36
C THR B 373 -36.06 15.80 -4.50
N LEU B 374 -35.02 16.63 -4.42
CA LEU B 374 -33.91 16.56 -5.38
C LEU B 374 -32.96 15.40 -5.02
N ILE B 375 -32.87 14.44 -5.92
CA ILE B 375 -32.01 13.28 -5.74
C ILE B 375 -30.87 13.33 -6.76
N ARG B 376 -29.66 13.01 -6.31
CA ARG B 376 -28.49 13.03 -7.18
C ARG B 376 -28.00 11.60 -7.40
N LEU B 377 -27.88 11.21 -8.67
CA LEU B 377 -27.33 9.92 -9.01
C LEU B 377 -25.91 10.09 -9.56
N SER B 378 -25.02 9.21 -9.12
CA SER B 378 -23.74 9.03 -9.78
C SER B 378 -23.78 7.67 -10.44
N VAL B 379 -24.03 7.67 -11.75
CA VAL B 379 -24.21 6.44 -12.51
C VAL B 379 -22.85 5.86 -12.83
N GLY B 380 -22.60 4.65 -12.33
CA GLY B 380 -21.33 3.97 -12.50
C GLY B 380 -21.27 3.10 -13.74
N LEU B 381 -20.47 2.03 -13.70
CA LEU B 381 -20.13 1.31 -14.91
C LEU B 381 -20.80 -0.06 -15.03
N GLU B 382 -21.82 -0.29 -14.21
CA GLU B 382 -22.53 -1.57 -14.22
C GLU B 382 -23.32 -1.77 -15.53
N ASP B 383 -23.99 -2.91 -15.65
CA ASP B 383 -24.79 -3.16 -16.84
C ASP B 383 -25.99 -2.23 -16.86
N GLU B 384 -26.22 -1.60 -18.01
CA GLU B 384 -27.28 -0.61 -18.16
C GLU B 384 -28.63 -1.14 -17.71
N GLU B 385 -29.00 -2.32 -18.16
CA GLU B 385 -30.31 -2.87 -17.86
C GLU B 385 -30.49 -3.11 -16.36
N ASP B 386 -29.42 -3.45 -15.65
CA ASP B 386 -29.55 -3.70 -14.22
C ASP B 386 -29.75 -2.37 -13.50
N LEU B 387 -29.03 -1.36 -13.95
CA LEU B 387 -29.16 -0.02 -13.44
C LEU B 387 -30.58 0.48 -13.60
N LEU B 388 -31.11 0.39 -14.82
CA LEU B 388 -32.48 0.81 -15.10
C LEU B 388 -33.49 -0.01 -14.30
N GLU B 389 -33.28 -1.32 -14.24
CA GLU B 389 -34.17 -2.16 -13.46
C GLU B 389 -34.19 -1.73 -11.98
N ASP B 390 -33.04 -1.37 -11.43
CA ASP B 390 -32.95 -0.96 -10.04
C ASP B 390 -33.76 0.32 -9.75
N LEU B 391 -33.53 1.33 -10.59
CA LEU B 391 -34.27 2.59 -10.52
C LEU B 391 -35.78 2.38 -10.63
N ASP B 392 -36.17 1.47 -11.51
CA ASP B 392 -37.56 1.16 -11.76
C ASP B 392 -38.28 0.56 -10.52
N GLN B 393 -37.71 -0.51 -9.95
CA GLN B 393 -38.31 -1.16 -8.77
C GLN B 393 -38.28 -0.24 -7.55
N ALA B 394 -37.25 0.61 -7.46
CA ALA B 394 -37.16 1.54 -6.34
C ALA B 394 -38.23 2.64 -6.44
N LEU B 395 -38.46 3.16 -7.65
CA LEU B 395 -39.49 4.19 -7.83
C LEU B 395 -40.88 3.61 -7.57
N LYS B 396 -41.08 2.38 -8.04
CA LYS B 396 -42.31 1.65 -7.77
C LYS B 396 -42.52 1.49 -6.27
N ALA B 397 -41.42 1.26 -5.54
CA ALA B 397 -41.48 1.08 -4.10
C ALA B 397 -42.02 2.33 -3.40
N ALA B 398 -41.55 3.49 -3.84
CA ALA B 398 -42.02 4.76 -3.29
C ALA B 398 -43.37 5.16 -3.87
N HIS B 399 -43.62 4.79 -5.13
CA HIS B 399 -44.79 5.20 -5.94
C HIS B 399 -45.57 6.43 -5.45
N PRO B 400 -44.95 7.62 -5.53
CA PRO B 400 -45.59 8.91 -5.21
C PRO B 400 -46.71 9.28 -6.21
N PRO B 401 -47.48 10.36 -5.94
CA PRO B 401 -48.53 10.77 -6.90
C PRO B 401 -47.97 11.23 -8.24
N GLY C 11 -20.79 -12.12 -35.35
CA GLY C 11 -20.92 -13.58 -35.34
C GLY C 11 -20.42 -14.26 -34.08
N PHE C 12 -20.01 -13.49 -33.08
CA PHE C 12 -19.52 -14.04 -31.81
C PHE C 12 -20.63 -14.48 -30.85
N LEU C 13 -20.28 -15.32 -29.87
CA LEU C 13 -21.16 -15.58 -28.73
C LEU C 13 -21.66 -14.27 -28.14
N PRO C 14 -22.94 -14.23 -27.77
CA PRO C 14 -23.45 -13.03 -27.09
C PRO C 14 -22.67 -12.78 -25.79
N HIS C 15 -22.51 -11.51 -25.42
CA HIS C 15 -21.78 -11.18 -24.18
C HIS C 15 -22.50 -11.79 -22.99
N PHE C 16 -21.73 -12.20 -21.99
CA PHE C 16 -22.30 -12.82 -20.80
C PHE C 16 -23.10 -11.78 -20.02
N GLN C 17 -24.28 -12.15 -19.56
CA GLN C 17 -25.18 -11.18 -18.96
C GLN C 17 -24.68 -10.79 -17.57
N HIS C 18 -24.96 -9.56 -17.16
CA HIS C 18 -24.65 -9.06 -15.82
C HIS C 18 -23.16 -9.02 -15.48
N PHE C 19 -22.30 -9.22 -16.48
CA PHE C 19 -20.86 -9.33 -16.21
C PHE C 19 -20.31 -8.10 -15.52
N ALA C 20 -20.72 -6.90 -15.95
CA ALA C 20 -20.15 -5.68 -15.40
C ALA C 20 -20.65 -5.44 -13.99
N THR C 21 -21.94 -5.66 -13.81
CA THR C 21 -22.55 -5.59 -12.52
C THR C 21 -21.86 -6.53 -11.53
N GLN C 22 -21.62 -7.76 -11.96
CA GLN C 22 -20.95 -8.74 -11.10
C GLN C 22 -19.50 -8.35 -10.80
N ALA C 23 -18.77 -7.89 -11.82
CA ALA C 23 -17.37 -7.49 -11.62
C ALA C 23 -17.22 -6.38 -10.60
N ILE C 24 -18.20 -5.48 -10.56
CA ILE C 24 -18.16 -4.34 -9.66
C ILE C 24 -18.72 -4.69 -8.27
N HIS C 25 -19.64 -5.65 -8.18
CA HIS C 25 -20.33 -5.86 -6.89
C HIS C 25 -20.15 -7.23 -6.19
N VAL C 26 -19.82 -8.29 -6.91
CA VAL C 26 -19.69 -9.58 -6.22
C VAL C 26 -18.49 -9.53 -5.28
N GLY C 27 -18.72 -9.82 -4.01
CA GLY C 27 -17.66 -9.79 -3.03
C GLY C 27 -17.52 -8.44 -2.34
N GLN C 28 -18.25 -7.43 -2.84
CA GLN C 28 -18.03 -6.05 -2.39
C GLN C 28 -19.18 -5.50 -1.51
N ASP C 29 -20.03 -6.40 -1.00
CA ASP C 29 -21.20 -5.99 -0.20
C ASP C 29 -20.75 -5.22 1.05
N PRO C 30 -21.22 -3.98 1.20
CA PRO C 30 -20.83 -3.14 2.35
C PRO C 30 -21.21 -3.76 3.69
N GLU C 31 -22.24 -4.60 3.69
CA GLU C 31 -22.75 -5.22 4.92
C GLU C 31 -21.75 -6.19 5.55
N GLN C 32 -20.67 -6.49 4.84
CA GLN C 32 -19.59 -7.32 5.36
C GLN C 32 -18.78 -6.61 6.43
N TRP C 33 -18.76 -5.29 6.37
CA TRP C 33 -17.86 -4.52 7.21
C TRP C 33 -18.66 -3.70 8.20
N THR C 34 -18.18 -3.63 9.43
CA THR C 34 -18.87 -2.86 10.46
C THR C 34 -19.06 -1.38 10.04
N SER C 35 -18.14 -0.85 9.22
CA SER C 35 -18.21 0.53 8.73
C SER C 35 -19.12 0.72 7.52
N ARG C 36 -19.53 -0.39 6.90
CA ARG C 36 -20.32 -0.38 5.67
C ARG C 36 -19.59 0.33 4.53
N ALA C 37 -18.25 0.20 4.51
CA ALA C 37 -17.41 0.68 3.41
C ALA C 37 -17.87 0.12 2.06
N VAL C 38 -17.97 1.00 1.08
CA VAL C 38 -18.41 0.63 -0.26
C VAL C 38 -17.28 -0.11 -1.01
N VAL C 39 -16.04 0.17 -0.63
CA VAL C 39 -14.91 -0.61 -1.14
C VAL C 39 -14.28 -1.41 0.00
N PRO C 40 -14.10 -2.73 -0.18
CA PRO C 40 -13.59 -3.58 0.90
C PRO C 40 -12.25 -3.11 1.47
N PRO C 41 -12.13 -3.02 2.81
CA PRO C 41 -10.83 -2.68 3.41
C PRO C 41 -9.73 -3.68 3.04
N ILE C 42 -8.48 -3.24 3.14
CA ILE C 42 -7.34 -4.11 2.91
C ILE C 42 -6.92 -4.68 4.25
N SER C 43 -7.15 -5.97 4.45
CA SER C 43 -6.83 -6.60 5.71
C SER C 43 -5.48 -7.31 5.63
N LEU C 44 -4.47 -6.70 6.25
CA LEU C 44 -3.14 -7.27 6.26
C LEU C 44 -2.93 -8.23 7.43
N SER C 45 -3.78 -8.16 8.44
CA SER C 45 -3.58 -8.91 9.68
C SER C 45 -3.29 -10.39 9.40
N THR C 46 -2.16 -10.87 9.90
CA THR C 46 -1.80 -12.26 9.75
C THR C 46 -2.74 -13.18 10.52
N THR C 47 -3.31 -12.66 11.60
CA THR C 47 -4.04 -13.52 12.51
C THR C 47 -5.28 -12.81 13.10
N PHE C 48 -6.15 -13.62 13.71
CA PHE C 48 -7.49 -13.18 14.08
C PHE C 48 -7.82 -13.74 15.46
N LYS C 49 -8.54 -12.95 16.24
CA LYS C 49 -8.93 -13.36 17.58
C LYS C 49 -10.03 -14.43 17.52
N GLN C 50 -9.87 -15.49 18.31
CA GLN C 50 -10.82 -16.60 18.35
C GLN C 50 -11.54 -16.61 19.70
N GLY C 51 -12.83 -16.94 19.68
CA GLY C 51 -13.64 -16.85 20.89
C GLY C 51 -13.37 -18.02 21.82
N ALA C 52 -12.99 -19.15 21.22
CA ALA C 52 -12.70 -20.37 21.96
C ALA C 52 -11.69 -21.21 21.17
N PRO C 53 -10.79 -21.92 21.87
CA PRO C 53 -9.77 -22.68 21.17
C PRO C 53 -10.38 -23.69 20.19
N GLY C 54 -10.06 -23.54 18.91
CA GLY C 54 -10.27 -24.62 17.96
C GLY C 54 -11.63 -24.72 17.30
N GLN C 55 -12.43 -23.68 17.40
CA GLN C 55 -13.62 -23.61 16.54
C GLN C 55 -13.52 -22.52 15.47
N HIS C 56 -14.17 -22.86 14.39
CA HIS C 56 -13.90 -22.52 13.01
C HIS C 56 -15.13 -21.83 12.45
N SER C 57 -15.38 -20.64 12.98
CA SER C 57 -16.55 -19.89 12.64
C SER C 57 -16.14 -18.46 12.32
N GLY C 58 -14.90 -18.31 11.85
CA GLY C 58 -14.35 -17.03 11.45
C GLY C 58 -12.99 -17.28 10.84
N PHE C 59 -12.24 -16.22 10.60
CA PHE C 59 -10.91 -16.34 10.08
C PHE C 59 -9.95 -16.82 11.16
N GLU C 60 -8.84 -17.42 10.76
CA GLU C 60 -7.88 -17.91 11.75
C GLU C 60 -6.46 -17.45 11.45
N TYR C 61 -6.10 -17.48 10.17
CA TYR C 61 -4.73 -17.17 9.77
C TYR C 61 -4.73 -16.78 8.29
N SER C 62 -4.05 -15.69 7.96
CA SER C 62 -4.14 -15.05 6.64
C SER C 62 -3.84 -16.03 5.48
N ARG C 63 -2.84 -16.88 5.66
CA ARG C 63 -2.51 -17.86 4.62
C ARG C 63 -3.72 -18.74 4.28
N SER C 64 -4.51 -19.13 5.30
CA SER C 64 -5.67 -20.01 5.09
C SER C 64 -6.92 -19.30 4.51
N GLY C 65 -7.06 -18.02 4.84
CA GLY C 65 -8.17 -17.23 4.37
C GLY C 65 -8.06 -15.85 5.00
N ASN C 66 -8.46 -14.84 4.25
CA ASN C 66 -8.48 -13.48 4.81
C ASN C 66 -9.47 -12.66 3.99
N PRO C 67 -10.08 -11.62 4.62
CA PRO C 67 -11.20 -10.91 3.99
C PRO C 67 -10.96 -10.41 2.56
N THR C 68 -9.85 -9.74 2.33
CA THR C 68 -9.58 -9.14 1.02
C THR C 68 -9.37 -10.18 -0.07
N ARG C 69 -8.64 -11.24 0.25
CA ARG C 69 -8.49 -12.37 -0.68
C ARG C 69 -9.81 -13.07 -0.97
N ASN C 70 -10.56 -13.38 0.10
CA ASN C 70 -11.87 -14.01 -0.06
C ASN C 70 -12.84 -13.18 -0.92
N CYS C 71 -12.84 -11.85 -0.75
CA CYS C 71 -13.65 -10.98 -1.62
C CYS C 71 -13.25 -11.09 -3.09
N LEU C 72 -11.95 -11.10 -3.36
CA LEU C 72 -11.45 -11.22 -4.72
C LEU C 72 -11.85 -12.57 -5.32
N GLU C 73 -11.62 -13.64 -4.58
CA GLU C 73 -11.98 -14.97 -5.05
C GLU C 73 -13.48 -15.07 -5.40
N LYS C 74 -14.32 -14.50 -4.54
CA LYS C 74 -15.76 -14.48 -4.79
C LYS C 74 -16.07 -13.79 -6.13
N ALA C 75 -15.44 -12.63 -6.35
CA ALA C 75 -15.67 -11.86 -7.56
C ALA C 75 -15.25 -12.61 -8.83
N VAL C 76 -14.05 -13.19 -8.82
CA VAL C 76 -13.52 -13.90 -9.98
C VAL C 76 -14.34 -15.15 -10.28
N ALA C 77 -14.72 -15.89 -9.23
CA ALA C 77 -15.58 -17.06 -9.40
C ALA C 77 -16.82 -16.68 -10.18
N ALA C 78 -17.45 -15.58 -9.79
CA ALA C 78 -18.63 -15.10 -10.51
C ALA C 78 -18.36 -14.79 -11.98
N LEU C 79 -17.28 -14.08 -12.26
CA LEU C 79 -16.96 -13.72 -13.64
C LEU C 79 -16.71 -14.94 -14.50
N ASP C 80 -16.20 -16.01 -13.87
CA ASP C 80 -15.97 -17.29 -14.55
C ASP C 80 -17.21 -18.16 -14.60
N GLY C 81 -18.28 -17.73 -13.94
CA GLY C 81 -19.46 -18.56 -13.80
C GLY C 81 -19.22 -19.76 -12.90
N ALA C 82 -18.25 -19.63 -11.98
CA ALA C 82 -17.83 -20.72 -11.10
C ALA C 82 -18.41 -20.61 -9.69
N LYS C 83 -18.45 -21.73 -8.97
CA LYS C 83 -18.85 -21.74 -7.55
C LYS C 83 -17.71 -21.21 -6.69
N TYR C 84 -16.48 -21.54 -7.06
CA TYR C 84 -15.31 -21.25 -6.22
C TYR C 84 -14.15 -20.68 -7.03
N CYS C 85 -13.28 -19.96 -6.34
CA CYS C 85 -12.02 -19.50 -6.94
C CYS C 85 -10.96 -19.45 -5.87
N LEU C 86 -9.72 -19.69 -6.28
CA LEU C 86 -8.59 -19.65 -5.37
C LEU C 86 -7.51 -18.74 -5.97
N ALA C 87 -6.98 -17.83 -5.15
CA ALA C 87 -5.92 -16.92 -5.60
C ALA C 87 -4.53 -17.36 -5.13
N PHE C 88 -3.54 -17.08 -5.97
CA PHE C 88 -2.17 -17.53 -5.72
C PHE C 88 -1.16 -16.42 -6.02
N ALA C 89 0.08 -16.63 -5.57
CA ALA C 89 1.18 -15.66 -5.68
C ALA C 89 1.63 -15.33 -7.10
N SER C 90 1.23 -16.16 -8.06
CA SER C 90 1.54 -15.95 -9.48
C SER C 90 0.80 -17.00 -10.31
N GLY C 91 0.77 -16.80 -11.62
CA GLY C 91 0.16 -17.77 -12.51
C GLY C 91 0.91 -19.10 -12.40
N LEU C 92 2.23 -19.03 -12.37
CA LEU C 92 3.03 -20.25 -12.27
C LEU C 92 2.72 -20.98 -10.97
N ALA C 93 2.51 -20.23 -9.87
CA ALA C 93 2.24 -20.85 -8.58
C ALA C 93 0.87 -21.51 -8.58
N ALA C 94 -0.02 -20.99 -9.41
CA ALA C 94 -1.32 -21.60 -9.61
C ALA C 94 -1.13 -22.94 -10.33
N THR C 95 -0.24 -22.95 -11.32
CA THR C 95 0.04 -24.17 -12.08
C THR C 95 0.69 -25.23 -11.17
N VAL C 96 1.66 -24.77 -10.36
CA VAL C 96 2.32 -25.63 -9.39
C VAL C 96 1.30 -26.24 -8.44
N THR C 97 0.39 -25.42 -7.93
CA THR C 97 -0.61 -25.88 -6.96
C THR C 97 -1.57 -26.87 -7.62
N ILE C 98 -2.03 -26.57 -8.82
CA ILE C 98 -2.90 -27.54 -9.52
C ILE C 98 -2.18 -28.88 -9.76
N THR C 99 -0.89 -28.81 -10.07
CA THR C 99 -0.15 -30.02 -10.40
C THR C 99 0.00 -30.92 -9.16
N HIS C 100 -0.03 -30.31 -7.97
CA HIS C 100 0.04 -31.06 -6.71
C HIS C 100 -1.27 -31.81 -6.37
N LEU C 101 -2.28 -31.65 -7.22
CA LEU C 101 -3.50 -32.46 -7.13
C LEU C 101 -3.20 -33.91 -7.45
N LEU C 102 -2.11 -34.14 -8.16
CA LEU C 102 -1.81 -35.47 -8.67
C LEU C 102 -0.95 -36.24 -7.68
N LYS C 103 -0.40 -37.36 -8.15
CA LYS C 103 0.47 -38.18 -7.33
C LYS C 103 1.43 -38.90 -8.26
N ALA C 104 2.51 -39.44 -7.69
CA ALA C 104 3.52 -40.16 -8.45
C ALA C 104 2.87 -41.27 -9.27
N GLY C 105 3.27 -41.38 -10.53
CA GLY C 105 2.72 -42.39 -11.43
C GLY C 105 1.74 -41.79 -12.43
N ASP C 106 1.21 -40.61 -12.12
CA ASP C 106 0.22 -39.94 -12.97
C ASP C 106 0.81 -39.33 -14.23
N GLN C 107 -0.02 -39.18 -15.27
CA GLN C 107 0.45 -38.51 -16.47
C GLN C 107 -0.30 -37.20 -16.76
N ILE C 108 0.44 -36.21 -17.24
CA ILE C 108 -0.10 -34.95 -17.68
C ILE C 108 0.06 -34.79 -19.19
N ILE C 109 -1.02 -34.41 -19.85
CA ILE C 109 -0.94 -33.94 -21.23
C ILE C 109 -0.98 -32.41 -21.26
N CYS C 110 0.08 -31.79 -21.78
CA CYS C 110 0.13 -30.33 -21.93
C CYS C 110 0.06 -29.91 -23.39
N MET C 111 -0.74 -28.89 -23.68
CA MET C 111 -0.78 -28.26 -25.00
C MET C 111 0.64 -27.99 -25.47
N ASP C 112 0.95 -28.30 -26.74
CA ASP C 112 2.34 -28.22 -27.18
C ASP C 112 2.85 -26.77 -27.18
N ASP C 113 1.99 -25.81 -27.48
CA ASP C 113 2.40 -24.42 -27.44
C ASP C 113 1.83 -23.79 -26.15
N VAL C 114 2.69 -23.47 -25.19
CA VAL C 114 2.25 -22.77 -23.97
C VAL C 114 3.29 -21.73 -23.58
N TYR C 115 2.98 -20.94 -22.55
CA TYR C 115 3.95 -20.02 -21.98
C TYR C 115 5.23 -20.76 -21.63
N GLY C 116 6.38 -20.21 -22.01
CA GLY C 116 7.68 -20.81 -21.76
C GLY C 116 7.87 -21.36 -20.35
N GLY C 117 7.46 -20.58 -19.34
CA GLY C 117 7.59 -21.01 -17.97
C GLY C 117 6.77 -22.24 -17.62
N THR C 118 5.60 -22.36 -18.23
CA THR C 118 4.72 -23.51 -18.01
C THR C 118 5.34 -24.75 -18.62
N ASN C 119 5.83 -24.59 -19.85
CA ASN C 119 6.57 -25.65 -20.51
C ASN C 119 7.70 -26.09 -19.57
N ARG C 120 8.49 -25.12 -19.12
CA ARG C 120 9.66 -25.39 -18.27
C ARG C 120 9.30 -26.08 -16.95
N TYR C 121 8.21 -25.65 -16.33
CA TYR C 121 7.81 -26.25 -15.05
C TYR C 121 7.49 -27.73 -15.22
N PHE C 122 6.62 -28.07 -16.17
CA PHE C 122 6.28 -29.47 -16.43
C PHE C 122 7.52 -30.28 -16.84
N ARG C 123 8.29 -29.74 -17.77
CA ARG C 123 9.38 -30.50 -18.38
C ARG C 123 10.56 -30.75 -17.45
N GLN C 124 10.95 -29.73 -16.70
CA GLN C 124 12.18 -29.78 -15.92
C GLN C 124 11.96 -29.94 -14.40
N VAL C 125 10.74 -29.72 -13.93
CA VAL C 125 10.49 -29.78 -12.49
C VAL C 125 9.50 -30.89 -12.11
N ALA C 126 8.25 -30.73 -12.52
CA ALA C 126 7.22 -31.73 -12.28
C ALA C 126 7.65 -33.14 -12.66
N SER C 127 8.39 -33.24 -13.74
CA SER C 127 8.80 -34.53 -14.30
C SER C 127 9.85 -35.24 -13.45
N GLU C 128 10.39 -34.54 -12.45
CA GLU C 128 11.37 -35.15 -11.54
C GLU C 128 10.71 -35.80 -10.33
N PHE C 129 9.39 -35.63 -10.18
CA PHE C 129 8.70 -36.11 -8.99
C PHE C 129 7.63 -37.14 -9.32
N GLY C 130 7.93 -38.02 -10.28
CA GLY C 130 7.06 -39.14 -10.59
C GLY C 130 5.92 -38.81 -11.53
N LEU C 131 5.94 -37.62 -12.12
CA LEU C 131 4.90 -37.23 -13.07
C LEU C 131 5.44 -37.35 -14.50
N LYS C 132 4.68 -38.01 -15.36
CA LYS C 132 5.06 -38.10 -16.77
C LYS C 132 4.40 -36.95 -17.52
N ILE C 133 5.17 -36.26 -18.36
CA ILE C 133 4.66 -35.13 -19.15
C ILE C 133 4.70 -35.40 -20.64
N SER C 134 3.56 -35.22 -21.30
CA SER C 134 3.51 -35.30 -22.75
C SER C 134 2.97 -34.01 -23.35
N PHE C 135 3.71 -33.46 -24.30
CA PHE C 135 3.26 -32.29 -25.04
C PHE C 135 2.55 -32.71 -26.31
N VAL C 136 1.29 -32.29 -26.44
CA VAL C 136 0.42 -32.64 -27.56
C VAL C 136 -0.28 -31.43 -28.18
N ASP C 137 -0.35 -31.42 -29.51
CA ASP C 137 -1.08 -30.41 -30.21
C ASP C 137 -2.57 -30.69 -30.13
N CYS C 138 -3.17 -30.18 -29.05
CA CYS C 138 -4.58 -30.41 -28.78
C CYS C 138 -5.53 -29.59 -29.66
N SER C 139 -4.97 -28.77 -30.55
CA SER C 139 -5.81 -28.05 -31.51
C SER C 139 -6.29 -29.00 -32.59
N LYS C 140 -5.71 -30.20 -32.59
CA LYS C 140 -6.18 -31.29 -33.42
C LYS C 140 -6.69 -32.40 -32.51
N ILE C 141 -8.00 -32.40 -32.28
CA ILE C 141 -8.60 -33.19 -31.19
C ILE C 141 -8.28 -34.66 -31.35
N LYS C 142 -8.11 -35.08 -32.60
CA LYS C 142 -7.61 -36.41 -32.93
C LYS C 142 -6.33 -36.79 -32.17
N LEU C 143 -5.38 -35.85 -32.07
CA LEU C 143 -4.10 -36.13 -31.43
C LEU C 143 -4.23 -36.25 -29.90
N LEU C 144 -5.12 -35.46 -29.33
CA LEU C 144 -5.41 -35.50 -27.91
C LEU C 144 -6.03 -36.86 -27.52
N GLU C 145 -7.02 -37.28 -28.32
CA GLU C 145 -7.68 -38.56 -28.12
C GLU C 145 -6.66 -39.71 -28.10
N ALA C 146 -5.71 -39.68 -29.03
CA ALA C 146 -4.72 -40.76 -29.14
C ALA C 146 -3.71 -40.77 -27.97
N ALA C 147 -3.51 -39.61 -27.34
CA ALA C 147 -2.43 -39.46 -26.36
C ALA C 147 -2.86 -39.83 -24.93
N ILE C 148 -4.16 -39.96 -24.73
CA ILE C 148 -4.68 -40.30 -23.42
C ILE C 148 -4.40 -41.77 -23.09
N THR C 149 -3.84 -41.99 -21.90
CA THR C 149 -3.49 -43.32 -21.41
C THR C 149 -4.30 -43.61 -20.16
N PRO C 150 -4.23 -44.84 -19.63
CA PRO C 150 -4.86 -45.02 -18.31
C PRO C 150 -4.27 -44.14 -17.20
N GLU C 151 -3.05 -43.64 -17.36
CA GLU C 151 -2.41 -42.84 -16.31
C GLU C 151 -2.67 -41.34 -16.42
N THR C 152 -3.25 -40.90 -17.53
CA THR C 152 -3.53 -39.48 -17.68
C THR C 152 -4.53 -39.00 -16.61
N LYS C 153 -4.14 -37.98 -15.86
CA LYS C 153 -5.00 -37.43 -14.81
C LYS C 153 -5.29 -35.93 -15.00
N LEU C 154 -4.54 -35.31 -15.90
CA LEU C 154 -4.67 -33.86 -16.11
C LEU C 154 -4.33 -33.48 -17.55
N VAL C 155 -5.15 -32.61 -18.13
CA VAL C 155 -4.89 -32.06 -19.46
C VAL C 155 -4.82 -30.55 -19.34
N TRP C 156 -3.66 -29.99 -19.65
CA TRP C 156 -3.42 -28.56 -19.50
C TRP C 156 -3.44 -27.87 -20.87
N ILE C 157 -4.45 -27.05 -21.11
CA ILE C 157 -4.43 -26.30 -22.35
C ILE C 157 -4.46 -24.77 -22.14
N GLU C 158 -3.87 -24.07 -23.10
CA GLU C 158 -4.05 -22.64 -23.28
C GLU C 158 -4.83 -22.46 -24.58
N THR C 159 -5.79 -21.55 -24.61
CA THR C 159 -6.32 -21.11 -25.89
C THR C 159 -6.83 -19.66 -25.86
N PRO C 160 -6.36 -18.82 -26.80
CA PRO C 160 -5.33 -19.13 -27.81
C PRO C 160 -3.98 -19.31 -27.12
N THR C 161 -3.09 -20.08 -27.74
CA THR C 161 -1.82 -20.41 -27.09
C THR C 161 -0.85 -19.24 -27.12
N ASN C 162 0.09 -19.26 -26.16
CA ASN C 162 1.14 -18.24 -26.07
C ASN C 162 2.46 -18.87 -26.57
N PRO C 163 2.98 -18.39 -27.71
CA PRO C 163 2.57 -17.17 -28.40
C PRO C 163 1.98 -17.35 -29.81
N THR C 164 1.91 -18.55 -30.36
CA THR C 164 1.48 -18.71 -31.75
C THR C 164 -0.02 -18.72 -31.93
N GLN C 165 -0.76 -18.63 -30.83
CA GLN C 165 -2.20 -18.41 -30.81
C GLN C 165 -3.00 -19.46 -31.59
N LYS C 166 -2.62 -20.71 -31.39
CA LYS C 166 -3.44 -21.83 -31.86
C LYS C 166 -4.68 -21.88 -30.99
N VAL C 167 -5.81 -22.24 -31.58
CA VAL C 167 -7.07 -22.20 -30.86
C VAL C 167 -7.61 -23.60 -30.69
N ILE C 168 -7.97 -23.94 -29.46
CA ILE C 168 -8.43 -25.27 -29.12
C ILE C 168 -9.93 -25.26 -28.90
N ASP C 169 -10.62 -26.26 -29.43
CA ASP C 169 -12.05 -26.42 -29.19
C ASP C 169 -12.25 -26.95 -27.79
N ILE C 170 -12.68 -26.08 -26.86
CA ILE C 170 -12.71 -26.45 -25.44
C ILE C 170 -13.80 -27.49 -25.20
N GLU C 171 -14.98 -27.28 -25.76
CA GLU C 171 -16.07 -28.24 -25.62
C GLU C 171 -15.69 -29.61 -26.18
N GLY C 172 -15.12 -29.62 -27.38
CA GLY C 172 -14.67 -30.85 -28.02
C GLY C 172 -13.68 -31.60 -27.17
N CYS C 173 -12.67 -30.89 -26.66
CA CYS C 173 -11.67 -31.50 -25.78
C CYS C 173 -12.27 -32.01 -24.48
N ALA C 174 -13.15 -31.21 -23.87
CA ALA C 174 -13.83 -31.64 -22.65
C ALA C 174 -14.54 -32.98 -22.87
N HIS C 175 -15.25 -33.11 -23.99
CA HIS C 175 -15.92 -34.36 -24.31
C HIS C 175 -14.95 -35.53 -24.43
N ILE C 176 -13.84 -35.30 -25.15
CA ILE C 176 -12.85 -36.35 -25.34
C ILE C 176 -12.23 -36.76 -24.00
N VAL C 177 -11.84 -35.76 -23.22
CA VAL C 177 -11.16 -35.98 -21.96
C VAL C 177 -12.08 -36.66 -20.93
N HIS C 178 -13.34 -36.24 -20.88
CA HIS C 178 -14.23 -36.73 -19.85
C HIS C 178 -14.88 -38.06 -20.17
N LYS C 179 -14.81 -38.45 -21.44
CA LYS C 179 -15.31 -39.76 -21.86
C LYS C 179 -14.51 -40.83 -21.11
N HIS C 180 -13.20 -40.60 -21.01
CA HIS C 180 -12.29 -41.61 -20.48
C HIS C 180 -11.86 -41.34 -19.04
N GLY C 181 -12.53 -41.95 -18.07
CA GLY C 181 -12.06 -41.91 -16.69
C GLY C 181 -12.22 -40.59 -15.97
N ASP C 182 -11.32 -40.35 -15.00
CA ASP C 182 -11.37 -39.14 -14.19
C ASP C 182 -10.17 -38.25 -14.50
N ILE C 183 -10.30 -37.45 -15.55
CA ILE C 183 -9.23 -36.58 -15.99
C ILE C 183 -9.66 -35.13 -15.84
N ILE C 184 -8.79 -34.32 -15.23
CA ILE C 184 -9.04 -32.90 -15.07
C ILE C 184 -8.64 -32.11 -16.31
N LEU C 185 -9.58 -31.37 -16.88
CA LEU C 185 -9.24 -30.45 -17.97
C LEU C 185 -9.05 -29.02 -17.47
N VAL C 186 -7.85 -28.48 -17.65
CA VAL C 186 -7.58 -27.11 -17.25
C VAL C 186 -7.47 -26.22 -18.48
N VAL C 187 -8.18 -25.11 -18.46
CA VAL C 187 -7.96 -24.09 -19.49
C VAL C 187 -7.33 -22.86 -18.85
N ASP C 188 -6.09 -22.58 -19.24
CA ASP C 188 -5.41 -21.35 -18.88
C ASP C 188 -6.02 -20.27 -19.75
N ASN C 189 -6.83 -19.42 -19.13
CA ASN C 189 -7.68 -18.46 -19.85
C ASN C 189 -7.08 -17.05 -19.81
N THR C 190 -5.78 -17.01 -19.57
CA THR C 190 -5.02 -15.77 -19.43
C THR C 190 -5.20 -14.82 -20.62
N PHE C 191 -5.06 -15.35 -21.84
CA PHE C 191 -5.12 -14.51 -23.02
C PHE C 191 -6.50 -13.90 -23.28
N MET C 192 -7.57 -14.63 -23.02
CA MET C 192 -8.92 -14.15 -23.34
C MET C 192 -9.62 -13.35 -22.22
N SER C 193 -9.31 -13.66 -20.96
CA SER C 193 -10.08 -13.19 -19.81
C SER C 193 -11.51 -13.76 -19.83
N PRO C 194 -12.19 -13.79 -18.66
CA PRO C 194 -13.55 -14.32 -18.56
C PRO C 194 -14.59 -13.43 -19.24
N TYR C 195 -14.22 -12.21 -19.57
CA TYR C 195 -15.11 -11.34 -20.33
C TYR C 195 -15.37 -11.92 -21.73
N PHE C 196 -14.36 -12.58 -22.31
CA PHE C 196 -14.44 -13.04 -23.70
C PHE C 196 -14.56 -14.55 -23.87
N GLN C 197 -14.25 -15.30 -22.82
CA GLN C 197 -14.29 -16.75 -22.89
C GLN C 197 -14.50 -17.36 -21.50
N ARG C 198 -15.45 -18.29 -21.40
CA ARG C 198 -15.74 -18.99 -20.14
C ARG C 198 -15.57 -20.49 -20.24
N PRO C 199 -14.33 -20.97 -20.10
CA PRO C 199 -14.00 -22.40 -20.17
C PRO C 199 -14.93 -23.33 -19.37
N LEU C 200 -15.38 -22.89 -18.20
CA LEU C 200 -16.23 -23.75 -17.36
C LEU C 200 -17.59 -24.00 -17.99
N ALA C 201 -18.13 -22.98 -18.68
CA ALA C 201 -19.37 -23.14 -19.39
C ALA C 201 -19.18 -24.07 -20.58
N LEU C 202 -17.93 -24.16 -21.05
CA LEU C 202 -17.61 -24.95 -22.24
C LEU C 202 -17.24 -26.40 -21.93
N GLY C 203 -17.17 -26.76 -20.65
CA GLY C 203 -16.88 -28.13 -20.26
C GLY C 203 -15.57 -28.32 -19.52
N ALA C 204 -14.77 -27.26 -19.39
CA ALA C 204 -13.53 -27.37 -18.63
C ALA C 204 -13.84 -27.53 -17.13
N ASP C 205 -12.92 -28.16 -16.41
CA ASP C 205 -13.06 -28.34 -14.97
C ASP C 205 -12.48 -27.20 -14.18
N ILE C 206 -11.42 -26.62 -14.73
CA ILE C 206 -10.74 -25.48 -14.12
C ILE C 206 -10.53 -24.37 -15.13
N SER C 207 -10.85 -23.15 -14.72
CA SER C 207 -10.51 -21.99 -15.52
C SER C 207 -9.41 -21.23 -14.75
N MET C 208 -8.21 -21.21 -15.32
CA MET C 208 -7.02 -20.71 -14.62
C MET C 208 -6.46 -19.44 -15.27
N TYR C 209 -5.90 -18.53 -14.48
CA TYR C 209 -5.27 -17.32 -15.00
C TYR C 209 -3.89 -17.02 -14.44
N SER C 210 -3.02 -16.49 -15.29
CA SER C 210 -2.04 -15.54 -14.80
C SER C 210 -2.79 -14.23 -14.66
N ALA C 211 -3.20 -13.90 -13.43
CA ALA C 211 -3.98 -12.69 -13.19
C ALA C 211 -3.09 -11.46 -13.38
N THR C 212 -1.80 -11.70 -13.42
CA THR C 212 -0.78 -10.72 -13.77
C THR C 212 -1.09 -9.96 -15.06
N LYS C 213 -1.88 -10.56 -15.95
CA LYS C 213 -2.13 -9.97 -17.26
C LYS C 213 -3.45 -9.17 -17.27
N TYR C 214 -4.44 -9.61 -18.05
CA TYR C 214 -5.66 -8.80 -18.24
C TYR C 214 -6.53 -8.64 -16.97
N MET C 215 -6.64 -9.70 -16.16
CA MET C 215 -7.45 -9.66 -14.95
C MET C 215 -7.14 -8.42 -14.12
N ASN C 216 -5.90 -8.35 -13.66
CA ASN C 216 -5.46 -7.15 -12.96
C ASN C 216 -5.40 -5.99 -13.93
N GLY C 217 -4.73 -6.19 -15.06
CA GLY C 217 -4.78 -5.26 -16.19
C GLY C 217 -3.89 -4.04 -16.08
N HIS C 218 -3.14 -3.94 -14.99
CA HIS C 218 -2.43 -2.69 -14.71
C HIS C 218 -0.95 -2.84 -14.48
N SER C 219 -0.41 -4.01 -14.83
CA SER C 219 1.01 -4.25 -14.83
C SER C 219 1.70 -3.94 -13.51
N ASP C 220 1.01 -4.15 -12.41
CA ASP C 220 1.61 -3.86 -11.11
C ASP C 220 1.28 -4.92 -10.06
N VAL C 221 0.83 -6.07 -10.52
CA VAL C 221 0.51 -7.19 -9.66
C VAL C 221 0.89 -8.50 -10.34
N VAL C 222 1.68 -9.31 -9.64
CA VAL C 222 1.92 -10.70 -10.04
C VAL C 222 0.99 -11.61 -9.21
N MET C 223 0.17 -12.42 -9.88
CA MET C 223 -0.89 -13.19 -9.23
C MET C 223 -1.48 -14.29 -10.13
N GLY C 224 -1.88 -15.40 -9.51
CA GLY C 224 -2.55 -16.47 -10.20
C GLY C 224 -3.96 -16.61 -9.68
N LEU C 225 -4.83 -17.16 -10.53
CA LEU C 225 -6.23 -17.37 -10.15
C LEU C 225 -6.74 -18.69 -10.73
N VAL C 226 -7.56 -19.40 -9.93
CA VAL C 226 -8.04 -20.73 -10.29
C VAL C 226 -9.52 -20.87 -9.94
N SER C 227 -10.38 -20.99 -10.95
CA SER C 227 -11.82 -21.12 -10.71
C SER C 227 -12.29 -22.52 -11.00
N VAL C 228 -13.20 -23.02 -10.19
CA VAL C 228 -13.62 -24.42 -10.28
C VAL C 228 -15.08 -24.54 -9.81
N ASN C 229 -15.77 -25.57 -10.27
CA ASN C 229 -17.12 -25.89 -9.79
C ASN C 229 -17.15 -27.13 -8.92
N CYS C 230 -16.49 -28.19 -9.38
CA CYS C 230 -16.59 -29.50 -8.74
C CYS C 230 -16.19 -29.43 -7.27
N GLU C 231 -17.02 -30.03 -6.43
CA GLU C 231 -16.90 -29.83 -4.98
C GLU C 231 -15.60 -30.42 -4.42
N SER C 232 -15.26 -31.63 -4.85
CA SER C 232 -14.10 -32.30 -4.26
C SER C 232 -12.81 -31.78 -4.87
N LEU C 233 -12.90 -31.34 -6.12
CA LEU C 233 -11.78 -30.69 -6.78
C LEU C 233 -11.44 -29.39 -6.03
N HIS C 234 -12.49 -28.68 -5.62
CA HIS C 234 -12.32 -27.46 -4.86
C HIS C 234 -11.71 -27.72 -3.49
N ASN C 235 -12.18 -28.77 -2.82
CA ASN C 235 -11.69 -29.12 -1.49
C ASN C 235 -10.21 -29.44 -1.55
N ARG C 236 -9.81 -30.13 -2.61
CA ARG C 236 -8.43 -30.55 -2.79
C ARG C 236 -7.54 -29.35 -3.09
N LEU C 237 -7.98 -28.51 -4.03
CA LEU C 237 -7.29 -27.26 -4.32
C LEU C 237 -7.14 -26.37 -3.08
N ARG C 238 -8.21 -26.27 -2.29
CA ARG C 238 -8.22 -25.36 -1.13
C ARG C 238 -7.23 -25.87 -0.09
N PHE C 239 -7.19 -27.19 0.09
CA PHE C 239 -6.18 -27.81 0.94
C PHE C 239 -4.77 -27.42 0.51
N LEU C 240 -4.53 -27.38 -0.81
CA LEU C 240 -3.20 -27.09 -1.36
C LEU C 240 -2.86 -25.60 -1.32
N GLN C 241 -3.86 -24.74 -1.49
CA GLN C 241 -3.65 -23.31 -1.25
C GLN C 241 -3.06 -23.10 0.14
N ASN C 242 -3.73 -23.68 1.14
CA ASN C 242 -3.32 -23.50 2.52
C ASN C 242 -2.01 -24.21 2.86
N SER C 243 -1.81 -25.41 2.30
CA SER C 243 -0.70 -26.29 2.70
C SER C 243 0.62 -26.03 1.98
N LEU C 244 0.55 -25.61 0.72
CA LEU C 244 1.76 -25.21 0.01
C LEU C 244 2.04 -23.71 0.23
N GLY C 245 1.00 -22.95 0.54
CA GLY C 245 1.14 -21.56 0.94
C GLY C 245 1.64 -20.59 -0.13
N ALA C 246 1.37 -20.91 -1.39
CA ALA C 246 1.82 -20.03 -2.48
C ALA C 246 0.78 -18.91 -2.67
N VAL C 247 0.61 -18.09 -1.65
CA VAL C 247 -0.57 -17.21 -1.54
C VAL C 247 -0.22 -15.76 -1.87
N PRO C 248 -1.24 -14.99 -2.32
CA PRO C 248 -1.02 -13.60 -2.70
C PRO C 248 -1.08 -12.67 -1.48
N SER C 249 -0.40 -11.53 -1.58
CA SER C 249 -0.59 -10.47 -0.60
C SER C 249 -2.03 -10.00 -0.60
N PRO C 250 -2.59 -9.75 0.59
CA PRO C 250 -3.91 -9.11 0.65
C PRO C 250 -3.94 -7.79 -0.11
N ILE C 251 -2.84 -7.04 -0.11
CA ILE C 251 -2.81 -5.78 -0.86
C ILE C 251 -2.90 -6.02 -2.36
N ASP C 252 -2.15 -7.03 -2.83
CA ASP C 252 -2.19 -7.39 -4.24
C ASP C 252 -3.60 -7.82 -4.62
N CYS C 253 -4.24 -8.57 -3.72
CA CYS C 253 -5.63 -9.00 -3.90
C CYS C 253 -6.52 -7.78 -4.07
N TYR C 254 -6.26 -6.74 -3.27
CA TYR C 254 -7.01 -5.50 -3.39
C TYR C 254 -6.81 -4.83 -4.76
N LEU C 255 -5.55 -4.69 -5.17
CA LEU C 255 -5.23 -4.10 -6.47
C LEU C 255 -5.81 -4.90 -7.65
N CYS C 256 -5.77 -6.23 -7.57
CA CYS C 256 -6.38 -7.06 -8.62
C CYS C 256 -7.90 -6.87 -8.67
N ASN C 257 -8.54 -6.96 -7.51
CA ASN C 257 -9.96 -6.69 -7.40
C ASN C 257 -10.30 -5.32 -8.01
N ARG C 258 -9.49 -4.32 -7.68
CA ARG C 258 -9.70 -2.99 -8.24
C ARG C 258 -9.55 -2.99 -9.76
N GLY C 259 -8.53 -3.69 -10.25
CA GLY C 259 -8.34 -3.86 -11.68
C GLY C 259 -9.59 -4.45 -12.34
N LEU C 260 -10.23 -5.38 -11.64
CA LEU C 260 -11.42 -6.07 -12.13
C LEU C 260 -12.62 -5.17 -12.41
N LYS C 261 -12.71 -4.05 -11.70
CA LYS C 261 -13.85 -3.14 -11.84
C LYS C 261 -13.90 -2.46 -13.21
N THR C 262 -12.78 -2.49 -13.94
CA THR C 262 -12.75 -1.93 -15.31
C THR C 262 -12.52 -3.00 -16.39
N LEU C 263 -12.49 -4.28 -16.00
CA LEU C 263 -12.14 -5.35 -16.94
C LEU C 263 -12.99 -5.25 -18.22
N HIS C 264 -14.30 -5.05 -18.07
CA HIS C 264 -15.18 -5.01 -19.24
C HIS C 264 -14.85 -3.86 -20.21
N VAL C 265 -14.70 -2.64 -19.69
CA VAL C 265 -14.39 -1.51 -20.56
C VAL C 265 -12.94 -1.57 -21.07
N ARG C 266 -12.04 -2.18 -20.32
CA ARG C 266 -10.67 -2.35 -20.80
C ARG C 266 -10.62 -3.37 -21.95
N MET C 267 -11.29 -4.50 -21.78
CA MET C 267 -11.26 -5.58 -22.77
C MET C 267 -11.92 -5.17 -24.09
N GLU C 268 -12.95 -4.34 -24.02
CA GLU C 268 -13.61 -3.91 -25.24
C GLU C 268 -12.66 -3.03 -26.04
N LYS C 269 -11.86 -2.23 -25.33
CA LYS C 269 -10.89 -1.37 -26.00
C LYS C 269 -9.68 -2.18 -26.50
N HIS C 270 -9.26 -3.20 -25.74
CA HIS C 270 -8.24 -4.13 -26.22
C HIS C 270 -8.67 -4.78 -27.54
N PHE C 271 -9.94 -5.18 -27.60
CA PHE C 271 -10.52 -5.76 -28.82
C PHE C 271 -10.38 -4.80 -30.01
N LYS C 272 -10.90 -3.58 -29.87
CA LYS C 272 -10.91 -2.65 -31.00
C LYS C 272 -9.50 -2.30 -31.43
N ASN C 273 -8.64 -1.95 -30.48
CA ASN C 273 -7.26 -1.65 -30.80
C ASN C 273 -6.54 -2.85 -31.42
N GLY C 274 -6.79 -4.03 -30.87
CA GLY C 274 -6.13 -5.26 -31.30
C GLY C 274 -6.49 -5.59 -32.74
N MET C 275 -7.79 -5.59 -33.02
CA MET C 275 -8.32 -5.78 -34.37
C MET C 275 -7.73 -4.75 -35.35
N ALA C 276 -7.69 -3.48 -34.94
CA ALA C 276 -7.16 -2.46 -35.83
C ALA C 276 -5.68 -2.70 -36.11
N VAL C 277 -4.93 -3.05 -35.08
CA VAL C 277 -3.52 -3.40 -35.25
C VAL C 277 -3.33 -4.67 -36.12
N ALA C 278 -4.14 -5.69 -35.88
CA ALA C 278 -4.03 -6.92 -36.65
C ALA C 278 -4.36 -6.67 -38.14
N GLN C 279 -5.39 -5.86 -38.38
CA GLN C 279 -5.79 -5.56 -39.76
C GLN C 279 -4.69 -4.75 -40.45
N PHE C 280 -4.12 -3.79 -39.74
CA PHE C 280 -3.03 -2.98 -40.29
C PHE C 280 -1.81 -3.82 -40.66
N LEU C 281 -1.41 -4.71 -39.77
CA LEU C 281 -0.21 -5.52 -39.99
C LEU C 281 -0.41 -6.45 -41.16
N GLU C 282 -1.60 -7.02 -41.29
CA GLU C 282 -1.87 -8.01 -42.32
C GLU C 282 -1.80 -7.41 -43.72
N SER C 283 -2.10 -6.11 -43.84
CA SER C 283 -2.06 -5.44 -45.12
C SER C 283 -0.73 -4.69 -45.30
N ASN C 284 0.14 -4.80 -44.31
CA ASN C 284 1.46 -4.17 -44.38
C ASN C 284 2.43 -4.96 -45.24
N PRO C 285 3.16 -4.26 -46.13
CA PRO C 285 4.07 -4.95 -47.06
C PRO C 285 5.32 -5.52 -46.39
N TRP C 286 5.53 -5.26 -45.10
CA TRP C 286 6.74 -5.79 -44.47
C TRP C 286 6.41 -6.87 -43.46
N VAL C 287 5.17 -7.35 -43.50
CA VAL C 287 4.70 -8.39 -42.61
C VAL C 287 4.34 -9.64 -43.41
N GLU C 288 4.86 -10.78 -43.00
CA GLU C 288 4.73 -12.00 -43.77
C GLU C 288 3.46 -12.78 -43.42
N LYS C 289 3.02 -12.61 -42.18
CA LYS C 289 1.91 -13.38 -41.63
C LYS C 289 1.46 -12.75 -40.32
N VAL C 290 0.14 -12.67 -40.13
CA VAL C 290 -0.44 -12.18 -38.89
C VAL C 290 -1.33 -13.27 -38.30
N ILE C 291 -1.19 -13.52 -37.00
CA ILE C 291 -2.08 -14.45 -36.33
C ILE C 291 -2.89 -13.70 -35.28
N TYR C 292 -4.17 -13.51 -35.59
CA TYR C 292 -5.11 -12.86 -34.68
C TYR C 292 -6.43 -13.57 -34.81
N PRO C 293 -6.93 -14.13 -33.70
CA PRO C 293 -8.18 -14.90 -33.75
C PRO C 293 -9.35 -14.14 -34.36
N GLY C 294 -9.35 -12.80 -34.32
CA GLY C 294 -10.44 -12.00 -34.88
C GLY C 294 -10.37 -11.75 -36.38
N LEU C 295 -9.28 -12.19 -37.00
CA LEU C 295 -9.12 -12.11 -38.46
C LEU C 295 -9.69 -13.36 -39.12
N PRO C 296 -10.41 -13.20 -40.25
CA PRO C 296 -10.86 -14.38 -41.01
C PRO C 296 -9.71 -15.25 -41.46
N SER C 297 -8.50 -14.69 -41.58
CA SER C 297 -7.33 -15.47 -41.95
C SER C 297 -6.92 -16.47 -40.88
N HIS C 298 -7.38 -16.26 -39.65
CA HIS C 298 -7.03 -17.20 -38.58
C HIS C 298 -7.68 -18.54 -38.84
N PRO C 299 -6.87 -19.62 -38.81
CA PRO C 299 -7.39 -20.93 -39.23
C PRO C 299 -8.53 -21.44 -38.33
N GLN C 300 -8.71 -20.86 -37.14
CA GLN C 300 -9.82 -21.25 -36.26
C GLN C 300 -10.80 -20.11 -36.04
N HIS C 301 -10.87 -19.18 -37.00
CA HIS C 301 -11.70 -17.98 -36.84
C HIS C 301 -13.16 -18.31 -36.48
N GLU C 302 -13.73 -19.30 -37.15
CA GLU C 302 -15.13 -19.65 -36.94
C GLU C 302 -15.32 -20.30 -35.56
N LEU C 303 -14.41 -21.18 -35.16
CA LEU C 303 -14.41 -21.71 -33.80
C LEU C 303 -14.31 -20.60 -32.74
N VAL C 304 -13.47 -19.59 -32.99
CA VAL C 304 -13.33 -18.49 -32.04
C VAL C 304 -14.68 -17.79 -31.81
N LYS C 305 -15.43 -17.53 -32.88
CA LYS C 305 -16.74 -16.92 -32.76
C LYS C 305 -17.74 -17.85 -32.07
N ARG C 306 -17.52 -19.16 -32.19
CA ARG C 306 -18.42 -20.12 -31.55
C ARG C 306 -18.19 -20.23 -30.04
N GLN C 307 -17.00 -19.96 -29.54
CA GLN C 307 -16.75 -20.17 -28.11
C GLN C 307 -16.25 -18.91 -27.39
N CYS C 308 -16.24 -17.78 -28.09
CA CYS C 308 -15.82 -16.53 -27.48
C CYS C 308 -16.81 -15.41 -27.77
N THR C 309 -16.83 -14.37 -26.93
CA THR C 309 -17.72 -13.23 -27.14
C THR C 309 -17.01 -12.08 -27.86
N GLY C 310 -15.74 -12.28 -28.17
CA GLY C 310 -14.92 -11.24 -28.79
C GLY C 310 -13.48 -11.63 -28.60
N CYS C 311 -12.55 -10.75 -28.99
CA CYS C 311 -11.12 -11.06 -28.97
C CYS C 311 -10.34 -10.02 -28.20
N THR C 312 -9.07 -10.31 -27.90
CA THR C 312 -8.27 -9.40 -27.08
C THR C 312 -7.22 -8.62 -27.85
N GLY C 313 -6.25 -8.07 -27.12
CA GLY C 313 -5.21 -7.24 -27.70
C GLY C 313 -3.91 -7.96 -28.02
N MET C 314 -3.88 -9.27 -27.86
CA MET C 314 -2.70 -10.06 -28.23
C MET C 314 -2.66 -10.29 -29.75
N VAL C 315 -1.61 -9.78 -30.39
CA VAL C 315 -1.43 -9.96 -31.82
C VAL C 315 -0.05 -10.56 -32.10
N THR C 316 -0.02 -11.70 -32.78
CA THR C 316 1.23 -12.29 -33.17
C THR C 316 1.46 -12.07 -34.66
N PHE C 317 2.69 -11.73 -35.04
CA PHE C 317 3.00 -11.62 -36.46
C PHE C 317 4.46 -11.94 -36.76
N TYR C 318 4.73 -12.25 -38.03
CA TYR C 318 6.09 -12.50 -38.50
C TYR C 318 6.52 -11.36 -39.41
N ILE C 319 7.67 -10.78 -39.11
CA ILE C 319 8.20 -9.70 -39.93
C ILE C 319 8.96 -10.32 -41.10
N LYS C 320 8.85 -9.70 -42.27
CA LYS C 320 9.65 -10.18 -43.39
C LYS C 320 11.11 -9.99 -43.05
N GLY C 321 11.97 -10.89 -43.55
CA GLY C 321 13.39 -10.76 -43.34
C GLY C 321 13.91 -11.70 -42.27
N THR C 322 14.86 -11.21 -41.48
CA THR C 322 15.57 -12.05 -40.51
C THR C 322 15.53 -11.46 -39.10
N LEU C 323 16.23 -12.11 -38.18
CA LEU C 323 16.34 -11.65 -36.80
C LEU C 323 16.78 -10.19 -36.75
N GLN C 324 17.70 -9.80 -37.61
CA GLN C 324 18.14 -8.41 -37.65
C GLN C 324 16.97 -7.44 -37.92
N HIS C 325 16.10 -7.79 -38.86
CA HIS C 325 14.92 -6.98 -39.12
C HIS C 325 13.96 -6.91 -37.93
N ALA C 326 13.77 -8.02 -37.22
CA ALA C 326 12.90 -8.02 -36.05
C ALA C 326 13.45 -7.08 -34.99
N GLU C 327 14.75 -7.19 -34.73
CA GLU C 327 15.42 -6.37 -33.73
C GLU C 327 15.36 -4.88 -34.04
N ILE C 328 15.62 -4.52 -35.30
CA ILE C 328 15.55 -3.13 -35.71
C ILE C 328 14.11 -2.62 -35.54
N PHE C 329 13.12 -3.45 -35.88
CA PHE C 329 11.73 -3.06 -35.68
C PHE C 329 11.48 -2.77 -34.21
N LEU C 330 11.80 -3.72 -33.37
CA LEU C 330 11.55 -3.58 -31.93
C LEU C 330 12.26 -2.37 -31.30
N LYS C 331 13.49 -2.08 -31.73
CA LYS C 331 14.25 -0.96 -31.18
C LYS C 331 13.79 0.43 -31.66
N ASN C 332 13.04 0.48 -32.75
CA ASN C 332 12.55 1.75 -33.26
C ASN C 332 11.12 2.07 -32.86
N LEU C 333 10.52 1.18 -32.08
CA LEU C 333 9.21 1.44 -31.52
C LEU C 333 9.36 2.56 -30.49
N LYS C 334 8.42 3.50 -30.50
CA LYS C 334 8.49 4.65 -29.62
C LYS C 334 7.30 4.75 -28.68
N LEU C 335 6.26 3.97 -28.96
CA LEU C 335 5.04 3.99 -28.15
C LEU C 335 4.82 2.63 -27.50
N PHE C 336 4.83 1.58 -28.31
CA PHE C 336 5.03 0.22 -27.82
C PHE C 336 6.32 0.16 -27.01
N THR C 337 6.31 -0.61 -25.94
CA THR C 337 7.51 -0.79 -25.13
C THR C 337 8.10 -2.18 -25.31
N LEU C 338 9.41 -2.23 -25.57
CA LEU C 338 10.08 -3.52 -25.65
C LEU C 338 10.24 -4.09 -24.25
N ALA C 339 9.35 -5.03 -23.89
CA ALA C 339 9.29 -5.58 -22.56
C ALA C 339 8.48 -6.86 -22.58
N GLU C 340 8.66 -7.68 -21.54
CA GLU C 340 7.89 -8.91 -21.42
C GLU C 340 6.54 -8.64 -20.74
N SER C 341 5.75 -9.70 -20.58
CA SER C 341 4.40 -9.67 -20.00
C SER C 341 3.38 -9.11 -20.99
N LEU C 342 2.14 -8.97 -20.53
CA LEU C 342 1.06 -8.65 -21.46
C LEU C 342 -0.18 -8.27 -20.69
N GLY C 343 -1.18 -7.79 -21.41
CA GLY C 343 -2.50 -7.60 -20.83
C GLY C 343 -2.63 -6.36 -19.97
N GLY C 344 -1.68 -5.44 -20.10
CA GLY C 344 -1.78 -4.16 -19.42
C GLY C 344 -2.38 -3.08 -20.30
N PHE C 345 -2.68 -1.94 -19.67
CA PHE C 345 -3.14 -0.75 -20.37
C PHE C 345 -2.09 -0.25 -21.37
N GLU C 346 -0.83 -0.58 -21.13
CA GLU C 346 0.26 -0.05 -21.95
C GLU C 346 0.67 -1.07 -23.01
N SER C 347 0.89 -0.59 -24.22
CA SER C 347 1.26 -1.48 -25.31
C SER C 347 2.65 -2.06 -25.13
N LEU C 348 2.78 -3.37 -25.28
CA LEU C 348 4.06 -4.05 -25.15
C LEU C 348 4.39 -4.86 -26.39
N ALA C 349 5.69 -4.95 -26.70
CA ALA C 349 6.17 -5.78 -27.80
C ALA C 349 7.35 -6.63 -27.35
N GLU C 350 7.46 -7.83 -27.89
CA GLU C 350 8.59 -8.70 -27.55
C GLU C 350 8.91 -9.69 -28.66
N LEU C 351 10.06 -10.37 -28.52
CA LEU C 351 10.50 -11.43 -29.42
C LEU C 351 10.61 -12.74 -28.64
N PRO C 352 9.52 -13.53 -28.60
CA PRO C 352 9.38 -14.69 -27.70
C PRO C 352 10.56 -15.69 -27.73
N ALA C 353 11.11 -15.97 -28.90
CA ALA C 353 12.23 -16.92 -29.03
C ALA C 353 13.43 -16.57 -28.15
N ILE C 354 13.64 -15.28 -27.94
CA ILE C 354 14.81 -14.80 -27.22
C ILE C 354 14.41 -14.23 -25.85
N MET C 355 13.12 -14.01 -25.64
CA MET C 355 12.67 -13.44 -24.38
C MET C 355 11.79 -14.41 -23.58
N THR C 356 10.47 -14.22 -23.61
CA THR C 356 9.56 -15.06 -22.81
C THR C 356 9.63 -16.57 -23.06
N HIS C 357 10.04 -16.99 -24.25
CA HIS C 357 10.03 -18.42 -24.56
C HIS C 357 11.43 -18.97 -24.86
N ALA C 358 12.44 -18.26 -24.37
CA ALA C 358 13.83 -18.76 -24.43
C ALA C 358 13.97 -20.06 -23.65
N SER C 359 13.10 -20.23 -22.66
CA SER C 359 13.04 -21.44 -21.83
C SER C 359 12.44 -22.64 -22.55
N VAL C 360 11.91 -22.43 -23.76
CA VAL C 360 11.46 -23.54 -24.58
C VAL C 360 12.66 -24.03 -25.40
N LEU C 361 12.90 -25.34 -25.40
CA LEU C 361 14.01 -25.91 -26.18
C LEU C 361 13.90 -25.45 -27.63
N LYS C 362 15.03 -25.07 -28.21
CA LYS C 362 15.06 -24.56 -29.58
C LYS C 362 14.41 -25.49 -30.63
N ASN C 363 14.49 -26.80 -30.46
CA ASN C 363 13.83 -27.66 -31.43
C ASN C 363 12.33 -27.64 -31.27
N ASP C 364 11.86 -27.48 -30.04
CA ASP C 364 10.44 -27.31 -29.81
C ASP C 364 9.98 -26.00 -30.43
N ARG C 365 10.79 -24.95 -30.30
CA ARG C 365 10.42 -23.63 -30.82
C ARG C 365 10.28 -23.67 -32.34
N ASP C 366 11.21 -24.34 -33.00
CA ASP C 366 11.18 -24.51 -34.44
C ASP C 366 9.97 -25.35 -34.90
N VAL C 367 9.71 -26.46 -34.23
CA VAL C 367 8.53 -27.27 -34.56
C VAL C 367 7.24 -26.45 -34.37
N LEU C 368 7.22 -25.61 -33.34
CA LEU C 368 6.07 -24.78 -33.03
C LEU C 368 5.96 -23.53 -33.91
N GLY C 369 7.04 -23.20 -34.61
CA GLY C 369 7.08 -22.02 -35.43
C GLY C 369 7.48 -20.75 -34.68
N ILE C 370 7.96 -20.89 -33.45
CA ILE C 370 8.43 -19.76 -32.66
C ILE C 370 9.85 -19.39 -33.08
N SER C 371 9.94 -18.67 -34.20
CA SER C 371 11.19 -18.40 -34.88
C SER C 371 11.76 -17.04 -34.51
N ASP C 372 12.90 -16.69 -35.11
CA ASP C 372 13.53 -15.40 -34.88
C ASP C 372 12.74 -14.19 -35.39
N THR C 373 11.73 -14.45 -36.22
CA THR C 373 10.95 -13.34 -36.77
C THR C 373 9.53 -13.30 -36.23
N LEU C 374 9.22 -14.18 -35.27
CA LEU C 374 7.91 -14.14 -34.64
C LEU C 374 7.92 -13.06 -33.56
N ILE C 375 7.04 -12.10 -33.73
CA ILE C 375 6.93 -11.00 -32.79
C ILE C 375 5.54 -11.02 -32.16
N ARG C 376 5.48 -10.84 -30.84
CA ARG C 376 4.23 -10.82 -30.11
C ARG C 376 3.95 -9.42 -29.62
N LEU C 377 2.76 -8.91 -29.94
CA LEU C 377 2.32 -7.62 -29.44
C LEU C 377 1.21 -7.78 -28.40
N SER C 378 1.32 -7.02 -27.33
CA SER C 378 0.19 -6.84 -26.44
C SER C 378 -0.32 -5.42 -26.64
N VAL C 379 -1.34 -5.27 -27.47
CA VAL C 379 -1.86 -3.96 -27.80
C VAL C 379 -2.62 -3.39 -26.62
N GLY C 380 -2.24 -2.19 -26.20
CA GLY C 380 -2.83 -1.57 -25.03
C GLY C 380 -4.02 -0.67 -25.34
N LEU C 381 -4.24 0.34 -24.51
CA LEU C 381 -5.46 1.14 -24.57
C LEU C 381 -5.19 2.56 -25.08
N GLU C 382 -4.03 2.77 -25.69
CA GLU C 382 -3.67 4.07 -26.21
C GLU C 382 -4.53 4.39 -27.44
N ASP C 383 -4.38 5.58 -27.98
CA ASP C 383 -5.17 5.94 -29.15
C ASP C 383 -4.72 5.10 -30.33
N GLU C 384 -5.70 4.61 -31.07
CA GLU C 384 -5.48 3.72 -32.20
C GLU C 384 -4.48 4.26 -33.20
N GLU C 385 -4.66 5.51 -33.62
CA GLU C 385 -3.84 6.12 -34.66
C GLU C 385 -2.38 6.25 -34.20
N ASP C 386 -2.20 6.38 -32.89
CA ASP C 386 -0.87 6.51 -32.35
C ASP C 386 -0.18 5.14 -32.42
N LEU C 387 -0.94 4.10 -32.11
CA LEU C 387 -0.40 2.74 -32.13
C LEU C 387 -0.04 2.31 -33.56
N LEU C 388 -0.90 2.65 -34.52
CA LEU C 388 -0.65 2.27 -35.92
C LEU C 388 0.54 3.02 -36.51
N GLU C 389 0.68 4.29 -36.14
CA GLU C 389 1.78 5.12 -36.63
C GLU C 389 3.12 4.62 -36.09
N ASP C 390 3.13 4.17 -34.84
CA ASP C 390 4.34 3.61 -34.24
C ASP C 390 4.80 2.34 -34.97
N LEU C 391 3.87 1.41 -35.19
CA LEU C 391 4.17 0.19 -35.95
C LEU C 391 4.61 0.51 -37.38
N ASP C 392 3.95 1.48 -38.00
CA ASP C 392 4.28 1.88 -39.37
C ASP C 392 5.73 2.35 -39.48
N GLN C 393 6.13 3.29 -38.64
CA GLN C 393 7.45 3.91 -38.76
C GLN C 393 8.53 2.91 -38.38
N ALA C 394 8.19 1.97 -37.49
CA ALA C 394 9.17 1.01 -36.98
C ALA C 394 9.41 -0.07 -38.03
N LEU C 395 8.36 -0.46 -38.74
CA LEU C 395 8.51 -1.39 -39.86
C LEU C 395 9.34 -0.76 -40.97
N LYS C 396 9.08 0.52 -41.29
CA LYS C 396 9.86 1.24 -42.30
C LYS C 396 11.33 1.35 -41.87
N ALA C 397 11.56 1.54 -40.58
CA ALA C 397 12.91 1.63 -40.04
C ALA C 397 13.69 0.32 -40.28
N ALA C 398 12.99 -0.79 -40.15
CA ALA C 398 13.61 -2.11 -40.32
C ALA C 398 13.77 -2.46 -41.81
N HIS C 399 12.98 -1.79 -42.65
CA HIS C 399 13.02 -2.01 -44.10
C HIS C 399 13.10 -0.68 -44.87
N PRO C 400 14.25 0.02 -44.77
CA PRO C 400 14.44 1.30 -45.44
C PRO C 400 14.36 1.22 -46.96
N GLY D 11 26.48 -15.94 30.26
CA GLY D 11 27.36 -16.69 29.37
C GLY D 11 26.83 -16.97 27.98
N PHE D 12 25.88 -16.17 27.49
CA PHE D 12 25.40 -16.30 26.11
C PHE D 12 26.51 -15.91 25.15
N LEU D 13 26.38 -16.32 23.89
CA LEU D 13 27.24 -15.81 22.81
C LEU D 13 27.20 -14.30 22.75
N PRO D 14 28.37 -13.65 22.55
CA PRO D 14 28.35 -12.18 22.38
C PRO D 14 27.51 -11.79 21.18
N HIS D 15 26.89 -10.61 21.23
CA HIS D 15 26.02 -10.17 20.16
C HIS D 15 26.79 -9.98 18.85
N PHE D 16 26.15 -10.27 17.72
CA PHE D 16 26.80 -10.18 16.42
C PHE D 16 27.14 -8.72 16.08
N GLN D 17 28.39 -8.46 15.71
CA GLN D 17 28.82 -7.08 15.50
C GLN D 17 28.13 -6.46 14.28
N HIS D 18 27.82 -5.16 14.38
CA HIS D 18 27.29 -4.37 13.26
C HIS D 18 25.89 -4.79 12.79
N PHE D 19 25.21 -5.66 13.54
CA PHE D 19 23.88 -6.17 13.17
C PHE D 19 22.89 -5.02 12.91
N ALA D 20 22.75 -4.14 13.89
CA ALA D 20 21.82 -3.01 13.77
C ALA D 20 22.20 -2.12 12.58
N THR D 21 23.47 -1.79 12.48
CA THR D 21 23.96 -0.98 11.38
C THR D 21 23.62 -1.65 10.04
N GLN D 22 23.85 -2.95 9.94
CA GLN D 22 23.48 -3.66 8.72
C GLN D 22 21.96 -3.74 8.49
N ALA D 23 21.20 -3.95 9.58
CA ALA D 23 19.74 -4.08 9.47
C ALA D 23 19.11 -2.86 8.84
N ILE D 24 19.73 -1.70 9.10
CA ILE D 24 19.15 -0.43 8.73
C ILE D 24 19.65 0.01 7.35
N HIS D 25 20.83 -0.46 6.95
CA HIS D 25 21.46 0.09 5.76
C HIS D 25 21.72 -0.89 4.60
N VAL D 26 21.94 -2.17 4.86
CA VAL D 26 22.24 -3.09 3.76
C VAL D 26 21.04 -3.22 2.81
N GLY D 27 21.34 -3.09 1.52
CA GLY D 27 20.31 -3.07 0.51
C GLY D 27 19.64 -1.72 0.35
N GLN D 28 19.90 -0.79 1.27
CA GLN D 28 19.15 0.49 1.33
C GLN D 28 19.92 1.70 0.78
N ASP D 29 21.07 1.46 0.15
CA ASP D 29 21.90 2.52 -0.46
C ASP D 29 21.09 3.45 -1.39
N PRO D 30 21.07 4.76 -1.08
CA PRO D 30 20.34 5.74 -1.90
C PRO D 30 20.83 5.82 -3.36
N GLU D 31 22.10 5.49 -3.61
CA GLU D 31 22.66 5.61 -4.96
C GLU D 31 22.02 4.62 -5.95
N GLN D 32 21.19 3.71 -5.45
CA GLN D 32 20.43 2.77 -6.30
C GLN D 32 19.34 3.48 -7.10
N TRP D 33 18.86 4.62 -6.59
CA TRP D 33 17.71 5.32 -7.15
C TRP D 33 18.12 6.68 -7.72
N THR D 34 17.48 7.08 -8.80
CA THR D 34 17.80 8.35 -9.44
C THR D 34 17.51 9.51 -8.48
N SER D 35 16.47 9.35 -7.65
CA SER D 35 16.09 10.33 -6.62
C SER D 35 17.02 10.41 -5.39
N ARG D 36 17.84 9.38 -5.20
CA ARG D 36 18.65 9.23 -3.99
C ARG D 36 17.80 9.15 -2.72
N ALA D 37 16.62 8.57 -2.84
CA ALA D 37 15.76 8.26 -1.70
C ALA D 37 16.50 7.47 -0.62
N VAL D 38 16.33 7.90 0.62
CA VAL D 38 16.91 7.23 1.77
C VAL D 38 16.20 5.89 2.05
N VAL D 39 14.91 5.83 1.73
CA VAL D 39 14.16 4.58 1.83
C VAL D 39 13.85 4.04 0.42
N PRO D 40 14.22 2.78 0.13
CA PRO D 40 13.94 2.21 -1.21
C PRO D 40 12.47 2.33 -1.62
N PRO D 41 12.20 2.81 -2.84
CA PRO D 41 10.82 2.85 -3.34
C PRO D 41 10.22 1.46 -3.47
N ILE D 42 8.89 1.39 -3.46
CA ILE D 42 8.17 0.15 -3.71
C ILE D 42 7.91 0.05 -5.21
N SER D 43 8.64 -0.82 -5.89
CA SER D 43 8.42 -0.98 -7.32
C SER D 43 7.42 -2.11 -7.60
N LEU D 44 6.18 -1.76 -7.93
CA LEU D 44 5.14 -2.76 -8.22
C LEU D 44 5.20 -3.30 -9.65
N SER D 45 5.94 -2.61 -10.51
CA SER D 45 5.91 -2.91 -11.93
C SER D 45 6.19 -4.38 -12.25
N THR D 46 5.30 -5.00 -13.02
CA THR D 46 5.50 -6.39 -13.40
C THR D 46 6.63 -6.51 -14.41
N THR D 47 6.83 -5.47 -15.20
CA THR D 47 7.76 -5.57 -16.32
C THR D 47 8.63 -4.32 -16.47
N PHE D 48 9.69 -4.45 -17.26
CA PHE D 48 10.73 -3.44 -17.35
C PHE D 48 11.16 -3.26 -18.80
N LYS D 49 11.36 -2.03 -19.23
CA LYS D 49 11.86 -1.76 -20.58
C LYS D 49 13.25 -2.35 -20.82
N GLN D 50 13.42 -3.02 -21.97
CA GLN D 50 14.70 -3.56 -22.38
C GLN D 50 15.19 -2.81 -23.61
N GLY D 51 16.51 -2.66 -23.74
CA GLY D 51 17.07 -1.88 -24.84
C GLY D 51 17.26 -2.73 -26.08
N ALA D 52 17.32 -4.04 -25.87
CA ALA D 52 17.44 -5.01 -26.96
C ALA D 52 16.86 -6.35 -26.53
N PRO D 53 16.34 -7.14 -27.49
CA PRO D 53 15.90 -8.47 -27.09
C PRO D 53 17.07 -9.33 -26.62
N GLY D 54 16.94 -10.01 -25.49
CA GLY D 54 17.90 -11.01 -25.11
C GLY D 54 19.16 -10.49 -24.46
N GLN D 55 19.22 -9.18 -24.17
CA GLN D 55 20.26 -8.73 -23.31
C GLN D 55 19.85 -8.96 -21.87
N HIS D 56 20.87 -9.15 -21.07
CA HIS D 56 20.87 -9.71 -19.74
C HIS D 56 21.47 -8.65 -18.81
N SER D 57 20.90 -7.46 -18.99
CA SER D 57 21.32 -6.23 -18.34
C SER D 57 20.13 -5.59 -17.68
N GLY D 58 19.91 -5.93 -16.43
CA GLY D 58 18.83 -5.32 -15.66
C GLY D 58 17.65 -6.23 -15.44
N PHE D 59 16.62 -5.69 -14.79
CA PHE D 59 15.40 -6.44 -14.49
C PHE D 59 14.57 -6.72 -15.75
N GLU D 60 13.78 -7.78 -15.69
CA GLU D 60 13.02 -8.24 -16.84
C GLU D 60 11.56 -8.50 -16.48
N TYR D 61 11.34 -9.15 -15.34
CA TYR D 61 10.01 -9.55 -14.93
C TYR D 61 9.99 -9.74 -13.41
N SER D 62 9.02 -9.09 -12.78
CA SER D 62 8.93 -9.02 -11.32
C SER D 62 9.10 -10.37 -10.60
N ARG D 63 8.48 -11.43 -11.13
CA ARG D 63 8.58 -12.76 -10.52
C ARG D 63 10.04 -13.20 -10.46
N SER D 64 10.80 -12.88 -11.50
CA SER D 64 12.18 -13.30 -11.64
C SER D 64 13.13 -12.50 -10.76
N GLY D 65 12.85 -11.21 -10.63
CA GLY D 65 13.61 -10.31 -9.78
C GLY D 65 12.96 -8.94 -9.84
N ASN D 66 12.99 -8.19 -8.74
CA ASN D 66 12.48 -6.83 -8.75
C ASN D 66 13.17 -6.03 -7.64
N PRO D 67 13.32 -4.70 -7.82
CA PRO D 67 14.15 -3.90 -6.91
C PRO D 67 13.82 -4.07 -5.41
N THR D 68 12.55 -3.96 -5.04
CA THR D 68 12.16 -3.94 -3.62
C THR D 68 12.43 -5.30 -2.96
N ARG D 69 12.11 -6.38 -3.66
CA ARG D 69 12.46 -7.71 -3.17
C ARG D 69 13.96 -7.89 -3.05
N ASN D 70 14.67 -7.41 -4.06
CA ASN D 70 16.11 -7.58 -4.12
C ASN D 70 16.81 -6.89 -2.95
N CYS D 71 16.33 -5.71 -2.60
CA CYS D 71 16.87 -4.97 -1.45
C CYS D 71 16.61 -5.75 -0.15
N LEU D 72 15.41 -6.31 -0.01
CA LEU D 72 15.06 -7.05 1.20
C LEU D 72 15.95 -8.30 1.32
N GLU D 73 16.14 -9.00 0.20
CA GLU D 73 16.97 -10.19 0.16
C GLU D 73 18.43 -9.89 0.56
N LYS D 74 18.98 -8.77 0.06
CA LYS D 74 20.32 -8.33 0.48
C LYS D 74 20.42 -8.10 1.99
N ALA D 75 19.44 -7.39 2.54
CA ALA D 75 19.41 -7.08 3.98
C ALA D 75 19.34 -8.36 4.80
N VAL D 76 18.41 -9.24 4.45
CA VAL D 76 18.27 -10.48 5.22
C VAL D 76 19.53 -11.35 5.15
N ALA D 77 20.12 -11.46 3.97
CA ALA D 77 21.37 -12.21 3.78
C ALA D 77 22.44 -11.73 4.75
N ALA D 78 22.62 -10.41 4.82
CA ALA D 78 23.62 -9.82 5.70
C ALA D 78 23.33 -10.15 7.17
N LEU D 79 22.07 -10.11 7.57
CA LEU D 79 21.73 -10.41 8.96
C LEU D 79 22.01 -11.87 9.33
N ASP D 80 21.94 -12.73 8.32
CA ASP D 80 22.18 -14.16 8.48
C ASP D 80 23.67 -14.52 8.32
N GLY D 81 24.49 -13.52 8.05
CA GLY D 81 25.87 -13.74 7.65
C GLY D 81 25.96 -14.57 6.36
N ALA D 82 24.97 -14.40 5.48
CA ALA D 82 24.85 -15.19 4.25
C ALA D 82 25.30 -14.42 3.02
N LYS D 83 25.72 -15.14 1.98
CA LYS D 83 25.99 -14.50 0.69
C LYS D 83 24.70 -14.12 -0.04
N TYR D 84 23.65 -14.95 0.12
CA TYR D 84 22.41 -14.80 -0.65
C TYR D 84 21.17 -15.03 0.19
N CYS D 85 20.05 -14.50 -0.28
CA CYS D 85 18.77 -14.81 0.34
C CYS D 85 17.67 -14.75 -0.71
N LEU D 86 16.65 -15.59 -0.52
CA LEU D 86 15.50 -15.62 -1.43
C LEU D 86 14.21 -15.46 -0.64
N ALA D 87 13.37 -14.51 -1.06
CA ALA D 87 12.08 -14.27 -0.41
C ALA D 87 10.94 -15.05 -1.05
N PHE D 88 10.03 -15.53 -0.20
CA PHE D 88 8.91 -16.33 -0.69
C PHE D 88 7.59 -15.82 -0.16
N ALA D 89 6.51 -16.41 -0.69
CA ALA D 89 5.16 -15.94 -0.41
C ALA D 89 4.70 -16.30 1.01
N SER D 90 5.41 -17.24 1.65
CA SER D 90 5.14 -17.67 3.03
C SER D 90 6.26 -18.57 3.52
N GLY D 91 6.28 -18.84 4.82
CA GLY D 91 7.19 -19.84 5.37
C GLY D 91 6.97 -21.21 4.75
N LEU D 92 5.72 -21.64 4.65
CA LEU D 92 5.45 -22.93 4.06
C LEU D 92 5.91 -22.99 2.59
N ALA D 93 5.76 -21.88 1.86
CA ALA D 93 6.11 -21.87 0.44
C ALA D 93 7.63 -21.93 0.27
N ALA D 94 8.34 -21.35 1.23
CA ALA D 94 9.79 -21.51 1.29
C ALA D 94 10.13 -22.99 1.47
N THR D 95 9.40 -23.65 2.36
CA THR D 95 9.60 -25.06 2.63
C THR D 95 9.39 -25.90 1.38
N VAL D 96 8.27 -25.63 0.70
CA VAL D 96 7.89 -26.30 -0.55
C VAL D 96 8.97 -26.14 -1.60
N THR D 97 9.43 -24.90 -1.75
CA THR D 97 10.47 -24.57 -2.73
C THR D 97 11.77 -25.34 -2.44
N ILE D 98 12.19 -25.35 -1.18
CA ILE D 98 13.40 -26.07 -0.78
C ILE D 98 13.23 -27.56 -1.09
N THR D 99 12.05 -28.11 -0.81
CA THR D 99 11.77 -29.51 -1.05
C THR D 99 11.91 -29.83 -2.53
N HIS D 100 11.65 -28.85 -3.40
CA HIS D 100 11.75 -29.10 -4.84
C HIS D 100 13.17 -29.19 -5.34
N LEU D 101 14.14 -28.91 -4.46
CA LEU D 101 15.55 -29.20 -4.74
C LEU D 101 15.81 -30.69 -4.95
N LEU D 102 14.89 -31.53 -4.50
CA LEU D 102 15.15 -32.95 -4.48
C LEU D 102 14.54 -33.60 -5.72
N LYS D 103 14.48 -34.93 -5.71
CA LYS D 103 13.90 -35.68 -6.81
C LYS D 103 13.27 -36.95 -6.23
N ALA D 104 12.33 -37.53 -6.98
CA ALA D 104 11.77 -38.85 -6.63
C ALA D 104 12.87 -39.85 -6.27
N GLY D 105 12.64 -40.66 -5.22
CA GLY D 105 13.63 -41.58 -4.73
C GLY D 105 14.38 -41.04 -3.52
N ASP D 106 14.36 -39.72 -3.35
CA ASP D 106 15.09 -39.07 -2.25
C ASP D 106 14.38 -39.21 -0.89
N GLN D 107 15.17 -39.09 0.18
CA GLN D 107 14.64 -39.17 1.53
C GLN D 107 14.86 -37.85 2.30
N ILE D 108 13.83 -37.45 3.03
CA ILE D 108 13.89 -36.30 3.92
C ILE D 108 13.82 -36.76 5.37
N ILE D 109 14.77 -36.29 6.18
CA ILE D 109 14.65 -36.41 7.63
C ILE D 109 14.16 -35.07 8.21
N CYS D 110 13.07 -35.12 8.99
CA CYS D 110 12.52 -33.91 9.60
C CYS D 110 12.50 -34.04 11.13
N MET D 111 12.88 -32.95 11.81
CA MET D 111 12.82 -32.90 13.26
C MET D 111 11.42 -33.34 13.70
N ASP D 112 11.33 -34.16 14.76
CA ASP D 112 10.06 -34.80 15.07
C ASP D 112 9.03 -33.80 15.60
N ASP D 113 9.49 -32.76 16.29
CA ASP D 113 8.63 -31.65 16.72
C ASP D 113 8.87 -30.46 15.79
N VAL D 114 7.90 -30.15 14.93
CA VAL D 114 7.97 -28.93 14.10
C VAL D 114 6.59 -28.29 13.95
N TYR D 115 6.55 -27.10 13.36
CA TYR D 115 5.26 -26.50 13.02
C TYR D 115 4.34 -27.51 12.34
N GLY D 116 3.09 -27.57 12.82
CA GLY D 116 2.08 -28.49 12.33
C GLY D 116 1.98 -28.53 10.81
N GLY D 117 1.94 -27.35 10.19
CA GLY D 117 1.86 -27.28 8.74
C GLY D 117 3.07 -27.85 8.01
N THR D 118 4.24 -27.75 8.63
CA THR D 118 5.46 -28.33 8.06
C THR D 118 5.35 -29.85 8.08
N ASN D 119 4.94 -30.36 9.23
CA ASN D 119 4.69 -31.77 9.43
C ASN D 119 3.67 -32.26 8.40
N ARG D 120 2.55 -31.55 8.29
CA ARG D 120 1.52 -31.86 7.30
C ARG D 120 2.06 -31.87 5.85
N TYR D 121 2.86 -30.86 5.52
CA TYR D 121 3.37 -30.76 4.16
C TYR D 121 4.17 -32.01 3.78
N PHE D 122 5.18 -32.32 4.58
CA PHE D 122 6.04 -33.48 4.33
C PHE D 122 5.21 -34.76 4.33
N ARG D 123 4.40 -34.93 5.36
CA ARG D 123 3.68 -36.18 5.59
C ARG D 123 2.60 -36.48 4.55
N GLN D 124 1.75 -35.49 4.26
CA GLN D 124 0.60 -35.70 3.38
C GLN D 124 0.74 -35.19 1.95
N VAL D 125 1.78 -34.40 1.66
CA VAL D 125 1.91 -33.88 0.31
C VAL D 125 3.19 -34.33 -0.37
N ALA D 126 4.31 -33.96 0.19
CA ALA D 126 5.60 -34.24 -0.42
C ALA D 126 5.76 -35.74 -0.61
N SER D 127 5.30 -36.50 0.39
CA SER D 127 5.41 -37.94 0.37
C SER D 127 4.63 -38.58 -0.79
N GLU D 128 3.69 -37.84 -1.37
CA GLU D 128 2.89 -38.41 -2.45
C GLU D 128 3.70 -38.44 -3.75
N PHE D 129 4.85 -37.78 -3.76
CA PHE D 129 5.59 -37.60 -5.00
C PHE D 129 6.98 -38.24 -4.99
N GLY D 130 7.05 -39.46 -4.48
CA GLY D 130 8.28 -40.23 -4.50
C GLY D 130 9.33 -39.81 -3.48
N LEU D 131 8.91 -39.02 -2.49
CA LEU D 131 9.80 -38.63 -1.40
C LEU D 131 9.48 -39.44 -0.16
N LYS D 132 10.50 -39.98 0.48
CA LYS D 132 10.29 -40.68 1.75
C LYS D 132 10.56 -39.71 2.91
N ILE D 133 9.67 -39.68 3.89
CA ILE D 133 9.81 -38.78 5.04
C ILE D 133 10.04 -39.54 6.34
N SER D 134 11.13 -39.23 7.04
CA SER D 134 11.36 -39.78 8.37
C SER D 134 11.40 -38.68 9.43
N PHE D 135 10.52 -38.78 10.42
CA PHE D 135 10.54 -37.86 11.55
C PHE D 135 11.47 -38.41 12.65
N VAL D 136 12.51 -37.64 12.97
CA VAL D 136 13.53 -38.10 13.89
C VAL D 136 13.79 -37.05 14.97
N ASP D 137 13.95 -37.50 16.22
CA ASP D 137 14.34 -36.59 17.28
C ASP D 137 15.83 -36.26 17.14
N CYS D 138 16.10 -35.18 16.42
CA CYS D 138 17.46 -34.75 16.15
C CYS D 138 18.08 -34.05 17.37
N SER D 139 17.29 -33.84 18.42
CA SER D 139 17.81 -33.24 19.64
C SER D 139 18.73 -34.25 20.33
N LYS D 140 18.71 -35.48 19.82
CA LYS D 140 19.63 -36.53 20.24
C LYS D 140 20.45 -36.90 19.02
N ILE D 141 21.64 -36.30 18.92
CA ILE D 141 22.45 -36.33 17.69
C ILE D 141 22.69 -37.74 17.17
N LYS D 142 22.80 -38.70 18.07
CA LYS D 142 23.07 -40.06 17.64
C LYS D 142 21.84 -40.70 16.97
N LEU D 143 20.65 -40.22 17.29
CA LEU D 143 19.44 -40.73 16.61
C LEU D 143 19.41 -40.25 15.16
N LEU D 144 19.82 -38.99 14.97
CA LEU D 144 20.00 -38.43 13.64
C LEU D 144 21.00 -39.26 12.83
N GLU D 145 22.16 -39.49 13.43
CA GLU D 145 23.22 -40.29 12.81
C GLU D 145 22.67 -41.64 12.34
N ALA D 146 22.03 -42.34 13.26
CA ALA D 146 21.42 -43.64 12.97
C ALA D 146 20.35 -43.64 11.89
N ALA D 147 19.74 -42.49 11.63
CA ALA D 147 18.64 -42.41 10.65
C ALA D 147 19.08 -42.06 9.22
N ILE D 148 20.31 -41.59 9.05
CA ILE D 148 20.78 -41.17 7.74
C ILE D 148 20.95 -42.38 6.82
N THR D 149 20.48 -42.26 5.59
CA THR D 149 20.61 -43.35 4.60
C THR D 149 21.28 -42.81 3.35
N PRO D 150 21.73 -43.72 2.45
CA PRO D 150 22.22 -43.23 1.16
C PRO D 150 21.20 -42.40 0.40
N GLU D 151 19.91 -42.55 0.70
CA GLU D 151 18.86 -41.77 0.02
C GLU D 151 18.61 -40.40 0.65
N THR D 152 19.12 -40.16 1.86
CA THR D 152 18.91 -38.89 2.55
C THR D 152 19.54 -37.73 1.78
N LYS D 153 18.74 -36.72 1.44
CA LYS D 153 19.28 -35.56 0.75
C LYS D 153 19.01 -34.28 1.53
N LEU D 154 18.05 -34.34 2.46
CA LEU D 154 17.61 -33.13 3.16
C LEU D 154 17.33 -33.42 4.62
N VAL D 155 17.90 -32.60 5.51
CA VAL D 155 17.54 -32.69 6.92
C VAL D 155 16.93 -31.36 7.36
N TRP D 156 15.70 -31.44 7.86
CA TRP D 156 14.93 -30.25 8.19
C TRP D 156 14.79 -30.13 9.68
N ILE D 157 15.39 -29.11 10.28
CA ILE D 157 15.19 -28.95 11.72
C ILE D 157 14.74 -27.54 12.10
N GLU D 158 13.94 -27.49 13.17
CA GLU D 158 13.71 -26.26 13.92
C GLU D 158 14.48 -26.32 15.24
N THR D 159 14.96 -25.16 15.69
CA THR D 159 15.51 -25.06 17.04
C THR D 159 15.44 -23.61 17.52
N PRO D 160 14.67 -23.35 18.60
CA PRO D 160 13.87 -24.33 19.33
C PRO D 160 12.65 -24.77 18.54
N THR D 161 12.22 -26.00 18.79
CA THR D 161 11.09 -26.55 18.05
C THR D 161 9.75 -25.92 18.43
N ASN D 162 8.85 -25.89 17.46
CA ASN D 162 7.50 -25.41 17.63
C ASN D 162 6.53 -26.59 17.82
N PRO D 163 5.91 -26.72 19.02
CA PRO D 163 5.88 -25.78 20.14
C PRO D 163 6.59 -26.21 21.45
N THR D 164 7.17 -27.41 21.50
CA THR D 164 7.73 -27.90 22.76
C THR D 164 9.12 -27.35 23.03
N GLN D 165 9.65 -26.60 22.07
CA GLN D 165 10.94 -25.91 22.21
C GLN D 165 12.10 -26.83 22.61
N LYS D 166 12.19 -27.99 21.98
CA LYS D 166 13.39 -28.80 22.10
C LYS D 166 14.52 -28.05 21.42
N VAL D 167 15.72 -28.09 21.99
CA VAL D 167 16.84 -27.42 21.34
C VAL D 167 17.80 -28.45 20.76
N ILE D 168 18.28 -28.15 19.55
CA ILE D 168 19.12 -29.04 18.78
C ILE D 168 20.50 -28.43 18.66
N ASP D 169 21.54 -29.24 18.85
CA ASP D 169 22.91 -28.78 18.67
C ASP D 169 23.19 -28.64 17.19
N ILE D 170 23.10 -27.41 16.68
CA ILE D 170 23.19 -27.18 15.24
C ILE D 170 24.56 -27.58 14.68
N GLU D 171 25.63 -27.14 15.33
CA GLU D 171 26.97 -27.51 14.86
C GLU D 171 27.18 -29.01 14.92
N GLY D 172 26.68 -29.66 15.96
CA GLY D 172 26.83 -31.09 16.11
C GLY D 172 26.07 -31.81 15.01
N CYS D 173 24.90 -31.29 14.67
CA CYS D 173 24.10 -31.87 13.62
C CYS D 173 24.77 -31.65 12.27
N ALA D 174 25.26 -30.44 12.05
CA ALA D 174 25.99 -30.11 10.83
C ALA D 174 27.11 -31.10 10.59
N HIS D 175 27.90 -31.30 11.63
CA HIS D 175 29.08 -32.16 11.52
C HIS D 175 28.68 -33.57 11.10
N ILE D 176 27.64 -34.10 11.75
CA ILE D 176 27.16 -35.45 11.46
C ILE D 176 26.57 -35.55 10.05
N VAL D 177 25.78 -34.54 9.69
CA VAL D 177 25.06 -34.53 8.42
C VAL D 177 26.00 -34.41 7.23
N HIS D 178 27.07 -33.62 7.40
CA HIS D 178 27.98 -33.35 6.30
C HIS D 178 29.12 -34.35 6.21
N LYS D 179 29.17 -35.31 7.13
CA LYS D 179 30.28 -36.25 7.15
C LYS D 179 30.30 -37.00 5.84
N HIS D 180 29.17 -37.58 5.46
CA HIS D 180 29.13 -38.37 4.24
C HIS D 180 28.02 -37.94 3.29
N GLY D 181 28.36 -37.91 1.99
CA GLY D 181 27.41 -37.64 0.94
C GLY D 181 27.15 -36.17 0.70
N ASP D 182 26.05 -35.89 0.02
CA ASP D 182 25.66 -34.51 -0.25
C ASP D 182 24.27 -34.28 0.35
N ILE D 183 24.26 -33.86 1.62
CA ILE D 183 23.02 -33.66 2.34
C ILE D 183 22.90 -32.22 2.78
N ILE D 184 21.74 -31.64 2.50
CA ILE D 184 21.42 -30.27 2.86
C ILE D 184 20.86 -30.20 4.28
N LEU D 185 21.49 -29.40 5.14
CA LEU D 185 20.93 -29.15 6.46
C LEU D 185 20.25 -27.78 6.50
N VAL D 186 18.94 -27.81 6.73
CA VAL D 186 18.18 -26.59 6.90
C VAL D 186 17.86 -26.36 8.37
N VAL D 187 18.10 -25.14 8.85
CA VAL D 187 17.56 -24.75 10.15
C VAL D 187 16.49 -23.68 9.96
N ASP D 188 15.26 -24.04 10.29
CA ASP D 188 14.17 -23.07 10.37
C ASP D 188 14.42 -22.24 11.62
N ASN D 189 14.81 -20.98 11.43
CA ASN D 189 15.24 -20.08 12.51
C ASN D 189 14.15 -19.09 12.91
N THR D 190 12.90 -19.45 12.65
CA THR D 190 11.75 -18.62 12.90
C THR D 190 11.64 -18.17 14.36
N PHE D 191 11.77 -19.10 15.30
CA PHE D 191 11.60 -18.76 16.72
C PHE D 191 12.71 -17.84 17.26
N MET D 192 13.91 -17.85 16.69
CA MET D 192 15.05 -17.11 17.27
C MET D 192 15.39 -15.77 16.60
N SER D 193 15.15 -15.70 15.28
CA SER D 193 15.59 -14.60 14.43
C SER D 193 17.11 -14.56 14.34
N PRO D 194 17.66 -13.97 13.27
CA PRO D 194 19.11 -13.95 13.17
C PRO D 194 19.76 -13.04 14.22
N TYR D 195 18.97 -12.28 14.96
CA TYR D 195 19.54 -11.46 16.02
C TYR D 195 20.11 -12.35 17.13
N PHE D 196 19.50 -13.50 17.31
CA PHE D 196 19.83 -14.34 18.45
C PHE D 196 20.53 -15.65 18.06
N GLN D 197 20.36 -16.06 16.81
CA GLN D 197 20.93 -17.32 16.34
C GLN D 197 21.27 -17.27 14.86
N ARG D 198 22.47 -17.68 14.50
CA ARG D 198 22.93 -17.67 13.10
C ARG D 198 23.34 -19.05 12.63
N PRO D 199 22.37 -19.83 12.14
CA PRO D 199 22.63 -21.22 11.76
C PRO D 199 23.72 -21.42 10.72
N LEU D 200 23.88 -20.48 9.77
CA LEU D 200 24.94 -20.64 8.76
C LEU D 200 26.30 -20.58 9.43
N ALA D 201 26.42 -19.78 10.48
CA ALA D 201 27.67 -19.65 11.20
C ALA D 201 27.98 -20.95 11.96
N LEU D 202 26.92 -21.69 12.25
CA LEU D 202 27.04 -22.92 13.03
C LEU D 202 27.16 -24.17 12.16
N GLY D 203 27.08 -24.02 10.85
CA GLY D 203 27.24 -25.14 9.94
C GLY D 203 26.08 -25.51 9.03
N ALA D 204 24.88 -25.00 9.32
CA ALA D 204 23.74 -25.30 8.44
C ALA D 204 24.03 -24.84 7.00
N ASP D 205 23.37 -25.45 6.02
CA ASP D 205 23.49 -24.98 4.64
C ASP D 205 22.46 -23.90 4.32
N ILE D 206 21.34 -23.93 5.04
CA ILE D 206 20.26 -22.97 4.83
C ILE D 206 19.75 -22.44 6.17
N SER D 207 19.59 -21.12 6.25
CA SER D 207 18.86 -20.50 7.34
C SER D 207 17.49 -20.02 6.81
N MET D 208 16.41 -20.61 7.32
CA MET D 208 15.07 -20.39 6.78
C MET D 208 14.16 -19.73 7.80
N TYR D 209 13.22 -18.90 7.32
CA TYR D 209 12.24 -18.23 8.19
C TYR D 209 10.82 -18.30 7.69
N SER D 210 9.89 -18.44 8.62
CA SER D 210 8.60 -17.80 8.44
C SER D 210 8.84 -16.34 8.81
N ALA D 211 9.04 -15.51 7.80
CA ALA D 211 9.24 -14.08 8.03
C ALA D 211 7.96 -13.45 8.58
N THR D 212 6.87 -14.19 8.42
CA THR D 212 5.59 -13.85 9.01
C THR D 212 5.70 -13.53 10.50
N LYS D 213 6.69 -14.09 11.18
CA LYS D 213 6.77 -13.96 12.64
C LYS D 213 7.70 -12.81 13.08
N TYR D 214 8.80 -13.09 13.77
CA TYR D 214 9.72 -12.01 14.22
C TYR D 214 10.35 -11.14 13.13
N MET D 215 10.74 -11.74 12.00
CA MET D 215 11.46 -10.99 10.97
C MET D 215 10.69 -9.72 10.57
N ASN D 216 9.44 -9.89 10.14
CA ASN D 216 8.56 -8.75 9.91
C ASN D 216 8.10 -8.12 11.23
N GLY D 217 7.70 -8.97 12.17
CA GLY D 217 7.40 -8.54 13.52
C GLY D 217 6.13 -7.74 13.74
N HIS D 218 5.36 -7.50 12.68
CA HIS D 218 4.21 -6.60 12.82
C HIS D 218 2.87 -7.23 12.46
N SER D 219 2.85 -8.57 12.41
CA SER D 219 1.62 -9.33 12.21
C SER D 219 0.81 -8.87 11.02
N ASP D 220 1.47 -8.45 9.95
CA ASP D 220 0.72 -7.91 8.81
C ASP D 220 1.32 -8.33 7.46
N VAL D 221 2.28 -9.25 7.51
CA VAL D 221 2.91 -9.79 6.31
C VAL D 221 3.07 -11.30 6.44
N VAL D 222 2.54 -12.04 5.47
CA VAL D 222 2.81 -13.47 5.37
C VAL D 222 3.97 -13.67 4.40
N MET D 223 5.08 -14.22 4.87
CA MET D 223 6.27 -14.33 4.02
C MET D 223 7.30 -15.35 4.52
N GLY D 224 8.06 -15.92 3.59
CA GLY D 224 9.16 -16.80 3.92
C GLY D 224 10.49 -16.26 3.42
N LEU D 225 11.56 -16.66 4.08
CA LEU D 225 12.91 -16.25 3.73
C LEU D 225 13.86 -17.45 3.77
N VAL D 226 14.82 -17.46 2.85
CA VAL D 226 15.77 -18.56 2.74
C VAL D 226 17.16 -17.99 2.47
N SER D 227 18.06 -18.10 3.46
CA SER D 227 19.43 -17.59 3.33
C SER D 227 20.42 -18.73 3.12
N VAL D 228 21.41 -18.51 2.24
CA VAL D 228 22.33 -19.57 1.83
C VAL D 228 23.70 -19.02 1.34
N ASN D 229 24.76 -19.81 1.53
CA ASN D 229 26.11 -19.45 1.11
C ASN D 229 26.58 -20.22 -0.13
N CYS D 230 26.21 -21.49 -0.21
CA CYS D 230 26.76 -22.37 -1.24
C CYS D 230 26.28 -21.97 -2.63
N GLU D 231 27.24 -21.69 -3.51
CA GLU D 231 26.97 -21.18 -4.85
C GLU D 231 26.00 -22.07 -5.63
N SER D 232 26.29 -23.36 -5.70
CA SER D 232 25.43 -24.27 -6.43
C SER D 232 24.03 -24.36 -5.83
N LEU D 233 23.96 -24.38 -4.50
CA LEU D 233 22.69 -24.49 -3.80
C LEU D 233 21.82 -23.26 -4.06
N HIS D 234 22.45 -22.09 -4.06
CA HIS D 234 21.75 -20.85 -4.36
C HIS D 234 21.16 -20.85 -5.77
N ASN D 235 21.95 -21.24 -6.76
CA ASN D 235 21.51 -21.23 -8.16
C ASN D 235 20.29 -22.12 -8.33
N ARG D 236 20.35 -23.31 -7.73
CA ARG D 236 19.22 -24.22 -7.74
C ARG D 236 17.97 -23.60 -7.10
N LEU D 237 18.13 -22.97 -5.94
CA LEU D 237 17.03 -22.30 -5.28
C LEU D 237 16.46 -21.13 -6.09
N ARG D 238 17.35 -20.34 -6.67
CA ARG D 238 16.91 -19.17 -7.44
C ARG D 238 16.10 -19.60 -8.64
N PHE D 239 16.53 -20.69 -9.29
CA PHE D 239 15.81 -21.27 -10.42
C PHE D 239 14.38 -21.62 -10.03
N LEU D 240 14.20 -22.15 -8.82
CA LEU D 240 12.87 -22.59 -8.34
C LEU D 240 12.01 -21.42 -7.85
N GLN D 241 12.64 -20.38 -7.31
CA GLN D 241 11.92 -19.16 -6.96
C GLN D 241 11.20 -18.62 -8.20
N ASN D 242 11.95 -18.47 -9.28
CA ASN D 242 11.42 -18.05 -10.55
C ASN D 242 10.42 -19.05 -11.14
N SER D 243 10.73 -20.35 -11.05
CA SER D 243 10.03 -21.38 -11.82
C SER D 243 8.74 -21.88 -11.20
N LEU D 244 8.71 -21.92 -9.87
CA LEU D 244 7.53 -22.29 -9.11
C LEU D 244 6.67 -21.04 -8.81
N GLY D 245 7.33 -19.87 -8.77
CA GLY D 245 6.64 -18.60 -8.68
C GLY D 245 5.97 -18.32 -7.36
N ALA D 246 6.41 -19.00 -6.29
CA ALA D 246 5.80 -18.77 -4.99
C ALA D 246 6.42 -17.52 -4.38
N VAL D 247 6.15 -16.36 -5.00
CA VAL D 247 6.92 -15.15 -4.68
C VAL D 247 6.08 -14.13 -3.90
N PRO D 248 6.75 -13.27 -3.12
CA PRO D 248 6.02 -12.29 -2.30
C PRO D 248 5.75 -11.00 -3.06
N SER D 249 4.66 -10.32 -2.73
CA SER D 249 4.41 -9.01 -3.28
C SER D 249 5.55 -8.08 -2.92
N PRO D 250 5.95 -7.22 -3.86
CA PRO D 250 6.94 -6.18 -3.60
C PRO D 250 6.56 -5.25 -2.44
N ILE D 251 5.27 -5.03 -2.21
CA ILE D 251 4.83 -4.19 -1.08
C ILE D 251 5.11 -4.90 0.23
N ASP D 252 4.83 -6.21 0.26
CA ASP D 252 5.11 -7.04 1.42
C ASP D 252 6.60 -7.07 1.70
N CYS D 253 7.40 -7.11 0.63
CA CYS D 253 8.84 -7.03 0.76
C CYS D 253 9.20 -5.72 1.45
N TYR D 254 8.59 -4.62 1.02
CA TYR D 254 8.82 -3.31 1.62
C TYR D 254 8.48 -3.31 3.12
N LEU D 255 7.30 -3.83 3.45
CA LEU D 255 6.84 -3.88 4.83
C LEU D 255 7.76 -4.72 5.71
N CYS D 256 8.23 -5.85 5.16
CA CYS D 256 9.12 -6.72 5.91
C CYS D 256 10.47 -6.04 6.11
N ASN D 257 11.00 -5.42 5.06
CA ASN D 257 12.22 -4.66 5.21
C ASN D 257 12.07 -3.61 6.30
N ARG D 258 10.97 -2.87 6.25
CA ARG D 258 10.68 -1.84 7.23
C ARG D 258 10.66 -2.44 8.63
N GLY D 259 10.04 -3.60 8.73
CA GLY D 259 10.00 -4.35 9.97
C GLY D 259 11.40 -4.70 10.45
N LEU D 260 12.27 -5.07 9.52
CA LEU D 260 13.65 -5.41 9.84
C LEU D 260 14.42 -4.29 10.52
N LYS D 261 14.06 -3.03 10.24
CA LYS D 261 14.85 -1.90 10.75
C LYS D 261 14.76 -1.79 12.27
N THR D 262 13.75 -2.44 12.87
CA THR D 262 13.66 -2.42 14.33
C THR D 262 13.84 -3.79 14.94
N LEU D 263 14.34 -4.75 14.17
CA LEU D 263 14.44 -6.14 14.65
C LEU D 263 15.23 -6.23 15.95
N HIS D 264 16.37 -5.54 16.01
CA HIS D 264 17.24 -5.62 17.19
C HIS D 264 16.57 -5.07 18.46
N VAL D 265 15.92 -3.91 18.37
CA VAL D 265 15.27 -3.35 19.56
C VAL D 265 13.98 -4.08 19.91
N ARG D 266 13.32 -4.70 18.92
CA ARG D 266 12.14 -5.51 19.19
C ARG D 266 12.55 -6.81 19.89
N MET D 267 13.58 -7.46 19.36
CA MET D 267 14.02 -8.73 19.92
C MET D 267 14.54 -8.59 21.35
N GLU D 268 15.26 -7.51 21.66
CA GLU D 268 15.74 -7.32 23.03
C GLU D 268 14.57 -7.19 24.01
N LYS D 269 13.52 -6.47 23.61
CA LYS D 269 12.34 -6.35 24.45
C LYS D 269 11.52 -7.65 24.53
N HIS D 270 11.46 -8.42 23.44
CA HIS D 270 10.89 -9.79 23.51
C HIS D 270 11.62 -10.65 24.53
N PHE D 271 12.95 -10.54 24.56
CA PHE D 271 13.79 -11.29 25.50
C PHE D 271 13.43 -10.93 26.95
N LYS D 272 13.43 -9.64 27.25
CA LYS D 272 13.16 -9.16 28.60
C LYS D 272 11.77 -9.59 29.07
N ASN D 273 10.77 -9.34 28.23
CA ASN D 273 9.39 -9.68 28.56
C ASN D 273 9.20 -11.19 28.67
N GLY D 274 9.78 -11.94 27.72
CA GLY D 274 9.67 -13.39 27.73
C GLY D 274 10.32 -14.01 28.97
N MET D 275 11.50 -13.53 29.33
CA MET D 275 12.15 -13.98 30.55
C MET D 275 11.27 -13.71 31.78
N ALA D 276 10.72 -12.50 31.84
CA ALA D 276 9.83 -12.12 32.93
C ALA D 276 8.60 -13.02 33.01
N VAL D 277 8.00 -13.33 31.86
CA VAL D 277 6.83 -14.18 31.83
C VAL D 277 7.19 -15.59 32.26
N ALA D 278 8.29 -16.11 31.73
CA ALA D 278 8.75 -17.46 32.06
C ALA D 278 9.00 -17.64 33.57
N GLN D 279 9.72 -16.69 34.17
CA GLN D 279 9.98 -16.72 35.60
C GLN D 279 8.68 -16.61 36.39
N PHE D 280 7.77 -15.75 35.93
CA PHE D 280 6.49 -15.60 36.62
C PHE D 280 5.72 -16.92 36.64
N LEU D 281 5.63 -17.59 35.48
CA LEU D 281 4.89 -18.84 35.38
C LEU D 281 5.53 -19.93 36.22
N GLU D 282 6.86 -19.95 36.27
CA GLU D 282 7.55 -21.01 37.00
C GLU D 282 7.33 -20.89 38.52
N SER D 283 7.00 -19.70 39.00
CA SER D 283 6.75 -19.59 40.43
C SER D 283 5.26 -19.61 40.70
N ASN D 284 4.47 -19.91 39.66
CA ASN D 284 3.02 -19.93 39.81
C ASN D 284 2.45 -21.31 40.20
N PRO D 285 1.61 -21.34 41.25
CA PRO D 285 1.10 -22.61 41.76
C PRO D 285 0.11 -23.31 40.82
N TRP D 286 -0.32 -22.61 39.77
CA TRP D 286 -1.30 -23.18 38.85
C TRP D 286 -0.63 -23.54 37.53
N VAL D 287 0.70 -23.47 37.52
CA VAL D 287 1.51 -23.90 36.39
C VAL D 287 2.28 -25.18 36.73
N GLU D 288 2.08 -26.22 35.91
CA GLU D 288 2.72 -27.50 36.18
C GLU D 288 4.20 -27.50 35.78
N LYS D 289 4.50 -26.93 34.63
CA LYS D 289 5.86 -26.94 34.07
C LYS D 289 6.02 -25.80 33.06
N VAL D 290 7.20 -25.19 33.01
CA VAL D 290 7.48 -24.12 32.04
C VAL D 290 8.64 -24.54 31.14
N ILE D 291 8.54 -24.25 29.84
CA ILE D 291 9.64 -24.54 28.94
C ILE D 291 10.11 -23.27 28.28
N TYR D 292 11.28 -22.80 28.69
CA TYR D 292 11.80 -21.54 28.18
C TYR D 292 13.32 -21.57 28.15
N PRO D 293 13.90 -21.54 26.92
CA PRO D 293 15.34 -21.66 26.65
C PRO D 293 16.23 -20.80 27.54
N GLY D 294 15.68 -19.70 28.04
CA GLY D 294 16.45 -18.74 28.82
C GLY D 294 16.42 -19.02 30.31
N LEU D 295 15.64 -20.02 30.72
CA LEU D 295 15.64 -20.47 32.10
C LEU D 295 16.57 -21.64 32.27
N PRO D 296 17.30 -21.70 33.40
CA PRO D 296 18.12 -22.85 33.78
C PRO D 296 17.32 -24.16 33.84
N SER D 297 16.02 -24.06 34.07
CA SER D 297 15.18 -25.25 34.11
C SER D 297 15.02 -25.90 32.73
N HIS D 298 15.26 -25.14 31.66
CA HIS D 298 15.21 -25.75 30.33
C HIS D 298 16.34 -26.77 30.23
N PRO D 299 16.01 -27.99 29.80
CA PRO D 299 17.04 -29.05 29.81
C PRO D 299 18.23 -28.79 28.86
N GLN D 300 18.05 -27.95 27.84
CA GLN D 300 19.19 -27.60 26.98
C GLN D 300 19.64 -26.15 27.15
N HIS D 301 19.36 -25.57 28.30
CA HIS D 301 19.70 -24.18 28.58
C HIS D 301 21.18 -23.85 28.33
N GLU D 302 22.09 -24.75 28.69
CA GLU D 302 23.52 -24.46 28.53
C GLU D 302 23.89 -24.47 27.05
N LEU D 303 23.32 -25.41 26.30
CA LEU D 303 23.49 -25.44 24.86
C LEU D 303 22.93 -24.18 24.21
N VAL D 304 21.78 -23.70 24.71
CA VAL D 304 21.19 -22.45 24.23
C VAL D 304 22.21 -21.31 24.34
N LYS D 305 22.81 -21.13 25.53
CA LYS D 305 23.81 -20.09 25.70
C LYS D 305 25.03 -20.28 24.78
N ARG D 306 25.36 -21.54 24.46
CA ARG D 306 26.50 -21.83 23.60
C ARG D 306 26.28 -21.42 22.12
N GLN D 307 25.04 -21.50 21.62
CA GLN D 307 24.82 -21.27 20.20
C GLN D 307 23.93 -20.05 19.91
N CYS D 308 23.58 -19.32 20.97
CA CYS D 308 22.63 -18.20 20.87
C CYS D 308 23.12 -16.97 21.64
N THR D 309 22.67 -15.79 21.21
CA THR D 309 23.09 -14.55 21.87
C THR D 309 22.05 -14.07 22.89
N GLY D 310 20.91 -14.76 22.93
CA GLY D 310 19.80 -14.42 23.80
C GLY D 310 18.58 -15.26 23.43
N CYS D 311 17.43 -14.97 24.03
CA CYS D 311 16.22 -15.75 23.79
C CYS D 311 15.04 -14.86 23.41
N THR D 312 13.96 -15.45 22.91
CA THR D 312 12.90 -14.64 22.33
C THR D 312 11.65 -14.61 23.21
N GLY D 313 10.51 -14.21 22.64
CA GLY D 313 9.28 -14.04 23.39
C GLY D 313 8.46 -15.31 23.52
N MET D 314 8.91 -16.41 22.93
CA MET D 314 8.13 -17.65 22.95
C MET D 314 8.28 -18.40 24.26
N VAL D 315 7.15 -18.60 24.93
CA VAL D 315 7.15 -19.32 26.19
C VAL D 315 6.08 -20.38 26.15
N THR D 316 6.48 -21.61 26.44
CA THR D 316 5.57 -22.74 26.48
C THR D 316 5.41 -23.18 27.94
N PHE D 317 4.21 -23.58 28.32
CA PHE D 317 4.02 -24.08 29.66
C PHE D 317 2.84 -25.04 29.72
N TYR D 318 2.87 -25.92 30.71
CA TYR D 318 1.76 -26.81 30.99
C TYR D 318 0.94 -26.24 32.14
N ILE D 319 -0.35 -26.05 31.93
CA ILE D 319 -1.21 -25.53 33.00
C ILE D 319 -1.67 -26.71 33.84
N LYS D 320 -1.89 -26.48 35.14
CA LYS D 320 -2.41 -27.55 36.00
C LYS D 320 -3.86 -27.84 35.65
N GLY D 321 -4.26 -29.10 35.78
CA GLY D 321 -5.64 -29.47 35.53
C GLY D 321 -5.79 -30.14 34.18
N THR D 322 -6.87 -29.83 33.47
CA THR D 322 -7.19 -30.54 32.26
C THR D 322 -7.49 -29.54 31.14
N LEU D 323 -7.98 -30.04 30.02
CA LEU D 323 -8.33 -29.20 28.89
C LEU D 323 -9.29 -28.07 29.29
N GLN D 324 -10.21 -28.36 30.21
CA GLN D 324 -11.19 -27.36 30.60
C GLN D 324 -10.51 -26.18 31.30
N HIS D 325 -9.52 -26.45 32.14
CA HIS D 325 -8.77 -25.39 32.79
C HIS D 325 -8.00 -24.58 31.75
N ALA D 326 -7.45 -25.29 30.77
CA ALA D 326 -6.70 -24.64 29.71
C ALA D 326 -7.60 -23.67 28.95
N GLU D 327 -8.83 -24.09 28.69
CA GLU D 327 -9.81 -23.28 27.98
C GLU D 327 -10.27 -22.08 28.78
N ILE D 328 -10.49 -22.26 30.08
CA ILE D 328 -10.91 -21.16 30.93
C ILE D 328 -9.79 -20.11 31.04
N PHE D 329 -8.55 -20.55 31.21
CA PHE D 329 -7.39 -19.66 31.22
C PHE D 329 -7.32 -18.80 29.95
N LEU D 330 -7.39 -19.47 28.80
CA LEU D 330 -7.28 -18.76 27.52
C LEU D 330 -8.42 -17.76 27.33
N LYS D 331 -9.62 -18.12 27.76
CA LYS D 331 -10.79 -17.27 27.53
C LYS D 331 -10.84 -16.11 28.50
N ASN D 332 -10.03 -16.15 29.55
CA ASN D 332 -10.04 -15.08 30.55
C ASN D 332 -8.94 -14.06 30.32
N LEU D 333 -8.06 -14.34 29.38
CA LEU D 333 -7.00 -13.40 29.07
C LEU D 333 -7.62 -12.12 28.51
N LYS D 334 -7.14 -10.97 28.98
CA LYS D 334 -7.70 -9.68 28.60
C LYS D 334 -6.71 -8.82 27.81
N LEU D 335 -5.44 -9.20 27.84
CA LEU D 335 -4.40 -8.46 27.13
C LEU D 335 -3.74 -9.35 26.09
N PHE D 336 -3.33 -10.56 26.49
CA PHE D 336 -2.99 -11.57 25.49
C PHE D 336 -4.20 -11.81 24.62
N THR D 337 -3.98 -12.06 23.34
CA THR D 337 -5.09 -12.41 22.45
C THR D 337 -5.09 -13.91 22.12
N LEU D 338 -6.23 -14.56 22.25
CA LEU D 338 -6.34 -15.95 21.83
C LEU D 338 -6.34 -15.97 20.30
N ALA D 339 -5.22 -16.40 19.72
CA ALA D 339 -5.04 -16.36 18.27
C ALA D 339 -3.82 -17.16 17.87
N GLU D 340 -3.79 -17.58 16.62
CA GLU D 340 -2.64 -18.33 16.12
C GLU D 340 -1.57 -17.32 15.68
N SER D 341 -0.42 -17.84 15.24
CA SER D 341 0.78 -17.08 14.85
C SER D 341 1.60 -16.62 16.07
N LEU D 342 2.65 -15.85 15.81
CA LEU D 342 3.64 -15.54 16.83
C LEU D 342 4.56 -14.47 16.29
N GLY D 343 5.38 -13.90 17.17
CA GLY D 343 6.46 -13.03 16.75
C GLY D 343 6.07 -11.60 16.45
N GLY D 344 4.84 -11.24 16.78
CA GLY D 344 4.38 -9.86 16.62
C GLY D 344 4.60 -9.00 17.86
N PHE D 345 4.36 -7.69 17.72
CA PHE D 345 4.48 -6.74 18.84
C PHE D 345 3.43 -7.03 19.89
N GLU D 346 2.31 -7.61 19.46
CA GLU D 346 1.21 -7.95 20.36
C GLU D 346 1.30 -9.38 20.93
N SER D 347 0.91 -9.53 22.20
CA SER D 347 1.04 -10.81 22.88
C SER D 347 -0.07 -11.77 22.47
N LEU D 348 0.31 -12.98 22.10
CA LEU D 348 -0.66 -13.99 21.68
C LEU D 348 -0.58 -15.24 22.54
N ALA D 349 -1.66 -15.99 22.55
CA ALA D 349 -1.76 -17.19 23.36
C ALA D 349 -2.56 -18.24 22.58
N GLU D 350 -2.07 -19.47 22.63
CA GLU D 350 -2.67 -20.56 21.86
C GLU D 350 -2.61 -21.91 22.59
N LEU D 351 -3.53 -22.80 22.20
CA LEU D 351 -3.49 -24.20 22.61
C LEU D 351 -3.15 -25.09 21.41
N PRO D 352 -1.85 -25.37 21.20
CA PRO D 352 -1.35 -25.98 19.95
C PRO D 352 -2.05 -27.28 19.54
N ALA D 353 -2.35 -28.16 20.50
CA ALA D 353 -2.98 -29.45 20.19
C ALA D 353 -4.33 -29.30 19.47
N ILE D 354 -5.01 -28.20 19.73
CA ILE D 354 -6.33 -27.96 19.18
C ILE D 354 -6.27 -26.90 18.06
N MET D 355 -5.14 -26.22 17.97
CA MET D 355 -5.05 -25.10 17.04
C MET D 355 -3.94 -25.30 16.01
N THR D 356 -2.75 -24.73 16.21
CA THR D 356 -1.72 -24.81 15.17
C THR D 356 -1.17 -26.22 14.91
N HIS D 357 -1.39 -27.14 15.84
CA HIS D 357 -0.82 -28.45 15.72
C HIS D 357 -1.91 -29.52 15.75
N ALA D 358 -3.13 -29.11 15.42
CA ALA D 358 -4.19 -30.09 15.19
C ALA D 358 -3.85 -31.00 14.02
N SER D 359 -3.01 -30.50 13.11
CA SER D 359 -2.64 -31.24 11.90
C SER D 359 -1.52 -32.26 12.15
N VAL D 360 -1.08 -32.38 13.40
CA VAL D 360 -0.12 -33.38 13.80
C VAL D 360 -0.89 -34.58 14.31
N LEU D 361 -0.54 -35.78 13.86
CA LEU D 361 -1.21 -37.01 14.31
C LEU D 361 -1.26 -37.10 15.84
N LYS D 362 -2.34 -37.68 16.35
CA LYS D 362 -2.55 -37.83 17.80
C LYS D 362 -1.35 -38.52 18.44
N ASN D 363 -0.95 -39.66 17.89
CA ASN D 363 0.15 -40.41 18.48
C ASN D 363 1.45 -39.60 18.57
N ASP D 364 1.79 -38.87 17.51
CA ASP D 364 2.94 -37.98 17.52
C ASP D 364 2.81 -36.86 18.56
N ARG D 365 1.61 -36.27 18.65
CA ARG D 365 1.34 -35.26 19.68
C ARG D 365 1.62 -35.82 21.07
N ASP D 366 1.11 -37.02 21.35
CA ASP D 366 1.30 -37.67 22.64
C ASP D 366 2.77 -37.97 22.92
N VAL D 367 3.47 -38.54 21.95
CA VAL D 367 4.89 -38.82 22.10
C VAL D 367 5.66 -37.53 22.36
N LEU D 368 5.28 -36.46 21.65
CA LEU D 368 5.99 -35.19 21.77
C LEU D 368 5.59 -34.44 23.02
N GLY D 369 4.46 -34.83 23.62
CA GLY D 369 3.94 -34.13 24.79
C GLY D 369 3.14 -32.88 24.45
N ILE D 370 2.57 -32.83 23.26
CA ILE D 370 1.69 -31.74 22.89
C ILE D 370 0.29 -32.13 23.37
N SER D 371 0.10 -31.97 24.67
CA SER D 371 -1.11 -32.45 25.33
C SER D 371 -2.20 -31.38 25.32
N ASP D 372 -3.34 -31.70 25.94
CA ASP D 372 -4.44 -30.76 26.03
C ASP D 372 -4.15 -29.61 26.99
N THR D 373 -3.06 -29.69 27.75
CA THR D 373 -2.76 -28.65 28.72
C THR D 373 -1.47 -27.87 28.42
N LEU D 374 -0.86 -28.16 27.27
CA LEU D 374 0.27 -27.38 26.76
C LEU D 374 -0.21 -26.09 26.11
N ILE D 375 0.26 -24.96 26.61
CA ILE D 375 -0.14 -23.67 26.09
C ILE D 375 1.11 -22.99 25.56
N ARG D 376 0.96 -22.29 24.45
CA ARG D 376 2.08 -21.58 23.85
C ARG D 376 1.85 -20.09 23.88
N LEU D 377 2.80 -19.35 24.46
CA LEU D 377 2.73 -17.89 24.48
C LEU D 377 3.73 -17.27 23.53
N SER D 378 3.28 -16.24 22.82
CA SER D 378 4.17 -15.36 22.10
C SER D 378 4.10 -14.02 22.80
N VAL D 379 5.07 -13.76 23.67
CA VAL D 379 5.05 -12.58 24.51
C VAL D 379 5.47 -11.39 23.68
N GLY D 380 4.62 -10.35 23.66
CA GLY D 380 4.89 -9.21 22.82
C GLY D 380 5.69 -8.12 23.50
N LEU D 381 5.46 -6.89 23.06
CA LEU D 381 6.27 -5.75 23.48
C LEU D 381 5.52 -4.81 24.46
N GLU D 382 4.38 -5.26 24.98
CA GLU D 382 3.62 -4.46 25.94
C GLU D 382 4.41 -4.27 27.23
N ASP D 383 3.88 -3.47 28.14
CA ASP D 383 4.51 -3.30 29.45
C ASP D 383 4.48 -4.61 30.22
N GLU D 384 5.64 -4.97 30.75
CA GLU D 384 5.80 -6.24 31.46
C GLU D 384 4.75 -6.48 32.55
N GLU D 385 4.47 -5.44 33.32
CA GLU D 385 3.56 -5.55 34.46
C GLU D 385 2.14 -5.90 34.03
N ASP D 386 1.72 -5.31 32.92
CA ASP D 386 0.42 -5.58 32.34
C ASP D 386 0.33 -7.03 31.87
N LEU D 387 1.40 -7.53 31.25
CA LEU D 387 1.41 -8.93 30.80
C LEU D 387 1.34 -9.88 31.99
N LEU D 388 2.09 -9.60 33.05
CA LEU D 388 2.08 -10.48 34.23
C LEU D 388 0.74 -10.42 34.94
N GLU D 389 0.15 -9.24 35.03
CA GLU D 389 -1.16 -9.12 35.65
C GLU D 389 -2.19 -9.97 34.87
N ASP D 390 -2.10 -9.94 33.55
CA ASP D 390 -3.08 -10.66 32.74
C ASP D 390 -2.99 -12.17 32.95
N LEU D 391 -1.77 -12.68 33.00
CA LEU D 391 -1.55 -14.09 33.23
C LEU D 391 -1.98 -14.49 34.64
N ASP D 392 -1.60 -13.68 35.62
CA ASP D 392 -2.00 -13.94 37.00
C ASP D 392 -3.51 -14.13 37.14
N GLN D 393 -4.31 -13.17 36.65
CA GLN D 393 -5.76 -13.25 36.83
C GLN D 393 -6.41 -14.38 36.03
N ALA D 394 -5.90 -14.64 34.82
CA ALA D 394 -6.48 -15.70 33.98
C ALA D 394 -6.25 -17.07 34.61
N LEU D 395 -5.10 -17.26 35.23
CA LEU D 395 -4.76 -18.51 35.91
C LEU D 395 -5.60 -18.71 37.16
N LYS D 396 -5.86 -17.63 37.89
CA LYS D 396 -6.72 -17.70 39.06
C LYS D 396 -8.14 -17.99 38.62
N ALA D 397 -8.56 -17.35 37.54
CA ALA D 397 -9.89 -17.55 36.99
C ALA D 397 -10.07 -19.05 36.70
N ALA D 398 -9.00 -19.68 36.23
CA ALA D 398 -9.03 -21.08 35.82
C ALA D 398 -9.06 -22.06 36.98
N HIS D 399 -8.49 -21.69 38.12
CA HIS D 399 -8.54 -22.56 39.29
C HIS D 399 -9.21 -21.86 40.47
N PRO D 400 -10.54 -21.76 40.44
CA PRO D 400 -11.29 -20.96 41.40
C PRO D 400 -11.53 -21.67 42.73
#